data_3IP1
#
_entry.id   3IP1
#
_cell.length_a   81.365
_cell.length_b   131.555
_cell.length_c   161.559
_cell.angle_alpha   90.000
_cell.angle_beta   90.000
_cell.angle_gamma   90.000
#
_symmetry.space_group_name_H-M   'P 21 21 21'
#
loop_
_entity.id
_entity.type
_entity.pdbx_description
1 polymer 'Alcohol dehydrogenase, zinc-containing'
2 non-polymer 'CADMIUM ION'
3 non-polymer 'CHLORIDE ION'
4 non-polymer GLYCEROL
5 water water
#
_entity_poly.entity_id   1
_entity_poly.type   'polypeptide(L)'
_entity_poly.pdbx_seq_one_letter_code
;(MSE)SLRAVRLHAKWDPRPEFKLGPKDIEGKLTWLGSKVWRYPEVRVEEVPEPRIEKPTEIIIKVKACGICGSDVH
(MSE)AQTDEEGYILYPGLTGFPVTLGHEFSGVVVEAGPEAINRRTNKRFEIGEPVCAEE(MSE)LWCGHCRPCAEGFPN
HCENLNELGFNVDGAFAEYVKVDAKYAWSLRELEGVYEGDRLFLAGSLVEPTSVAYNAVIVRGGGIRPGDNVVILGGGPI
GLAAVAILKHAGASKVILSEPSEVRRNLAKELGADHVIDPTKENFVEAVLDYTNGLGAKLFLEATGVPQLVWPQIEEVIW
RARGINATVAIVARADAKIPLTGEVFQVRRAQIVGSQGHSGHGTFPRVISL(MSE)ASG(MSE)D(MSE)TKIISKTVS
(MSE)EEIPEYIKRLQTDKSLVKVT(MSE)LNEGHHHHHH
;
_entity_poly.pdbx_strand_id   A,B,C,D
#
loop_
_chem_comp.id
_chem_comp.type
_chem_comp.name
_chem_comp.formula
CD non-polymer 'CADMIUM ION' 'Cd 2'
CL non-polymer 'CHLORIDE ION' 'Cl -1'
GOL non-polymer GLYCEROL 'C3 H8 O3'
#
# COMPACT_ATOMS: atom_id res chain seq x y z
N SER A 2 -27.15 -37.39 -28.17
CA SER A 2 -27.53 -36.72 -26.90
C SER A 2 -26.28 -36.43 -26.06
N LEU A 3 -26.27 -35.25 -25.45
CA LEU A 3 -25.19 -34.81 -24.59
C LEU A 3 -25.24 -35.48 -23.21
N ARG A 4 -24.05 -35.62 -22.62
CA ARG A 4 -23.90 -36.25 -21.31
C ARG A 4 -23.01 -35.39 -20.41
N ALA A 5 -23.20 -35.53 -19.10
CA ALA A 5 -22.49 -34.76 -18.09
C ALA A 5 -22.48 -35.54 -16.77
N VAL A 6 -21.49 -35.25 -15.94
CA VAL A 6 -21.34 -35.84 -14.60
C VAL A 6 -22.15 -35.00 -13.59
N ARG A 7 -23.24 -35.58 -13.08
CA ARG A 7 -24.15 -34.86 -12.17
C ARG A 7 -24.24 -35.50 -10.79
N LEU A 8 -24.37 -34.64 -9.77
CA LEU A 8 -24.54 -35.10 -8.39
C LEU A 8 -25.99 -34.92 -7.95
N HIS A 9 -26.60 -36.00 -7.47
CA HIS A 9 -27.92 -35.95 -6.89
C HIS A 9 -27.80 -36.24 -5.40
N ALA A 10 -28.61 -35.58 -4.59
CA ALA A 10 -28.63 -35.86 -3.16
C ALA A 10 -30.02 -35.62 -2.63
N LYS A 11 -30.28 -36.12 -1.42
CA LYS A 11 -31.54 -35.90 -0.70
C LYS A 11 -31.50 -34.62 0.17
N TRP A 12 -32.53 -33.78 0.06
CA TRP A 12 -32.70 -32.68 0.99
C TRP A 12 -33.23 -33.24 2.33
N ASP A 13 -32.34 -33.42 3.29
CA ASP A 13 -32.72 -34.11 4.54
C ASP A 13 -31.92 -33.56 5.73
N PRO A 14 -32.24 -32.34 6.17
CA PRO A 14 -31.35 -31.58 7.06
C PRO A 14 -31.22 -32.12 8.47
N ARG A 15 -30.02 -31.95 9.03
CA ARG A 15 -29.75 -32.20 10.44
C ARG A 15 -30.72 -31.40 11.29
N PRO A 16 -31.04 -31.90 12.49
CA PRO A 16 -32.05 -31.28 13.39
C PRO A 16 -31.74 -29.82 13.70
N GLU A 17 -30.46 -29.48 13.90
CA GLU A 17 -30.07 -28.09 14.16
C GLU A 17 -30.35 -27.11 13.02
N PHE A 18 -30.48 -27.61 11.79
CA PHE A 18 -30.53 -26.71 10.63
C PHE A 18 -31.79 -25.86 10.62
N LYS A 19 -31.61 -24.58 10.39
CA LYS A 19 -32.73 -23.71 10.00
C LYS A 19 -32.42 -23.13 8.62
N LEU A 20 -33.46 -23.06 7.77
CA LEU A 20 -33.34 -22.52 6.41
C LEU A 20 -32.72 -21.13 6.45
N GLY A 21 -31.57 -20.99 5.78
CA GLY A 21 -30.86 -19.71 5.70
C GLY A 21 -31.65 -18.65 4.95
N PRO A 22 -31.29 -17.36 5.16
CA PRO A 22 -32.01 -16.28 4.46
C PRO A 22 -31.93 -16.35 2.93
N LYS A 23 -30.87 -16.95 2.39
CA LYS A 23 -30.71 -17.09 0.94
C LYS A 23 -30.93 -18.52 0.45
N ASP A 24 -31.32 -19.41 1.35
CA ASP A 24 -31.55 -20.81 0.98
C ASP A 24 -32.88 -21.00 0.26
N ILE A 25 -32.97 -22.02 -0.58
CA ILE A 25 -34.26 -22.40 -1.18
C ILE A 25 -34.58 -23.83 -0.81
N GLU A 26 -35.67 -23.97 -0.05
CA GLU A 26 -36.11 -25.23 0.49
C GLU A 26 -36.18 -26.32 -0.58
N GLY A 27 -35.40 -27.39 -0.41
CA GLY A 27 -35.41 -28.52 -1.37
C GLY A 27 -34.43 -28.38 -2.53
N LYS A 28 -33.83 -27.20 -2.66
CA LYS A 28 -33.04 -26.86 -3.84
C LYS A 28 -31.65 -26.32 -3.60
N LEU A 29 -31.50 -25.44 -2.61
CA LEU A 29 -30.27 -24.67 -2.44
C LEU A 29 -30.00 -24.33 -0.98
N THR A 30 -28.77 -24.56 -0.55
CA THR A 30 -28.36 -24.11 0.77
C THR A 30 -26.95 -23.56 0.77
N TRP A 31 -26.69 -22.61 1.71
CA TRP A 31 -25.34 -22.14 1.98
C TRP A 31 -24.58 -23.07 2.92
N LEU A 32 -25.30 -24.03 3.53
CA LEU A 32 -24.72 -25.01 4.46
C LEU A 32 -24.85 -26.49 4.03
N GLY A 33 -24.11 -26.84 2.98
CA GLY A 33 -24.20 -28.18 2.38
C GLY A 33 -24.29 -29.34 3.35
N SER A 34 -23.31 -29.43 4.24
CA SER A 34 -23.16 -30.61 5.07
C SER A 34 -24.25 -30.72 6.14
N LYS A 35 -25.02 -29.66 6.34
CA LYS A 35 -26.13 -29.65 7.28
C LYS A 35 -27.44 -30.09 6.62
N VAL A 36 -27.41 -30.29 5.29
CA VAL A 36 -28.64 -30.43 4.52
C VAL A 36 -28.67 -31.65 3.59
N TRP A 37 -27.67 -31.75 2.72
CA TRP A 37 -27.64 -32.76 1.70
C TRP A 37 -27.14 -34.10 2.20
N ARG A 38 -27.88 -35.15 1.86
CA ARG A 38 -27.63 -36.50 2.37
C ARG A 38 -27.64 -37.53 1.22
N TYR A 39 -26.84 -38.58 1.34
CA TYR A 39 -26.76 -39.70 0.38
C TYR A 39 -26.44 -39.24 -1.04
N PRO A 40 -25.33 -38.50 -1.23
CA PRO A 40 -25.07 -38.00 -2.57
C PRO A 40 -24.72 -39.12 -3.52
N GLU A 41 -25.04 -38.95 -4.80
CA GLU A 41 -24.66 -39.94 -5.79
C GLU A 41 -24.27 -39.24 -7.08
N VAL A 42 -23.15 -39.64 -7.64
CA VAL A 42 -22.62 -38.98 -8.83
C VAL A 42 -22.76 -39.92 -10.01
N ARG A 43 -23.46 -39.46 -11.05
CA ARG A 43 -23.66 -40.30 -12.23
C ARG A 43 -23.55 -39.52 -13.53
N VAL A 44 -23.03 -40.18 -14.56
CA VAL A 44 -23.11 -39.66 -15.92
C VAL A 44 -24.55 -39.79 -16.37
N GLU A 45 -25.17 -38.68 -16.75
CA GLU A 45 -26.55 -38.73 -17.22
C GLU A 45 -26.73 -37.81 -18.45
N GLU A 46 -27.79 -38.07 -19.20
CA GLU A 46 -28.09 -37.22 -20.36
C GLU A 46 -28.53 -35.85 -19.91
N VAL A 47 -28.09 -34.83 -20.65
CA VAL A 47 -28.45 -33.44 -20.38
C VAL A 47 -29.02 -32.75 -21.62
N PRO A 48 -29.90 -31.76 -21.42
CA PRO A 48 -30.34 -30.96 -22.58
C PRO A 48 -29.20 -30.15 -23.19
N GLU A 49 -29.36 -29.77 -24.45
CA GLU A 49 -28.36 -28.96 -25.15
C GLU A 49 -28.28 -27.58 -24.52
N PRO A 50 -27.06 -27.04 -24.38
CA PRO A 50 -26.94 -25.71 -23.78
C PRO A 50 -27.54 -24.64 -24.69
N ARG A 51 -27.95 -23.52 -24.09
CA ARG A 51 -28.59 -22.45 -24.84
C ARG A 51 -28.05 -21.10 -24.43
N ILE A 52 -27.80 -20.25 -25.43
CA ILE A 52 -27.55 -18.85 -25.22
C ILE A 52 -28.88 -18.19 -24.90
N GLU A 53 -29.02 -17.69 -23.69
CA GLU A 53 -30.27 -17.11 -23.24
C GLU A 53 -30.13 -15.62 -22.94
N LYS A 54 -28.90 -15.20 -22.71
CA LYS A 54 -28.57 -13.80 -22.54
C LYS A 54 -27.51 -13.47 -23.57
N PRO A 55 -27.52 -12.23 -24.09
CA PRO A 55 -26.64 -11.94 -25.22
C PRO A 55 -25.13 -11.93 -24.86
N THR A 56 -24.82 -12.05 -23.57
CA THR A 56 -23.43 -12.03 -23.07
C THR A 56 -22.85 -13.43 -22.84
N GLU A 57 -23.65 -14.46 -23.08
CA GLU A 57 -23.24 -15.83 -22.82
C GLU A 57 -22.46 -16.46 -23.96
N ILE A 58 -21.63 -17.44 -23.60
CA ILE A 58 -20.93 -18.31 -24.56
C ILE A 58 -21.12 -19.75 -24.13
N ILE A 59 -20.94 -20.65 -25.09
CA ILE A 59 -20.94 -22.07 -24.87
C ILE A 59 -19.54 -22.53 -25.23
N ILE A 60 -18.96 -23.33 -24.35
CA ILE A 60 -17.61 -23.83 -24.49
C ILE A 60 -17.65 -25.36 -24.65
N LYS A 61 -16.91 -25.88 -25.61
CA LYS A 61 -16.72 -27.31 -25.73
C LYS A 61 -15.58 -27.65 -24.79
N VAL A 62 -15.88 -28.41 -23.73
CA VAL A 62 -14.87 -28.69 -22.70
C VAL A 62 -13.75 -29.58 -23.24
N LYS A 63 -12.51 -29.19 -22.95
CA LYS A 63 -11.39 -30.05 -23.26
C LYS A 63 -10.84 -30.75 -22.02
N ALA A 64 -10.77 -30.04 -20.90
CA ALA A 64 -10.23 -30.65 -19.69
C ALA A 64 -10.91 -30.08 -18.47
N CYS A 65 -11.02 -30.89 -17.41
CA CYS A 65 -11.61 -30.45 -16.14
C CYS A 65 -10.99 -31.21 -14.97
N GLY A 66 -10.41 -30.45 -14.04
CA GLY A 66 -9.79 -31.05 -12.85
C GLY A 66 -10.80 -31.39 -11.78
N ILE A 67 -10.59 -32.52 -11.14
CA ILE A 67 -11.36 -32.86 -9.93
C ILE A 67 -10.74 -32.10 -8.77
N CYS A 68 -11.53 -31.27 -8.11
CA CYS A 68 -11.13 -30.53 -6.91
C CYS A 68 -11.41 -31.39 -5.68
N GLY A 69 -10.69 -31.14 -4.60
CA GLY A 69 -11.02 -31.73 -3.29
C GLY A 69 -12.45 -31.47 -2.84
N SER A 70 -13.01 -30.30 -3.20
CA SER A 70 -14.42 -29.98 -2.93
CA SER A 70 -14.41 -29.99 -2.91
C SER A 70 -15.37 -30.92 -3.67
N ASP A 71 -14.98 -31.35 -4.87
CA ASP A 71 -15.79 -32.36 -5.60
C ASP A 71 -15.86 -33.67 -4.84
N VAL A 72 -14.68 -34.13 -4.38
CA VAL A 72 -14.55 -35.30 -3.54
C VAL A 72 -15.45 -35.17 -2.30
N HIS A 73 -15.41 -34.00 -1.67
CA HIS A 73 -16.13 -33.78 -0.43
C HIS A 73 -17.64 -33.60 -0.58
N MSE A 74 -18.07 -33.15 -1.76
CA MSE A 74 -19.51 -33.13 -2.06
C MSE A 74 -20.11 -34.53 -2.21
O MSE A 74 -21.29 -34.72 -1.90
CB MSE A 74 -19.81 -32.26 -3.29
CG MSE A 74 -19.95 -30.76 -2.98
SE MSE A 74 -20.41 -29.73 -4.58
CE MSE A 74 -18.66 -29.80 -5.45
N ALA A 75 -19.31 -35.51 -2.66
CA ALA A 75 -19.81 -36.87 -2.89
C ALA A 75 -19.42 -37.85 -1.78
N GLN A 76 -18.70 -37.36 -0.78
CA GLN A 76 -18.27 -38.17 0.36
C GLN A 76 -19.18 -37.82 1.52
N THR A 77 -19.46 -38.79 2.38
CA THR A 77 -20.36 -38.53 3.52
C THR A 77 -19.76 -38.87 4.88
N ASP A 78 -20.32 -38.28 5.93
CA ASP A 78 -20.02 -38.74 7.28
C ASP A 78 -20.80 -40.02 7.57
N GLU A 79 -20.70 -40.51 8.79
CA GLU A 79 -21.38 -41.75 9.20
C GLU A 79 -22.91 -41.73 9.03
N GLU A 80 -23.50 -40.55 9.04
CA GLU A 80 -24.94 -40.40 8.94
C GLU A 80 -25.39 -40.08 7.52
N GLY A 81 -24.47 -40.16 6.58
CA GLY A 81 -24.79 -39.93 5.17
C GLY A 81 -24.81 -38.49 4.65
N TYR A 82 -24.52 -37.51 5.51
CA TYR A 82 -24.40 -36.10 5.07
C TYR A 82 -23.10 -35.86 4.33
N ILE A 83 -23.18 -35.05 3.27
CA ILE A 83 -21.98 -34.65 2.51
C ILE A 83 -20.98 -33.95 3.42
N LEU A 84 -19.69 -34.04 3.08
CA LEU A 84 -18.62 -33.42 3.87
C LEU A 84 -18.48 -31.92 3.52
N TYR A 85 -18.74 -31.57 2.26
CA TYR A 85 -18.64 -30.17 1.83
C TYR A 85 -19.61 -29.24 2.57
N PRO A 86 -19.06 -28.24 3.27
CA PRO A 86 -19.87 -27.44 4.17
C PRO A 86 -20.53 -26.20 3.56
N GLY A 87 -20.21 -25.90 2.29
CA GLY A 87 -20.62 -24.63 1.67
C GLY A 87 -21.82 -24.64 0.75
N LEU A 88 -21.91 -23.60 -0.08
CA LEU A 88 -23.00 -23.40 -1.04
C LEU A 88 -23.15 -24.56 -2.02
N THR A 89 -24.37 -25.10 -2.09
CA THR A 89 -24.66 -26.29 -2.88
C THR A 89 -26.13 -26.28 -3.33
N GLY A 90 -26.36 -26.45 -4.63
CA GLY A 90 -27.69 -26.47 -5.23
C GLY A 90 -27.82 -27.72 -6.10
N PHE A 91 -28.39 -28.80 -5.54
CA PHE A 91 -28.48 -30.10 -6.22
C PHE A 91 -29.88 -30.39 -6.80
N PRO A 92 -29.95 -31.11 -7.93
CA PRO A 92 -28.84 -31.74 -8.67
C PRO A 92 -28.04 -30.70 -9.46
N VAL A 93 -26.79 -31.01 -9.77
CA VAL A 93 -25.92 -30.07 -10.50
C VAL A 93 -24.87 -30.86 -11.25
N THR A 94 -24.45 -30.34 -12.41
CA THR A 94 -23.26 -30.86 -13.07
C THR A 94 -22.04 -30.34 -12.36
N LEU A 95 -21.19 -31.26 -11.94
CA LEU A 95 -19.97 -30.90 -11.23
C LEU A 95 -18.86 -30.45 -12.20
N GLY A 96 -17.78 -29.91 -11.64
CA GLY A 96 -16.60 -29.54 -12.41
C GLY A 96 -16.46 -28.03 -12.56
N HIS A 97 -15.33 -27.49 -12.09
CA HIS A 97 -15.10 -26.05 -12.13
C HIS A 97 -13.65 -25.65 -12.41
N GLU A 98 -12.79 -26.62 -12.66
CA GLU A 98 -11.39 -26.34 -12.98
C GLU A 98 -11.14 -26.73 -14.43
N PHE A 99 -11.52 -25.86 -15.35
CA PHE A 99 -11.66 -26.32 -16.73
C PHE A 99 -11.16 -25.38 -17.80
N SER A 100 -10.97 -25.94 -19.00
CA SER A 100 -10.69 -25.18 -20.22
C SER A 100 -11.38 -25.87 -21.41
N GLY A 101 -11.41 -25.18 -22.54
CA GLY A 101 -12.07 -25.69 -23.73
C GLY A 101 -12.06 -24.66 -24.84
N VAL A 102 -12.89 -24.86 -25.85
CA VAL A 102 -12.92 -23.92 -26.97
C VAL A 102 -14.32 -23.34 -27.14
N VAL A 103 -14.39 -22.06 -27.48
CA VAL A 103 -15.67 -21.42 -27.73
C VAL A 103 -16.30 -22.01 -29.00
N VAL A 104 -17.54 -22.47 -28.87
CA VAL A 104 -18.26 -22.98 -30.03
C VAL A 104 -19.47 -22.12 -30.39
N GLU A 105 -19.85 -21.23 -29.50
CA GLU A 105 -20.90 -20.29 -29.78
C GLU A 105 -20.78 -19.12 -28.81
N ALA A 106 -21.05 -17.92 -29.30
CA ALA A 106 -21.03 -16.68 -28.50
C ALA A 106 -22.23 -15.80 -28.87
N GLY A 107 -22.90 -15.24 -27.86
CA GLY A 107 -23.95 -14.25 -28.10
C GLY A 107 -23.40 -12.95 -28.65
N PRO A 108 -24.28 -12.07 -29.15
CA PRO A 108 -23.90 -10.82 -29.80
C PRO A 108 -23.05 -9.89 -28.94
N GLU A 109 -23.26 -9.90 -27.62
CA GLU A 109 -22.55 -9.05 -26.67
C GLU A 109 -21.54 -9.83 -25.82
N ALA A 110 -21.16 -11.03 -26.26
CA ALA A 110 -20.25 -11.87 -25.48
C ALA A 110 -18.79 -11.51 -25.78
N ILE A 111 -18.24 -10.59 -24.99
CA ILE A 111 -16.96 -9.95 -25.35
C ILE A 111 -15.74 -10.62 -24.77
N ASN A 112 -14.76 -10.91 -25.62
CA ASN A 112 -13.46 -11.42 -25.20
C ASN A 112 -12.57 -10.25 -24.79
N ARG A 113 -12.14 -10.24 -23.52
CA ARG A 113 -11.25 -9.20 -23.02
C ARG A 113 -9.93 -9.08 -23.78
N ARG A 114 -9.41 -10.20 -24.29
CA ARG A 114 -8.21 -10.18 -25.13
C ARG A 114 -8.29 -9.15 -26.28
N THR A 115 -9.47 -9.05 -26.90
CA THR A 115 -9.63 -8.23 -28.11
C THR A 115 -10.60 -7.07 -27.90
N ASN A 116 -11.34 -7.09 -26.82
CA ASN A 116 -12.50 -6.20 -26.64
C ASN A 116 -13.53 -6.33 -27.77
N LYS A 117 -13.59 -7.53 -28.35
CA LYS A 117 -14.57 -7.87 -29.37
C LYS A 117 -15.25 -9.18 -29.02
N ARG A 118 -16.37 -9.43 -29.66
CA ARG A 118 -17.11 -10.68 -29.50
CA ARG A 118 -17.11 -10.68 -29.51
C ARG A 118 -16.14 -11.85 -29.63
N PHE A 119 -16.34 -12.84 -28.76
CA PHE A 119 -15.55 -14.06 -28.77
C PHE A 119 -15.68 -14.71 -30.14
N GLU A 120 -14.56 -15.22 -30.67
CA GLU A 120 -14.61 -15.97 -31.93
C GLU A 120 -14.79 -17.46 -31.65
N ILE A 121 -15.48 -18.13 -32.56
CA ILE A 121 -15.52 -19.59 -32.53
C ILE A 121 -14.10 -20.10 -32.65
N GLY A 122 -13.74 -21.07 -31.83
CA GLY A 122 -12.38 -21.61 -31.85
C GLY A 122 -11.44 -21.04 -30.81
N GLU A 123 -11.82 -19.94 -30.13
CA GLU A 123 -10.95 -19.34 -29.11
C GLU A 123 -10.79 -20.28 -27.90
N PRO A 124 -9.53 -20.58 -27.49
CA PRO A 124 -9.31 -21.39 -26.30
C PRO A 124 -9.46 -20.56 -25.02
N VAL A 125 -10.23 -21.08 -24.07
CA VAL A 125 -10.52 -20.32 -22.86
C VAL A 125 -10.51 -21.17 -21.60
N CYS A 126 -10.34 -20.50 -20.46
CA CYS A 126 -10.67 -21.09 -19.17
C CYS A 126 -11.67 -20.11 -18.52
N ALA A 127 -12.30 -20.51 -17.41
CA ALA A 127 -13.24 -19.61 -16.79
C ALA A 127 -13.20 -19.65 -15.27
N GLU A 128 -13.66 -18.56 -14.66
CA GLU A 128 -13.73 -18.44 -13.23
C GLU A 128 -14.89 -19.29 -12.70
N GLU A 129 -14.75 -19.75 -11.46
CA GLU A 129 -15.79 -20.51 -10.77
C GLU A 129 -16.72 -19.61 -9.91
N MSE A 130 -16.20 -18.48 -9.43
CA MSE A 130 -16.99 -17.54 -8.63
C MSE A 130 -17.79 -16.68 -9.58
O MSE A 130 -17.24 -15.83 -10.25
CB MSE A 130 -16.10 -16.64 -7.76
CG MSE A 130 -15.10 -17.35 -6.83
SE MSE A 130 -15.94 -18.24 -5.30
CE MSE A 130 -16.08 -16.67 -4.13
N LEU A 131 -19.10 -16.90 -9.65
CA LEU A 131 -19.92 -16.15 -10.58
C LEU A 131 -20.48 -14.90 -9.89
N TRP A 132 -19.62 -13.88 -9.78
CA TRP A 132 -19.94 -12.58 -9.18
C TRP A 132 -20.96 -11.78 -10.01
N CYS A 133 -21.79 -10.98 -9.35
CA CYS A 133 -22.90 -10.30 -10.04
C CYS A 133 -22.42 -9.08 -10.82
N GLY A 134 -21.42 -8.37 -10.28
CA GLY A 134 -20.93 -7.19 -10.96
C GLY A 134 -21.57 -5.90 -10.49
N HIS A 135 -22.62 -5.97 -9.69
CA HIS A 135 -23.39 -4.76 -9.31
C HIS A 135 -23.53 -4.48 -7.81
N CYS A 136 -23.25 -5.48 -6.96
CA CYS A 136 -23.38 -5.27 -5.51
C CYS A 136 -22.25 -4.36 -5.00
N ARG A 137 -22.36 -3.91 -3.75
CA ARG A 137 -21.32 -3.03 -3.20
C ARG A 137 -19.90 -3.63 -3.26
N PRO A 138 -19.72 -4.86 -2.72
CA PRO A 138 -18.35 -5.44 -2.89
C PRO A 138 -17.87 -5.52 -4.33
N CYS A 139 -18.73 -5.93 -5.28
CA CYS A 139 -18.34 -5.93 -6.70
C CYS A 139 -17.98 -4.51 -7.20
N ALA A 140 -18.82 -3.54 -6.89
CA ALA A 140 -18.58 -2.16 -7.30
C ALA A 140 -17.33 -1.55 -6.66
N GLU A 141 -16.90 -2.08 -5.52
CA GLU A 141 -15.63 -1.61 -4.92
C GLU A 141 -14.44 -2.43 -5.40
N GLY A 142 -14.69 -3.40 -6.30
CA GLY A 142 -13.63 -4.21 -6.90
C GLY A 142 -13.20 -5.44 -6.11
N PHE A 143 -14.13 -5.97 -5.28
CA PHE A 143 -13.88 -7.17 -4.48
C PHE A 143 -14.89 -8.31 -4.78
N PRO A 144 -14.81 -8.91 -6.00
CA PRO A 144 -15.83 -9.88 -6.48
C PRO A 144 -15.82 -11.24 -5.77
N ASN A 145 -14.72 -11.60 -5.11
CA ASN A 145 -14.70 -12.80 -4.27
C ASN A 145 -15.58 -12.68 -3.03
N HIS A 146 -16.20 -11.52 -2.83
CA HIS A 146 -17.04 -11.27 -1.67
C HIS A 146 -18.42 -10.72 -2.09
N CYS A 147 -18.72 -10.94 -3.37
CA CYS A 147 -20.02 -10.69 -4.02
C CYS A 147 -21.21 -11.04 -3.13
N GLU A 148 -22.18 -10.15 -3.01
CA GLU A 148 -23.37 -10.44 -2.20
C GLU A 148 -24.42 -11.33 -2.92
N ASN A 149 -24.27 -11.53 -4.22
CA ASN A 149 -25.24 -12.31 -4.98
C ASN A 149 -24.53 -13.40 -5.77
N LEU A 150 -23.63 -14.11 -5.10
CA LEU A 150 -22.75 -15.08 -5.71
C LEU A 150 -23.46 -16.39 -6.11
N ASN A 151 -23.13 -16.93 -7.29
CA ASN A 151 -23.38 -18.33 -7.63
C ASN A 151 -22.04 -19.00 -7.89
N GLU A 152 -22.05 -20.33 -7.99
CA GLU A 152 -20.81 -21.06 -8.11
C GLU A 152 -20.91 -22.20 -9.10
N LEU A 153 -20.05 -22.11 -10.10
CA LEU A 153 -19.96 -23.10 -11.16
C LEU A 153 -19.57 -24.45 -10.58
N GLY A 154 -20.36 -25.49 -10.90
CA GLY A 154 -20.11 -26.83 -10.36
C GLY A 154 -20.52 -27.03 -8.91
N PHE A 155 -21.29 -26.09 -8.38
CA PHE A 155 -21.84 -26.18 -7.02
C PHE A 155 -23.35 -25.98 -7.00
N ASN A 156 -23.81 -24.89 -7.62
CA ASN A 156 -25.23 -24.70 -7.85
C ASN A 156 -25.55 -24.23 -9.27
N VAL A 157 -24.54 -24.06 -10.11
CA VAL A 157 -24.77 -23.77 -11.55
C VAL A 157 -24.04 -24.87 -12.32
N ASP A 158 -24.68 -25.46 -13.32
CA ASP A 158 -24.08 -26.58 -14.08
C ASP A 158 -22.67 -26.28 -14.56
N GLY A 159 -21.75 -27.20 -14.25
CA GLY A 159 -20.33 -27.04 -14.44
C GLY A 159 -19.76 -27.82 -15.62
N ALA A 160 -18.48 -28.15 -15.53
CA ALA A 160 -17.71 -28.52 -16.72
C ALA A 160 -17.29 -29.98 -16.88
N PHE A 161 -17.75 -30.88 -16.00
CA PHE A 161 -17.61 -32.33 -16.24
C PHE A 161 -18.69 -32.72 -17.25
N ALA A 162 -18.50 -32.27 -18.47
CA ALA A 162 -19.55 -32.28 -19.47
C ALA A 162 -18.86 -32.15 -20.80
N GLU A 163 -19.63 -32.31 -21.86
CA GLU A 163 -19.11 -32.11 -23.20
C GLU A 163 -19.15 -30.63 -23.55
N TYR A 164 -20.16 -29.92 -23.04
CA TYR A 164 -20.32 -28.47 -23.23
C TYR A 164 -20.71 -27.80 -21.91
N VAL A 165 -20.29 -26.54 -21.75
CA VAL A 165 -20.70 -25.73 -20.60
C VAL A 165 -21.04 -24.32 -21.05
N LYS A 166 -22.09 -23.76 -20.47
CA LYS A 166 -22.46 -22.41 -20.79
C LYS A 166 -22.03 -21.49 -19.63
N VAL A 167 -21.35 -20.39 -19.95
CA VAL A 167 -21.00 -19.36 -18.96
C VAL A 167 -21.15 -17.97 -19.57
N ASP A 168 -21.32 -16.97 -18.73
CA ASP A 168 -21.20 -15.58 -19.18
C ASP A 168 -19.78 -15.25 -19.64
N ALA A 169 -19.69 -14.47 -20.72
CA ALA A 169 -18.41 -14.08 -21.29
C ALA A 169 -17.49 -13.42 -20.29
N LYS A 170 -18.10 -12.71 -19.33
CA LYS A 170 -17.35 -11.95 -18.36
C LYS A 170 -16.58 -12.83 -17.37
N TYR A 171 -16.85 -14.14 -17.35
CA TYR A 171 -16.02 -15.07 -16.55
C TYR A 171 -14.92 -15.77 -17.32
N ALA A 172 -14.94 -15.68 -18.65
CA ALA A 172 -13.97 -16.40 -19.48
C ALA A 172 -12.70 -15.58 -19.77
N TRP A 173 -11.55 -16.26 -19.84
CA TRP A 173 -10.25 -15.64 -20.11
C TRP A 173 -9.53 -16.40 -21.21
N SER A 174 -8.93 -15.67 -22.14
CA SER A 174 -8.31 -16.31 -23.30
C SER A 174 -7.06 -17.10 -22.92
N LEU A 175 -6.88 -18.28 -23.52
CA LEU A 175 -5.62 -19.01 -23.40
C LEU A 175 -4.70 -18.88 -24.63
N ARG A 176 -4.90 -17.86 -25.48
CA ARG A 176 -4.09 -17.65 -26.71
CA ARG A 176 -4.09 -17.78 -26.70
C ARG A 176 -2.59 -17.64 -26.44
N GLU A 177 -2.21 -16.95 -25.36
CA GLU A 177 -0.79 -16.87 -24.98
C GLU A 177 -0.09 -18.23 -24.81
N LEU A 178 -0.85 -19.29 -24.57
CA LEU A 178 -0.24 -20.61 -24.37
C LEU A 178 0.04 -21.34 -25.69
N GLU A 179 -0.50 -20.82 -26.79
CA GLU A 179 -0.31 -21.46 -28.08
C GLU A 179 1.17 -21.46 -28.47
N GLY A 180 1.71 -22.63 -28.79
CA GLY A 180 3.10 -22.72 -29.22
C GLY A 180 4.06 -22.84 -28.05
N VAL A 181 3.53 -22.67 -26.84
CA VAL A 181 4.27 -22.97 -25.62
C VAL A 181 3.83 -24.35 -25.15
N TYR A 182 2.52 -24.58 -25.17
CA TYR A 182 1.92 -25.83 -24.76
C TYR A 182 1.25 -26.41 -25.99
N GLU A 183 1.69 -27.61 -26.38
CA GLU A 183 1.25 -28.25 -27.62
C GLU A 183 0.00 -29.09 -27.42
N GLY A 184 -0.94 -28.96 -28.35
CA GLY A 184 -2.14 -29.80 -28.37
C GLY A 184 -2.92 -29.80 -27.06
N ASP A 185 -3.12 -30.99 -26.49
CA ASP A 185 -3.93 -31.17 -25.28
C ASP A 185 -3.31 -30.55 -24.04
N ARG A 186 -1.99 -30.48 -24.00
CA ARG A 186 -1.27 -29.87 -22.86
C ARG A 186 -1.70 -28.41 -22.64
N LEU A 187 -2.07 -27.71 -23.71
CA LEU A 187 -2.60 -26.37 -23.59
C LEU A 187 -3.84 -26.35 -22.70
N PHE A 188 -4.72 -27.33 -22.91
CA PHE A 188 -5.97 -27.38 -22.17
C PHE A 188 -5.75 -27.92 -20.75
N LEU A 189 -4.85 -28.88 -20.63
CA LEU A 189 -4.39 -29.28 -19.33
C LEU A 189 -3.89 -28.07 -18.50
N ALA A 190 -3.07 -27.21 -19.10
CA ALA A 190 -2.54 -26.04 -18.37
C ALA A 190 -3.68 -25.09 -18.00
N GLY A 191 -4.58 -24.89 -18.96
CA GLY A 191 -5.82 -24.09 -18.77
C GLY A 191 -6.69 -24.58 -17.63
N SER A 192 -6.81 -25.91 -17.48
CA SER A 192 -7.64 -26.51 -16.43
C SER A 192 -7.08 -26.22 -15.03
N LEU A 193 -5.81 -25.82 -14.98
CA LEU A 193 -5.14 -25.54 -13.73
C LEU A 193 -5.09 -24.05 -13.36
N VAL A 194 -5.74 -23.18 -14.16
CA VAL A 194 -5.66 -21.73 -13.89
C VAL A 194 -6.44 -21.37 -12.61
N GLU A 195 -7.62 -21.98 -12.47
CA GLU A 195 -8.46 -21.72 -11.31
C GLU A 195 -7.76 -22.05 -9.96
N PRO A 196 -7.32 -23.31 -9.77
CA PRO A 196 -6.62 -23.55 -8.48
C PRO A 196 -5.32 -22.74 -8.33
N THR A 197 -4.64 -22.44 -9.44
CA THR A 197 -3.39 -21.68 -9.38
C THR A 197 -3.72 -20.24 -8.94
N SER A 198 -4.88 -19.76 -9.39
CA SER A 198 -5.35 -18.40 -9.07
C SER A 198 -5.83 -18.27 -7.64
N VAL A 199 -6.34 -19.37 -7.07
CA VAL A 199 -6.64 -19.39 -5.64
C VAL A 199 -5.36 -19.14 -4.84
N ALA A 200 -4.29 -19.88 -5.14
CA ALA A 200 -2.98 -19.68 -4.53
C ALA A 200 -2.46 -18.27 -4.79
N TYR A 201 -2.60 -17.82 -6.03
CA TYR A 201 -2.11 -16.49 -6.41
C TYR A 201 -2.82 -15.41 -5.60
N ASN A 202 -4.15 -15.47 -5.52
CA ASN A 202 -4.93 -14.53 -4.73
C ASN A 202 -4.48 -14.55 -3.27
N ALA A 203 -4.20 -15.75 -2.77
CA ALA A 203 -3.82 -15.90 -1.39
C ALA A 203 -2.46 -15.29 -1.09
N VAL A 204 -1.46 -15.51 -1.96
CA VAL A 204 -0.10 -15.05 -1.63
C VAL A 204 0.32 -13.67 -2.18
N ILE A 205 -0.24 -13.27 -3.32
CA ILE A 205 0.12 -12.01 -3.99
C ILE A 205 -0.87 -10.92 -3.60
N VAL A 206 -2.16 -11.19 -3.81
CA VAL A 206 -3.20 -10.20 -3.56
C VAL A 206 -3.53 -10.00 -2.07
N ARG A 207 -3.94 -11.06 -1.36
CA ARG A 207 -4.24 -10.98 0.06
C ARG A 207 -3.00 -10.94 0.93
N GLY A 208 -2.05 -11.83 0.66
CA GLY A 208 -0.81 -11.91 1.42
C GLY A 208 0.08 -10.71 1.25
N GLY A 209 -0.11 -9.98 0.16
CA GLY A 209 0.68 -8.79 -0.13
C GLY A 209 1.90 -9.08 -0.98
N GLY A 210 2.13 -10.35 -1.32
CA GLY A 210 3.31 -10.73 -2.07
C GLY A 210 4.60 -10.60 -1.25
N ILE A 211 5.73 -10.67 -1.94
CA ILE A 211 7.03 -10.51 -1.28
C ILE A 211 7.87 -9.51 -2.07
N ARG A 212 8.97 -9.08 -1.48
CA ARG A 212 10.04 -8.47 -2.24
C ARG A 212 11.04 -9.58 -2.62
N PRO A 213 11.65 -9.49 -3.83
CA PRO A 213 12.67 -10.47 -4.23
C PRO A 213 13.80 -10.55 -3.21
N GLY A 214 14.17 -11.77 -2.83
CA GLY A 214 15.10 -12.04 -1.74
C GLY A 214 14.44 -12.54 -0.46
N ASP A 215 13.13 -12.34 -0.31
CA ASP A 215 12.40 -12.80 0.88
C ASP A 215 12.29 -14.30 0.94
N ASN A 216 12.12 -14.84 2.14
CA ASN A 216 11.88 -16.27 2.34
C ASN A 216 10.40 -16.52 2.54
N VAL A 217 9.93 -17.67 2.07
CA VAL A 217 8.54 -18.04 2.27
C VAL A 217 8.44 -19.47 2.78
N VAL A 218 7.40 -19.74 3.57
CA VAL A 218 7.12 -21.07 4.11
C VAL A 218 5.68 -21.46 3.77
N ILE A 219 5.53 -22.60 3.10
CA ILE A 219 4.21 -23.11 2.74
C ILE A 219 3.90 -24.40 3.50
N LEU A 220 2.79 -24.40 4.22
CA LEU A 220 2.35 -25.56 4.98
C LEU A 220 1.22 -26.23 4.19
N GLY A 221 1.51 -27.43 3.67
CA GLY A 221 0.51 -28.20 2.92
C GLY A 221 0.86 -28.22 1.46
N GLY A 222 1.02 -29.42 0.91
CA GLY A 222 1.42 -29.62 -0.50
C GLY A 222 0.35 -30.19 -1.43
N GLY A 223 -0.92 -29.87 -1.17
CA GLY A 223 -1.97 -30.10 -2.15
C GLY A 223 -1.82 -29.12 -3.31
N PRO A 224 -2.71 -29.18 -4.32
CA PRO A 224 -2.51 -28.30 -5.47
C PRO A 224 -2.40 -26.80 -5.14
N ILE A 225 -3.14 -26.32 -4.14
CA ILE A 225 -2.98 -24.93 -3.75
C ILE A 225 -1.59 -24.60 -3.20
N GLY A 226 -1.13 -25.39 -2.24
CA GLY A 226 0.26 -25.26 -1.74
C GLY A 226 1.31 -25.40 -2.84
N LEU A 227 1.09 -26.33 -3.77
CA LEU A 227 2.00 -26.53 -4.88
C LEU A 227 2.06 -25.35 -5.86
N ALA A 228 0.92 -24.72 -6.13
CA ALA A 228 0.87 -23.52 -6.96
C ALA A 228 1.60 -22.39 -6.27
N ALA A 229 1.38 -22.25 -4.96
CA ALA A 229 2.09 -21.22 -4.19
C ALA A 229 3.62 -21.37 -4.28
N VAL A 230 4.13 -22.61 -4.27
CA VAL A 230 5.57 -22.84 -4.40
C VAL A 230 6.07 -22.25 -5.68
N ALA A 231 5.41 -22.63 -6.77
CA ALA A 231 5.71 -22.14 -8.11
C ALA A 231 5.62 -20.62 -8.19
N ILE A 232 4.51 -20.06 -7.70
CA ILE A 232 4.28 -18.62 -7.81
C ILE A 232 5.35 -17.82 -7.07
N LEU A 233 5.64 -18.25 -5.85
CA LEU A 233 6.53 -17.54 -4.97
C LEU A 233 8.00 -17.69 -5.36
N LYS A 234 8.37 -18.83 -5.96
CA LYS A 234 9.68 -18.94 -6.58
C LYS A 234 9.79 -17.98 -7.77
N HIS A 235 8.81 -18.01 -8.68
CA HIS A 235 8.76 -17.06 -9.79
C HIS A 235 8.74 -15.60 -9.32
N ALA A 236 8.24 -15.36 -8.10
CA ALA A 236 8.17 -14.02 -7.51
C ALA A 236 9.49 -13.57 -6.89
N GLY A 237 10.49 -14.45 -6.88
CA GLY A 237 11.84 -14.09 -6.42
C GLY A 237 12.18 -14.46 -5.00
N ALA A 238 11.40 -15.37 -4.41
CA ALA A 238 11.70 -15.88 -3.07
C ALA A 238 13.06 -16.53 -3.06
N SER A 239 13.91 -16.02 -2.17
CA SER A 239 15.26 -16.52 -2.00
C SER A 239 15.23 -18.00 -1.60
N LYS A 240 14.42 -18.31 -0.58
CA LYS A 240 14.17 -19.69 -0.16
C LYS A 240 12.66 -19.99 -0.06
N VAL A 241 12.24 -21.06 -0.75
CA VAL A 241 10.88 -21.58 -0.67
C VAL A 241 10.94 -22.92 0.06
N ILE A 242 10.27 -22.96 1.21
CA ILE A 242 10.22 -24.12 2.08
C ILE A 242 8.79 -24.62 2.19
N LEU A 243 8.58 -25.89 1.84
CA LEU A 243 7.27 -26.53 1.93
C LEU A 243 7.25 -27.66 2.96
N SER A 244 6.23 -27.65 3.82
CA SER A 244 6.04 -28.70 4.82
C SER A 244 4.83 -29.55 4.43
N GLU A 245 5.07 -30.85 4.21
CA GLU A 245 4.05 -31.79 3.73
C GLU A 245 4.48 -33.24 4.04
N PRO A 246 3.60 -34.02 4.71
CA PRO A 246 3.91 -35.42 5.06
C PRO A 246 3.92 -36.38 3.87
N SER A 247 3.12 -36.10 2.85
CA SER A 247 3.10 -36.88 1.60
C SER A 247 4.37 -36.72 0.75
N GLU A 248 5.07 -37.85 0.53
CA GLU A 248 6.33 -37.84 -0.21
C GLU A 248 6.14 -37.40 -1.65
N VAL A 249 5.08 -37.89 -2.30
CA VAL A 249 4.85 -37.55 -3.69
C VAL A 249 4.64 -36.04 -3.88
N ARG A 250 3.95 -35.41 -2.92
CA ARG A 250 3.76 -33.97 -2.92
C ARG A 250 5.07 -33.19 -2.65
N ARG A 251 5.90 -33.69 -1.74
CA ARG A 251 7.22 -33.08 -1.51
C ARG A 251 8.14 -33.12 -2.75
N ASN A 252 8.12 -34.24 -3.46
CA ASN A 252 8.87 -34.34 -4.73
C ASN A 252 8.33 -33.41 -5.81
N LEU A 253 7.00 -33.30 -5.90
CA LEU A 253 6.39 -32.31 -6.77
C LEU A 253 6.79 -30.88 -6.42
N ALA A 254 6.80 -30.54 -5.13
CA ALA A 254 7.25 -29.23 -4.68
C ALA A 254 8.71 -28.94 -5.12
N LYS A 255 9.61 -29.90 -4.97
CA LYS A 255 10.98 -29.75 -5.47
C LYS A 255 11.00 -29.49 -6.98
N GLU A 256 10.11 -30.13 -7.71
CA GLU A 256 10.04 -29.98 -9.13
C GLU A 256 9.53 -28.61 -9.52
N LEU A 257 8.71 -28.03 -8.65
CA LEU A 257 8.12 -26.72 -8.92
C LEU A 257 9.03 -25.57 -8.46
N GLY A 258 10.15 -25.90 -7.79
CA GLY A 258 11.12 -24.88 -7.42
C GLY A 258 11.35 -24.66 -5.94
N ALA A 259 10.70 -25.45 -5.08
CA ALA A 259 11.00 -25.40 -3.64
C ALA A 259 12.47 -25.70 -3.38
N ASP A 260 13.08 -24.92 -2.50
CA ASP A 260 14.47 -25.11 -2.17
C ASP A 260 14.64 -26.16 -1.08
N HIS A 261 13.65 -26.23 -0.19
CA HIS A 261 13.67 -27.20 0.90
C HIS A 261 12.28 -27.75 1.12
N VAL A 262 12.23 -29.05 1.41
CA VAL A 262 10.98 -29.68 1.80
C VAL A 262 11.13 -30.34 3.17
N ILE A 263 10.06 -30.28 3.96
CA ILE A 263 10.03 -30.79 5.31
C ILE A 263 8.88 -31.81 5.44
N ASP A 264 9.21 -33.01 5.91
CA ASP A 264 8.22 -33.97 6.37
C ASP A 264 8.00 -33.70 7.86
N PRO A 265 6.92 -32.98 8.24
CA PRO A 265 6.71 -32.59 9.63
C PRO A 265 6.55 -33.76 10.61
N THR A 266 6.18 -34.94 10.08
CA THR A 266 5.97 -36.12 10.92
C THR A 266 7.26 -36.81 11.32
N LYS A 267 8.36 -36.52 10.62
CA LYS A 267 9.64 -37.16 10.88
C LYS A 267 10.76 -36.15 11.10
N GLU A 268 10.42 -34.87 10.98
CA GLU A 268 11.40 -33.81 11.18
C GLU A 268 10.82 -32.77 12.11
N ASN A 269 11.68 -32.00 12.75
CA ASN A 269 11.25 -30.89 13.57
C ASN A 269 11.01 -29.66 12.67
N PHE A 270 9.74 -29.33 12.42
CA PHE A 270 9.38 -28.19 11.55
C PHE A 270 10.07 -26.88 11.96
N VAL A 271 9.91 -26.48 13.22
CA VAL A 271 10.46 -25.22 13.71
C VAL A 271 11.97 -25.09 13.49
N GLU A 272 12.74 -26.08 13.95
CA GLU A 272 14.21 -26.03 13.84
C GLU A 272 14.68 -26.06 12.40
N ALA A 273 13.96 -26.83 11.57
CA ALA A 273 14.31 -26.98 10.17
C ALA A 273 14.10 -25.66 9.44
N VAL A 274 12.95 -25.02 9.67
CA VAL A 274 12.69 -23.70 9.08
C VAL A 274 13.73 -22.67 9.53
N LEU A 275 14.01 -22.64 10.84
CA LEU A 275 15.02 -21.72 11.37
C LEU A 275 16.42 -21.98 10.85
N ASP A 276 16.74 -23.26 10.63
CA ASP A 276 18.05 -23.63 10.13
C ASP A 276 18.18 -23.17 8.67
N TYR A 277 17.23 -23.59 7.85
CA TYR A 277 17.23 -23.27 6.43
C TYR A 277 17.24 -21.77 6.13
N THR A 278 16.57 -20.97 6.98
CA THR A 278 16.53 -19.53 6.78
C THR A 278 17.62 -18.78 7.56
N ASN A 279 18.61 -19.51 8.05
CA ASN A 279 19.69 -18.94 8.89
C ASN A 279 19.19 -18.07 10.04
N GLY A 280 18.09 -18.47 10.67
CA GLY A 280 17.55 -17.69 11.79
C GLY A 280 16.71 -16.49 11.38
N LEU A 281 16.60 -16.24 10.08
CA LEU A 281 15.81 -15.11 9.59
C LEU A 281 14.30 -15.35 9.58
N GLY A 282 13.90 -16.60 9.40
CA GLY A 282 12.49 -16.94 9.24
C GLY A 282 11.97 -16.57 7.87
N ALA A 283 10.69 -16.18 7.80
CA ALA A 283 10.03 -15.89 6.51
C ALA A 283 9.17 -14.64 6.53
N LYS A 284 9.02 -14.00 5.37
CA LYS A 284 8.12 -12.86 5.21
C LYS A 284 6.66 -13.32 5.10
N LEU A 285 6.45 -14.53 4.58
CA LEU A 285 5.11 -15.04 4.35
C LEU A 285 4.97 -16.53 4.67
N PHE A 286 3.92 -16.87 5.40
CA PHE A 286 3.54 -18.26 5.65
C PHE A 286 2.18 -18.49 5.01
N LEU A 287 2.04 -19.60 4.28
CA LEU A 287 0.76 -19.96 3.70
C LEU A 287 0.25 -21.17 4.43
N GLU A 288 -0.88 -20.98 5.10
CA GLU A 288 -1.51 -22.07 5.83
C GLU A 288 -2.49 -22.75 4.87
N ALA A 289 -2.04 -23.83 4.24
CA ALA A 289 -2.84 -24.56 3.27
C ALA A 289 -3.06 -26.02 3.70
N THR A 290 -3.02 -26.30 5.01
CA THR A 290 -3.22 -27.66 5.53
C THR A 290 -4.67 -27.97 5.87
N GLY A 291 -5.42 -26.98 6.30
CA GLY A 291 -6.75 -27.25 6.81
C GLY A 291 -6.72 -27.66 8.28
N VAL A 292 -5.53 -27.81 8.85
CA VAL A 292 -5.41 -28.06 10.30
C VAL A 292 -4.65 -26.92 10.99
N PRO A 293 -5.12 -25.66 10.78
CA PRO A 293 -4.41 -24.49 11.29
C PRO A 293 -4.29 -24.52 12.81
N GLN A 294 -5.19 -25.23 13.46
CA GLN A 294 -5.08 -25.41 14.90
C GLN A 294 -3.99 -26.40 15.33
N LEU A 295 -3.54 -27.28 14.43
CA LEU A 295 -2.39 -28.16 14.73
C LEU A 295 -1.03 -27.53 14.38
N VAL A 296 -0.99 -26.71 13.34
CA VAL A 296 0.29 -26.14 12.90
C VAL A 296 0.55 -24.71 13.42
N TRP A 297 -0.45 -24.08 14.02
CA TRP A 297 -0.31 -22.71 14.47
C TRP A 297 0.80 -22.50 15.50
N PRO A 298 0.87 -23.37 16.55
CA PRO A 298 1.93 -23.18 17.54
C PRO A 298 3.33 -23.18 16.92
N GLN A 299 3.54 -24.07 15.95
CA GLN A 299 4.82 -24.11 15.26
C GLN A 299 5.09 -22.88 14.39
N ILE A 300 4.06 -22.36 13.74
CA ILE A 300 4.20 -21.13 12.94
C ILE A 300 4.55 -19.99 13.88
N GLU A 301 3.79 -19.88 14.97
CA GLU A 301 4.03 -18.85 15.97
C GLU A 301 5.43 -18.97 16.59
N GLU A 302 5.95 -20.19 16.71
CA GLU A 302 7.26 -20.35 17.31
C GLU A 302 8.35 -19.86 16.37
N VAL A 303 8.22 -20.17 15.08
CA VAL A 303 9.13 -19.63 14.08
C VAL A 303 9.07 -18.09 14.05
N ILE A 304 7.86 -17.53 14.00
CA ILE A 304 7.71 -16.09 13.92
C ILE A 304 8.41 -15.46 15.12
N TRP A 305 8.15 -16.01 16.30
CA TRP A 305 8.71 -15.53 17.56
C TRP A 305 10.24 -15.57 17.55
N ARG A 306 10.81 -16.71 17.22
CA ARG A 306 12.25 -16.91 17.31
C ARG A 306 13.06 -16.32 16.15
N ALA A 307 12.42 -16.15 14.99
CA ALA A 307 13.05 -15.51 13.81
C ALA A 307 13.49 -14.07 14.05
N ARG A 308 14.53 -13.67 13.34
CA ARG A 308 15.02 -12.30 13.44
C ARG A 308 14.29 -11.36 12.48
N GLY A 309 13.75 -11.91 11.40
CA GLY A 309 12.93 -11.14 10.46
C GLY A 309 11.67 -10.64 11.17
N ILE A 310 11.11 -9.55 10.66
CA ILE A 310 9.85 -9.05 11.19
C ILE A 310 8.90 -8.87 10.02
N ASN A 311 7.70 -8.37 10.28
CA ASN A 311 6.71 -8.14 9.22
C ASN A 311 6.22 -9.42 8.51
N ALA A 312 6.27 -10.56 9.19
CA ALA A 312 5.71 -11.80 8.61
C ALA A 312 4.22 -11.67 8.45
N THR A 313 3.72 -12.26 7.38
CA THR A 313 2.29 -12.39 7.15
C THR A 313 1.91 -13.87 7.15
N VAL A 314 0.86 -14.23 7.90
CA VAL A 314 0.31 -15.56 7.76
C VAL A 314 -0.98 -15.47 6.98
N ALA A 315 -0.98 -16.10 5.80
CA ALA A 315 -2.17 -16.10 4.97
C ALA A 315 -2.87 -17.46 5.15
N ILE A 316 -4.16 -17.42 5.49
CA ILE A 316 -4.95 -18.63 5.71
C ILE A 316 -5.87 -18.88 4.52
N VAL A 317 -5.62 -19.97 3.81
CA VAL A 317 -6.31 -20.27 2.55
C VAL A 317 -7.18 -21.53 2.63
N ALA A 318 -6.76 -22.49 3.47
CA ALA A 318 -7.51 -23.73 3.58
C ALA A 318 -8.70 -23.52 4.50
N ARG A 319 -9.78 -24.25 4.24
CA ARG A 319 -10.96 -24.21 5.09
C ARG A 319 -10.77 -25.17 6.25
N ALA A 320 -10.91 -24.65 7.46
CA ALA A 320 -10.91 -25.46 8.67
C ALA A 320 -12.08 -25.06 9.55
N ASP A 321 -12.59 -25.99 10.35
CA ASP A 321 -13.64 -25.66 11.30
C ASP A 321 -13.10 -25.21 12.69
N ALA A 322 -12.04 -25.88 13.15
CA ALA A 322 -11.54 -25.70 14.51
C ALA A 322 -10.90 -24.31 14.77
N LYS A 323 -11.14 -23.75 15.96
CA LYS A 323 -10.51 -22.51 16.41
C LYS A 323 -8.98 -22.58 16.34
N ILE A 324 -8.37 -21.44 16.08
CA ILE A 324 -6.92 -21.32 16.06
C ILE A 324 -6.45 -20.74 17.40
N PRO A 325 -5.43 -21.35 18.02
CA PRO A 325 -4.91 -20.85 19.28
C PRO A 325 -3.89 -19.71 19.07
N LEU A 326 -4.44 -18.53 18.78
CA LEU A 326 -3.68 -17.32 18.51
C LEU A 326 -3.11 -16.68 19.78
N THR A 327 -1.80 -16.46 19.76
CA THR A 327 -1.12 -15.75 20.82
C THR A 327 -0.89 -14.33 20.28
N GLY A 328 -1.72 -13.39 20.72
CA GLY A 328 -1.62 -11.99 20.27
C GLY A 328 -0.22 -11.43 20.36
N GLU A 329 0.44 -11.70 21.49
CA GLU A 329 1.77 -11.17 21.80
C GLU A 329 2.79 -11.44 20.69
N VAL A 330 2.73 -12.64 20.12
CA VAL A 330 3.65 -12.99 19.05
C VAL A 330 3.58 -12.00 17.89
N PHE A 331 2.35 -11.71 17.44
CA PHE A 331 2.06 -10.75 16.37
C PHE A 331 2.41 -9.31 16.72
N GLN A 332 2.16 -8.89 17.96
CA GLN A 332 2.58 -7.57 18.41
C GLN A 332 4.11 -7.40 18.41
N VAL A 333 4.79 -8.36 19.04
CA VAL A 333 6.22 -8.24 19.28
C VAL A 333 7.07 -8.45 17.99
N ARG A 334 6.59 -9.26 17.05
CA ARG A 334 7.35 -9.49 15.81
C ARG A 334 6.80 -8.70 14.63
N ARG A 335 5.87 -7.79 14.91
CA ARG A 335 5.28 -6.92 13.88
C ARG A 335 4.69 -7.75 12.73
N ALA A 336 3.93 -8.77 13.10
CA ALA A 336 3.41 -9.73 12.13
C ALA A 336 1.92 -9.56 11.96
N GLN A 337 1.39 -10.14 10.90
CA GLN A 337 -0.05 -10.05 10.64
C GLN A 337 -0.64 -11.35 10.05
N ILE A 338 -1.96 -11.41 10.06
CA ILE A 338 -2.72 -12.57 9.65
C ILE A 338 -3.81 -12.08 8.71
N VAL A 339 -3.84 -12.66 7.51
CA VAL A 339 -4.88 -12.36 6.53
C VAL A 339 -5.60 -13.66 6.14
N GLY A 340 -6.91 -13.56 5.97
CA GLY A 340 -7.64 -14.66 5.40
C GLY A 340 -7.77 -14.42 3.91
N SER A 341 -7.94 -15.50 3.16
CA SER A 341 -8.09 -15.42 1.71
C SER A 341 -9.15 -16.41 1.25
N GLN A 342 -9.88 -16.05 0.19
CA GLN A 342 -10.77 -17.00 -0.49
C GLN A 342 -10.96 -16.56 -1.95
N GLY A 343 -11.20 -17.53 -2.84
CA GLY A 343 -11.56 -17.22 -4.23
C GLY A 343 -10.39 -16.96 -5.14
N HIS A 344 -10.70 -16.50 -6.36
CA HIS A 344 -9.70 -16.41 -7.41
C HIS A 344 -10.08 -15.33 -8.43
N SER A 345 -11.20 -14.65 -8.18
CA SER A 345 -11.72 -13.63 -9.12
C SER A 345 -11.11 -12.25 -8.85
N GLY A 346 -11.28 -11.34 -9.80
CA GLY A 346 -10.87 -9.95 -9.67
C GLY A 346 -9.37 -9.73 -9.74
N HIS A 347 -8.98 -8.45 -9.68
CA HIS A 347 -7.56 -8.02 -9.50
C HIS A 347 -6.65 -8.38 -10.66
N GLY A 348 -7.20 -9.01 -11.71
CA GLY A 348 -6.43 -9.44 -12.85
C GLY A 348 -5.56 -10.64 -12.50
N THR A 349 -6.04 -11.43 -11.56
CA THR A 349 -5.31 -12.62 -11.16
C THR A 349 -5.27 -13.67 -12.26
N PHE A 350 -6.45 -14.03 -12.80
CA PHE A 350 -6.53 -15.00 -13.91
C PHE A 350 -5.57 -14.67 -15.04
N PRO A 351 -5.62 -13.43 -15.60
CA PRO A 351 -4.77 -13.24 -16.78
C PRO A 351 -3.29 -13.21 -16.45
N ARG A 352 -2.94 -12.78 -15.25
CA ARG A 352 -1.54 -12.82 -14.88
C ARG A 352 -1.07 -14.26 -14.65
N VAL A 353 -1.94 -15.10 -14.07
CA VAL A 353 -1.60 -16.52 -13.93
C VAL A 353 -1.38 -17.15 -15.32
N ILE A 354 -2.22 -16.77 -16.28
CA ILE A 354 -2.08 -17.23 -17.67
C ILE A 354 -0.74 -16.78 -18.29
N SER A 355 -0.39 -15.50 -18.13
CA SER A 355 0.89 -14.96 -18.65
C SER A 355 2.07 -15.65 -18.01
N LEU A 356 1.95 -15.92 -16.72
CA LEU A 356 3.00 -16.60 -15.98
C LEU A 356 3.23 -18.01 -16.57
N MSE A 357 2.15 -18.77 -16.73
CA MSE A 357 2.25 -20.07 -17.39
C MSE A 357 2.87 -19.93 -18.78
O MSE A 357 3.73 -20.71 -19.15
CB MSE A 357 0.89 -20.74 -17.50
CG MSE A 357 0.31 -21.22 -16.17
SE MSE A 357 -1.38 -22.11 -16.52
CE MSE A 357 -1.79 -22.59 -14.65
N ALA A 358 2.42 -18.92 -19.54
CA ALA A 358 2.91 -18.71 -20.90
C ALA A 358 4.41 -18.46 -20.95
N SER A 359 4.95 -17.88 -19.88
CA SER A 359 6.35 -17.54 -19.83
C SER A 359 7.23 -18.60 -19.18
N GLY A 360 6.67 -19.78 -18.89
CA GLY A 360 7.49 -20.89 -18.35
C GLY A 360 7.03 -21.63 -17.09
N MSE A 361 6.12 -21.04 -16.31
CA MSE A 361 5.62 -21.70 -15.10
C MSE A 361 4.60 -22.78 -15.47
O MSE A 361 3.41 -22.49 -15.70
CB MSE A 361 5.02 -20.69 -14.11
CG MSE A 361 4.70 -21.27 -12.74
SE MSE A 361 3.72 -19.97 -11.62
CE MSE A 361 1.96 -20.17 -12.45
N ASP A 362 5.06 -24.01 -15.48
CA ASP A 362 4.29 -25.16 -15.93
C ASP A 362 3.67 -25.95 -14.75
N MSE A 363 2.37 -25.73 -14.51
CA MSE A 363 1.69 -26.42 -13.43
C MSE A 363 1.25 -27.85 -13.80
O MSE A 363 0.81 -28.59 -12.94
CB MSE A 363 0.48 -25.60 -12.94
CG MSE A 363 0.84 -24.28 -12.31
SE MSE A 363 1.89 -24.53 -10.70
CE MSE A 363 0.73 -25.75 -9.73
N THR A 364 1.35 -28.21 -15.08
CA THR A 364 0.87 -29.53 -15.54
C THR A 364 1.65 -30.68 -14.90
N LYS A 365 2.81 -30.35 -14.33
CA LYS A 365 3.61 -31.33 -13.60
C LYS A 365 2.84 -32.01 -12.47
N ILE A 366 1.79 -31.37 -11.98
CA ILE A 366 1.04 -31.91 -10.84
C ILE A 366 -0.08 -32.87 -11.22
N ILE A 367 -0.39 -32.96 -12.51
CA ILE A 367 -1.43 -33.88 -12.96
C ILE A 367 -0.91 -35.30 -12.85
N SER A 368 -1.52 -36.09 -11.97
CA SER A 368 -1.12 -37.48 -11.78
C SER A 368 -1.68 -38.39 -12.87
N LYS A 369 -2.86 -38.07 -13.37
CA LYS A 369 -3.55 -38.94 -14.32
C LYS A 369 -4.67 -38.18 -15.03
N THR A 370 -4.84 -38.47 -16.33
CA THR A 370 -5.99 -37.97 -17.07
C THR A 370 -6.92 -39.14 -17.38
N VAL A 371 -8.22 -38.87 -17.37
CA VAL A 371 -9.24 -39.92 -17.50
C VAL A 371 -10.38 -39.41 -18.36
N SER A 372 -11.25 -40.30 -18.80
CA SER A 372 -12.39 -39.90 -19.62
C SER A 372 -13.54 -39.46 -18.71
N MSE A 373 -14.52 -38.76 -19.29
CA MSE A 373 -15.72 -38.35 -18.57
C MSE A 373 -16.39 -39.51 -17.79
O MSE A 373 -16.74 -39.37 -16.61
CB MSE A 373 -16.73 -37.69 -19.50
CG MSE A 373 -17.98 -37.26 -18.78
SE MSE A 373 -19.20 -36.30 -19.94
CE MSE A 373 -19.80 -37.79 -21.05
N GLU A 374 -16.53 -40.65 -18.46
CA GLU A 374 -17.13 -41.86 -17.85
C GLU A 374 -16.44 -42.31 -16.58
N GLU A 375 -15.13 -42.13 -16.51
CA GLU A 375 -14.36 -42.60 -15.35
C GLU A 375 -14.41 -41.65 -14.16
N ILE A 376 -14.97 -40.45 -14.37
CA ILE A 376 -14.99 -39.40 -13.32
C ILE A 376 -15.70 -39.83 -12.04
N PRO A 377 -16.95 -40.36 -12.15
CA PRO A 377 -17.58 -40.74 -10.89
C PRO A 377 -16.72 -41.72 -10.08
N GLU A 378 -16.11 -42.68 -10.77
CA GLU A 378 -15.23 -43.67 -10.13
C GLU A 378 -14.07 -42.99 -9.40
N TYR A 379 -13.45 -42.01 -10.04
CA TYR A 379 -12.28 -41.35 -9.46
C TYR A 379 -12.61 -40.41 -8.30
N ILE A 380 -13.76 -39.75 -8.37
CA ILE A 380 -14.26 -38.94 -7.28
C ILE A 380 -14.40 -39.81 -6.01
N LYS A 381 -14.87 -41.04 -6.19
CA LYS A 381 -14.93 -42.02 -5.12
C LYS A 381 -13.54 -42.51 -4.65
N ARG A 382 -12.70 -42.86 -5.61
CA ARG A 382 -11.36 -43.37 -5.32
C ARG A 382 -10.54 -42.36 -4.53
N LEU A 383 -10.71 -41.07 -4.85
CA LEU A 383 -9.96 -40.00 -4.21
C LEU A 383 -10.28 -39.83 -2.73
N GLN A 384 -11.36 -40.45 -2.25
CA GLN A 384 -11.64 -40.48 -0.82
C GLN A 384 -10.49 -41.16 -0.06
N THR A 385 -9.82 -42.11 -0.68
CA THR A 385 -8.84 -42.94 0.04
C THR A 385 -7.45 -42.99 -0.58
N ASP A 386 -7.37 -42.78 -1.89
CA ASP A 386 -6.11 -42.87 -2.61
C ASP A 386 -5.34 -41.55 -2.60
N LYS A 387 -4.42 -41.42 -1.65
CA LYS A 387 -3.62 -40.22 -1.45
C LYS A 387 -2.46 -40.08 -2.42
N SER A 388 -2.20 -41.10 -3.24
CA SER A 388 -1.11 -41.03 -4.22
C SER A 388 -1.45 -40.10 -5.41
N LEU A 389 -2.75 -39.94 -5.66
CA LEU A 389 -3.24 -39.07 -6.73
C LEU A 389 -3.31 -37.59 -6.30
N VAL A 390 -2.38 -36.77 -6.77
CA VAL A 390 -2.35 -35.33 -6.43
C VAL A 390 -3.48 -34.56 -7.13
N LYS A 391 -3.59 -34.78 -8.44
CA LYS A 391 -4.60 -34.15 -9.25
C LYS A 391 -4.96 -35.09 -10.38
N VAL A 392 -6.27 -35.29 -10.53
CA VAL A 392 -6.85 -36.12 -11.57
C VAL A 392 -7.68 -35.21 -12.45
N THR A 393 -7.49 -35.33 -13.76
CA THR A 393 -8.10 -34.41 -14.73
C THR A 393 -8.85 -35.13 -15.84
N MSE A 394 -10.12 -34.77 -16.03
CA MSE A 394 -10.89 -35.19 -17.20
C MSE A 394 -10.28 -34.60 -18.49
O MSE A 394 -10.05 -33.40 -18.57
CB MSE A 394 -12.34 -34.74 -17.10
CG MSE A 394 -13.22 -35.45 -18.11
SE MSE A 394 -14.94 -34.57 -18.34
CE MSE A 394 -14.38 -33.09 -19.46
N LEU A 395 -10.04 -35.45 -19.47
CA LEU A 395 -9.61 -35.00 -20.78
C LEU A 395 -10.57 -35.55 -21.83
N ASN A 396 -11.25 -34.65 -22.56
CA ASN A 396 -12.08 -35.03 -23.70
C ASN A 396 -11.26 -35.04 -24.98
N GLU A 397 -11.34 -36.14 -25.73
CA GLU A 397 -10.62 -36.29 -27.01
C GLU A 397 -11.56 -36.78 -28.10
N SER B 2 -46.03 16.26 -22.71
CA SER B 2 -46.04 16.86 -21.34
C SER B 2 -44.72 16.74 -20.54
N LEU B 3 -43.70 16.08 -21.10
CA LEU B 3 -42.37 16.05 -20.45
C LEU B 3 -41.31 16.90 -21.16
N ARG B 4 -40.45 17.55 -20.38
CA ARG B 4 -39.45 18.46 -20.92
C ARG B 4 -38.05 18.31 -20.33
N ALA B 5 -37.05 18.58 -21.16
CA ALA B 5 -35.63 18.51 -20.78
C ALA B 5 -34.78 19.55 -21.51
N VAL B 6 -33.68 19.91 -20.88
CA VAL B 6 -32.67 20.76 -21.49
C VAL B 6 -31.80 19.93 -22.44
N ARG B 7 -31.91 20.24 -23.73
CA ARG B 7 -31.18 19.49 -24.75
C ARG B 7 -30.23 20.35 -25.59
N LEU B 8 -29.14 19.71 -26.00
CA LEU B 8 -28.13 20.32 -26.84
C LEU B 8 -28.16 19.67 -28.23
N HIS B 9 -28.41 20.50 -29.23
CA HIS B 9 -28.32 20.09 -30.63
C HIS B 9 -27.08 20.75 -31.25
N ALA B 10 -26.42 20.04 -32.18
CA ALA B 10 -25.22 20.58 -32.84
C ALA B 10 -25.06 19.97 -34.21
N LYS B 11 -24.33 20.66 -35.07
CA LYS B 11 -24.11 20.19 -36.41
C LYS B 11 -22.82 19.35 -36.51
N TRP B 12 -22.96 18.15 -37.05
CA TRP B 12 -21.80 17.33 -37.36
C TRP B 12 -21.16 17.96 -38.59
N ASP B 13 -20.03 18.61 -38.40
CA ASP B 13 -19.37 19.35 -39.46
C ASP B 13 -17.87 19.44 -39.16
N PRO B 14 -17.16 18.32 -39.28
CA PRO B 14 -15.81 18.27 -38.73
C PRO B 14 -14.83 19.26 -39.34
N ARG B 15 -13.86 19.66 -38.52
CA ARG B 15 -12.68 20.33 -39.00
C ARG B 15 -11.92 19.46 -40.02
N PRO B 16 -11.18 20.09 -40.95
CA PRO B 16 -10.56 19.33 -42.06
C PRO B 16 -9.52 18.28 -41.61
N GLU B 17 -8.86 18.50 -40.49
CA GLU B 17 -7.89 17.51 -40.02
C GLU B 17 -8.54 16.27 -39.41
N PHE B 18 -9.83 16.34 -39.09
CA PHE B 18 -10.49 15.23 -38.40
C PHE B 18 -10.59 13.99 -39.29
N LYS B 19 -10.23 12.84 -38.72
CA LYS B 19 -10.53 11.53 -39.30
C LYS B 19 -11.38 10.75 -38.31
N LEU B 20 -12.46 10.15 -38.78
CA LEU B 20 -13.35 9.37 -37.93
C LEU B 20 -12.57 8.40 -37.05
N GLY B 21 -12.66 8.58 -35.73
CA GLY B 21 -12.02 7.69 -34.76
C GLY B 21 -12.60 6.28 -34.77
N PRO B 22 -11.83 5.30 -34.27
CA PRO B 22 -12.25 3.88 -34.27
C PRO B 22 -13.60 3.62 -33.56
N LYS B 23 -13.87 4.33 -32.46
CA LYS B 23 -15.13 4.18 -31.73
C LYS B 23 -16.15 5.27 -32.05
N ASP B 24 -15.85 6.12 -33.01
CA ASP B 24 -16.78 7.17 -33.42
C ASP B 24 -17.85 6.60 -34.34
N ILE B 25 -19.01 7.23 -34.35
CA ILE B 25 -20.08 6.86 -35.25
C ILE B 25 -20.50 8.09 -36.06
N GLU B 26 -20.28 8.01 -37.37
CA GLU B 26 -20.51 9.12 -38.31
C GLU B 26 -21.83 9.86 -38.08
N GLY B 27 -21.73 11.15 -37.77
CA GLY B 27 -22.92 11.98 -37.62
C GLY B 27 -23.56 11.89 -36.25
N LYS B 28 -23.07 11.00 -35.38
CA LYS B 28 -23.77 10.67 -34.13
C LYS B 28 -22.92 10.70 -32.85
N LEU B 29 -21.69 10.26 -32.95
CA LEU B 29 -20.85 10.10 -31.79
C LEU B 29 -19.38 10.31 -32.12
N THR B 30 -18.72 11.14 -31.33
CA THR B 30 -17.28 11.24 -31.44
C THR B 30 -16.59 11.33 -30.10
N TRP B 31 -15.36 10.84 -30.06
CA TRP B 31 -14.50 10.96 -28.90
C TRP B 31 -13.78 12.30 -28.85
N LEU B 32 -13.80 13.02 -29.97
CA LEU B 32 -13.17 14.35 -30.03
C LEU B 32 -14.17 15.47 -30.37
N GLY B 33 -14.94 15.89 -29.38
CA GLY B 33 -16.07 16.84 -29.57
C GLY B 33 -15.74 18.10 -30.34
N SER B 34 -14.69 18.79 -29.89
CA SER B 34 -14.29 20.07 -30.44
C SER B 34 -13.78 20.02 -31.89
N LYS B 35 -13.53 18.83 -32.40
CA LYS B 35 -13.08 18.65 -33.77
C LYS B 35 -14.24 18.50 -34.74
N VAL B 36 -15.44 18.29 -34.19
CA VAL B 36 -16.56 17.74 -34.97
C VAL B 36 -17.81 18.58 -34.89
N TRP B 37 -18.27 18.81 -33.67
CA TRP B 37 -19.57 19.39 -33.40
C TRP B 37 -19.51 20.90 -33.48
N ARG B 38 -20.47 21.46 -34.19
CA ARG B 38 -20.46 22.86 -34.55
C ARG B 38 -21.83 23.51 -34.32
N TYR B 39 -21.80 24.78 -33.93
CA TYR B 39 -23.01 25.59 -33.66
C TYR B 39 -23.96 24.93 -32.67
N PRO B 40 -23.47 24.61 -31.44
CA PRO B 40 -24.31 24.02 -30.40
C PRO B 40 -25.50 24.90 -30.08
N GLU B 41 -26.66 24.28 -29.90
CA GLU B 41 -27.80 25.00 -29.42
C GLU B 41 -28.45 24.29 -28.23
N VAL B 42 -28.68 25.03 -27.16
CA VAL B 42 -29.20 24.47 -25.92
C VAL B 42 -30.55 25.07 -25.67
N ARG B 43 -31.60 24.24 -25.73
CA ARG B 43 -32.98 24.67 -25.51
C ARG B 43 -33.73 23.64 -24.68
N VAL B 44 -34.69 24.12 -23.90
CA VAL B 44 -35.68 23.25 -23.29
C VAL B 44 -36.61 22.74 -24.39
N GLU B 45 -36.90 21.46 -24.40
CA GLU B 45 -37.78 20.88 -25.42
C GLU B 45 -38.55 19.67 -24.88
N GLU B 46 -39.59 19.25 -25.60
CA GLU B 46 -40.38 18.08 -25.24
C GLU B 46 -39.55 16.81 -25.44
N VAL B 47 -39.69 15.86 -24.53
CA VAL B 47 -39.08 14.56 -24.67
C VAL B 47 -40.13 13.50 -24.36
N PRO B 48 -40.02 12.33 -24.99
CA PRO B 48 -40.91 11.23 -24.66
C PRO B 48 -40.62 10.71 -23.26
N GLU B 49 -41.61 10.04 -22.66
CA GLU B 49 -41.44 9.44 -21.34
C GLU B 49 -40.37 8.37 -21.35
N PRO B 50 -39.49 8.36 -20.33
CA PRO B 50 -38.56 7.25 -20.17
C PRO B 50 -39.33 5.95 -19.96
N ARG B 51 -38.77 4.84 -20.42
CA ARG B 51 -39.41 3.55 -20.20
C ARG B 51 -38.37 2.49 -19.84
N ILE B 52 -38.71 1.63 -18.89
CA ILE B 52 -37.88 0.50 -18.49
C ILE B 52 -37.71 -0.46 -19.67
N GLU B 53 -36.53 -0.46 -20.30
CA GLU B 53 -36.25 -1.35 -21.43
C GLU B 53 -35.57 -2.62 -20.96
N LYS B 54 -34.73 -2.50 -19.94
CA LYS B 54 -34.00 -3.63 -19.37
C LYS B 54 -34.42 -3.83 -17.92
N PRO B 55 -34.33 -5.07 -17.40
CA PRO B 55 -34.85 -5.33 -16.05
C PRO B 55 -34.04 -4.68 -14.92
N THR B 56 -32.81 -4.23 -15.20
CA THR B 56 -31.97 -3.59 -14.18
C THR B 56 -32.12 -2.04 -14.15
N GLU B 57 -32.90 -1.48 -15.08
CA GLU B 57 -33.11 -0.02 -15.13
C GLU B 57 -34.06 0.54 -14.06
N ILE B 58 -33.80 1.78 -13.65
CA ILE B 58 -34.69 2.57 -12.76
C ILE B 58 -35.04 3.92 -13.41
N ILE B 59 -36.18 4.50 -13.06
CA ILE B 59 -36.53 5.85 -13.51
C ILE B 59 -36.60 6.73 -12.28
N ILE B 60 -35.82 7.82 -12.32
CA ILE B 60 -35.67 8.73 -11.21
C ILE B 60 -36.38 10.02 -11.57
N LYS B 61 -37.16 10.54 -10.62
CA LYS B 61 -37.72 11.88 -10.74
C LYS B 61 -36.67 12.85 -10.22
N VAL B 62 -36.22 13.76 -11.07
CA VAL B 62 -35.09 14.63 -10.74
C VAL B 62 -35.51 15.80 -9.87
N LYS B 63 -34.74 16.01 -8.80
CA LYS B 63 -34.96 17.09 -7.86
C LYS B 63 -33.93 18.21 -8.00
N ALA B 64 -32.67 17.84 -8.22
CA ALA B 64 -31.61 18.83 -8.36
C ALA B 64 -30.60 18.33 -9.36
N CYS B 65 -30.02 19.27 -10.11
CA CYS B 65 -28.92 19.00 -11.03
C CYS B 65 -27.98 20.20 -11.18
N GLY B 66 -26.70 20.02 -10.81
CA GLY B 66 -25.70 21.07 -10.97
C GLY B 66 -25.18 21.22 -12.39
N ILE B 67 -24.84 22.46 -12.76
CA ILE B 67 -24.21 22.72 -14.05
C ILE B 67 -22.70 22.49 -13.91
N CYS B 68 -22.13 21.65 -14.77
CA CYS B 68 -20.70 21.40 -14.71
C CYS B 68 -19.99 22.37 -15.66
N GLY B 69 -18.73 22.67 -15.39
CA GLY B 69 -17.90 23.38 -16.37
C GLY B 69 -17.90 22.71 -17.75
N SER B 70 -18.09 21.39 -17.80
CA SER B 70 -18.17 20.68 -19.07
CA SER B 70 -18.14 20.72 -19.09
C SER B 70 -19.46 21.02 -19.82
N ASP B 71 -20.53 21.32 -19.06
CA ASP B 71 -21.78 21.75 -19.71
C ASP B 71 -21.55 23.10 -20.40
N VAL B 72 -20.91 24.03 -19.69
CA VAL B 72 -20.57 25.33 -20.25
C VAL B 72 -19.75 25.15 -21.56
N HIS B 73 -18.77 24.24 -21.52
CA HIS B 73 -17.85 24.06 -22.64
C HIS B 73 -18.46 23.35 -23.83
N MSE B 74 -19.47 22.52 -23.59
CA MSE B 74 -20.19 21.90 -24.70
C MSE B 74 -21.02 22.96 -25.46
O MSE B 74 -21.12 22.91 -26.66
CB MSE B 74 -21.08 20.76 -24.23
CG MSE B 74 -20.31 19.45 -23.97
SE MSE B 74 -21.46 17.94 -23.51
CE MSE B 74 -21.89 18.38 -21.63
N ALA B 75 -21.58 23.92 -24.73
CA ALA B 75 -22.43 24.93 -25.33
C ALA B 75 -21.67 26.19 -25.82
N GLN B 76 -20.39 26.32 -25.47
CA GLN B 76 -19.57 27.47 -25.86
C GLN B 76 -18.71 27.12 -27.08
N THR B 77 -18.38 28.12 -27.90
CA THR B 77 -17.68 27.90 -29.15
C THR B 77 -16.38 28.69 -29.27
N ASP B 78 -15.47 28.20 -30.12
CA ASP B 78 -14.30 28.99 -30.52
C ASP B 78 -14.76 29.92 -31.64
N GLU B 79 -13.82 30.59 -32.28
CA GLU B 79 -14.13 31.55 -33.37
C GLU B 79 -14.88 30.93 -34.55
N GLU B 80 -14.65 29.65 -34.80
CA GLU B 80 -15.23 28.97 -35.97
C GLU B 80 -16.55 28.28 -35.66
N GLY B 81 -17.03 28.43 -34.42
CA GLY B 81 -18.31 27.86 -33.98
C GLY B 81 -18.25 26.41 -33.50
N TYR B 82 -17.04 25.87 -33.35
CA TYR B 82 -16.82 24.51 -32.79
C TYR B 82 -16.92 24.52 -31.29
N ILE B 83 -17.50 23.47 -30.70
CA ILE B 83 -17.63 23.43 -29.24
C ILE B 83 -16.24 23.41 -28.61
N LEU B 84 -16.15 23.94 -27.40
CA LEU B 84 -14.90 23.97 -26.65
C LEU B 84 -14.62 22.60 -26.05
N TYR B 85 -15.67 21.88 -25.70
CA TYR B 85 -15.49 20.60 -25.02
C TYR B 85 -14.76 19.58 -25.91
N PRO B 86 -13.60 19.09 -25.44
CA PRO B 86 -12.71 18.29 -26.31
C PRO B 86 -13.04 16.78 -26.42
N GLY B 87 -13.90 16.26 -25.54
CA GLY B 87 -14.08 14.81 -25.38
C GLY B 87 -15.31 14.14 -25.99
N LEU B 88 -15.72 13.04 -25.35
CA LEU B 88 -16.80 12.19 -25.85
C LEU B 88 -18.11 12.95 -25.82
N THR B 89 -18.79 12.99 -26.96
CA THR B 89 -20.03 13.72 -27.10
C THR B 89 -20.84 13.06 -28.20
N GLY B 90 -22.12 12.84 -27.92
CA GLY B 90 -23.04 12.19 -28.84
C GLY B 90 -24.29 13.04 -28.86
N PHE B 91 -24.41 13.91 -29.86
CA PHE B 91 -25.54 14.83 -29.90
C PHE B 91 -26.59 14.37 -30.91
N PRO B 92 -27.88 14.71 -30.71
CA PRO B 92 -28.47 15.47 -29.60
C PRO B 92 -28.50 14.71 -28.29
N VAL B 93 -28.45 15.41 -27.17
CA VAL B 93 -28.47 14.75 -25.86
C VAL B 93 -29.15 15.66 -24.86
N THR B 94 -29.76 15.07 -23.85
CA THR B 94 -30.17 15.81 -22.66
C THR B 94 -28.95 15.98 -21.78
N LEU B 95 -28.67 17.22 -21.38
CA LEU B 95 -27.50 17.54 -20.58
C LEU B 95 -27.76 17.28 -19.10
N GLY B 96 -26.71 17.35 -18.29
CA GLY B 96 -26.85 17.32 -16.83
C GLY B 96 -26.45 15.98 -16.26
N HIS B 97 -25.45 15.97 -15.38
CA HIS B 97 -24.96 14.72 -14.83
C HIS B 97 -24.59 14.84 -13.34
N GLU B 98 -24.91 15.98 -12.71
CA GLU B 98 -24.58 16.17 -11.28
C GLU B 98 -25.88 16.23 -10.52
N PHE B 99 -26.50 15.08 -10.28
CA PHE B 99 -27.90 15.11 -9.91
C PHE B 99 -28.30 14.21 -8.75
N SER B 100 -29.50 14.49 -8.23
CA SER B 100 -30.18 13.61 -7.32
C SER B 100 -31.69 13.63 -7.59
N GLY B 101 -32.39 12.64 -7.06
CA GLY B 101 -33.86 12.58 -7.17
C GLY B 101 -34.48 11.42 -6.41
N VAL B 102 -35.75 11.12 -6.72
CA VAL B 102 -36.42 9.96 -6.11
C VAL B 102 -36.73 8.88 -7.13
N VAL B 103 -36.49 7.61 -6.79
CA VAL B 103 -36.85 6.50 -7.68
C VAL B 103 -38.38 6.48 -7.78
N VAL B 104 -38.91 6.44 -9.01
CA VAL B 104 -40.35 6.35 -9.20
C VAL B 104 -40.75 5.05 -9.92
N GLU B 105 -39.74 4.25 -10.29
CA GLU B 105 -39.99 3.01 -10.97
C GLU B 105 -38.69 2.23 -11.12
N ALA B 106 -38.76 0.92 -10.94
CA ALA B 106 -37.59 0.05 -10.93
C ALA B 106 -37.95 -1.27 -11.57
N GLY B 107 -37.16 -1.72 -12.53
CA GLY B 107 -37.37 -3.02 -13.14
C GLY B 107 -37.20 -4.10 -12.08
N PRO B 108 -37.55 -5.36 -12.39
CA PRO B 108 -37.51 -6.41 -11.37
C PRO B 108 -36.08 -6.81 -10.91
N GLU B 109 -35.06 -6.50 -11.72
CA GLU B 109 -33.69 -6.85 -11.36
C GLU B 109 -32.89 -5.64 -10.94
N ALA B 110 -33.57 -4.50 -10.81
CA ALA B 110 -32.96 -3.22 -10.44
C ALA B 110 -32.69 -3.22 -8.96
N ILE B 111 -31.45 -3.54 -8.56
CA ILE B 111 -31.12 -3.66 -7.13
C ILE B 111 -30.51 -2.38 -6.52
N ASN B 112 -30.93 -2.07 -5.30
CA ASN B 112 -30.38 -1.00 -4.46
C ASN B 112 -29.30 -1.62 -3.56
N ARG B 113 -28.05 -1.16 -3.74
CA ARG B 113 -26.94 -1.68 -2.96
C ARG B 113 -27.14 -1.54 -1.44
N ARG B 114 -27.82 -0.49 -1.02
CA ARG B 114 -28.11 -0.28 0.39
C ARG B 114 -28.80 -1.50 1.03
N THR B 115 -29.72 -2.12 0.29
CA THR B 115 -30.55 -3.19 0.84
C THR B 115 -30.26 -4.54 0.18
N ASN B 116 -29.49 -4.54 -0.91
CA ASN B 116 -29.38 -5.69 -1.81
C ASN B 116 -30.76 -6.25 -2.20
N LYS B 117 -31.76 -5.37 -2.26
CA LYS B 117 -33.10 -5.72 -2.76
C LYS B 117 -33.54 -4.77 -3.88
N ARG B 118 -34.57 -5.19 -4.62
CA ARG B 118 -35.18 -4.35 -5.64
C ARG B 118 -35.42 -2.92 -5.12
N PHE B 119 -35.05 -1.94 -5.94
CA PHE B 119 -35.25 -0.53 -5.60
C PHE B 119 -36.70 -0.24 -5.31
N GLU B 120 -36.96 0.39 -4.17
CA GLU B 120 -38.33 0.77 -3.82
C GLU B 120 -38.67 2.21 -4.23
N ILE B 121 -39.93 2.42 -4.61
CA ILE B 121 -40.41 3.73 -4.99
C ILE B 121 -40.25 4.68 -3.81
N GLY B 122 -39.68 5.86 -4.07
CA GLY B 122 -39.53 6.86 -3.03
C GLY B 122 -38.12 7.00 -2.50
N GLU B 123 -37.24 6.05 -2.86
CA GLU B 123 -35.84 6.06 -2.45
C GLU B 123 -35.12 7.29 -3.03
N PRO B 124 -34.49 8.11 -2.15
CA PRO B 124 -33.70 9.21 -2.71
C PRO B 124 -32.32 8.69 -3.13
N VAL B 125 -31.90 9.09 -4.33
CA VAL B 125 -30.68 8.58 -4.96
C VAL B 125 -29.93 9.68 -5.69
N CYS B 126 -28.62 9.48 -5.86
CA CYS B 126 -27.83 10.17 -6.87
C CYS B 126 -27.26 9.07 -7.77
N ALA B 127 -26.56 9.43 -8.83
CA ALA B 127 -25.94 8.40 -9.68
C ALA B 127 -24.63 8.85 -10.29
N GLU B 128 -23.83 7.88 -10.71
CA GLU B 128 -22.56 8.13 -11.38
C GLU B 128 -22.80 8.60 -12.83
N GLU B 129 -21.90 9.45 -13.34
CA GLU B 129 -21.95 9.93 -14.72
C GLU B 129 -21.15 8.99 -15.64
N MSE B 130 -20.18 8.30 -15.07
CA MSE B 130 -19.30 7.42 -15.82
C MSE B 130 -19.99 6.07 -15.92
O MSE B 130 -20.09 5.33 -14.94
CB MSE B 130 -17.98 7.33 -15.07
CG MSE B 130 -16.72 7.32 -15.92
SE MSE B 130 -16.08 9.09 -16.55
CE MSE B 130 -14.14 8.67 -16.44
N LEU B 131 -20.51 5.76 -17.10
CA LEU B 131 -21.30 4.53 -17.27
C LEU B 131 -20.45 3.34 -17.69
N TRP B 132 -19.68 2.82 -16.72
CA TRP B 132 -18.77 1.67 -16.91
C TRP B 132 -19.51 0.38 -17.28
N CYS B 133 -18.86 -0.47 -18.09
CA CYS B 133 -19.52 -1.67 -18.64
C CYS B 133 -19.53 -2.84 -17.67
N GLY B 134 -18.51 -2.94 -16.81
CA GLY B 134 -18.47 -3.99 -15.79
C GLY B 134 -17.83 -5.29 -16.23
N HIS B 135 -17.58 -5.46 -17.53
CA HIS B 135 -16.98 -6.71 -18.03
C HIS B 135 -15.57 -6.61 -18.65
N CYS B 136 -15.07 -5.40 -18.97
CA CYS B 136 -13.78 -5.28 -19.68
C CYS B 136 -12.60 -5.53 -18.73
N ARG B 137 -11.37 -5.55 -19.21
CA ARG B 137 -10.25 -5.89 -18.31
C ARG B 137 -10.03 -4.84 -17.17
N PRO B 138 -10.00 -3.54 -17.51
CA PRO B 138 -9.99 -2.54 -16.42
C PRO B 138 -11.13 -2.69 -15.41
N CYS B 139 -12.39 -2.80 -15.87
CA CYS B 139 -13.51 -3.03 -14.96
C CYS B 139 -13.32 -4.30 -14.11
N ALA B 140 -12.86 -5.38 -14.73
CA ALA B 140 -12.68 -6.65 -14.03
C ALA B 140 -11.53 -6.66 -13.01
N GLU B 141 -10.58 -5.74 -13.18
CA GLU B 141 -9.51 -5.56 -12.20
C GLU B 141 -9.89 -4.52 -11.15
N GLY B 142 -11.06 -3.89 -11.29
CA GLY B 142 -11.54 -2.91 -10.30
C GLY B 142 -11.23 -1.46 -10.61
N PHE B 143 -11.11 -1.12 -11.90
CA PHE B 143 -10.71 0.23 -12.31
C PHE B 143 -11.67 0.81 -13.34
N PRO B 144 -12.94 1.02 -12.92
CA PRO B 144 -14.02 1.39 -13.83
C PRO B 144 -13.83 2.78 -14.45
N ASN B 145 -13.02 3.64 -13.83
CA ASN B 145 -12.75 4.93 -14.46
C ASN B 145 -11.94 4.82 -15.75
N HIS B 146 -11.51 3.61 -16.09
CA HIS B 146 -10.71 3.38 -17.28
C HIS B 146 -11.31 2.28 -18.15
N CYS B 147 -12.63 2.17 -18.04
CA CYS B 147 -13.46 1.26 -18.82
C CYS B 147 -13.16 1.41 -20.32
N GLU B 148 -13.08 0.29 -21.03
CA GLU B 148 -12.79 0.29 -22.47
C GLU B 148 -14.05 0.45 -23.31
N ASN B 149 -15.22 0.44 -22.67
CA ASN B 149 -16.50 0.56 -23.38
C ASN B 149 -17.39 1.57 -22.65
N LEU B 150 -16.83 2.74 -22.32
CA LEU B 150 -17.51 3.75 -21.50
C LEU B 150 -18.60 4.54 -22.25
N ASN B 151 -19.73 4.81 -21.60
CA ASN B 151 -20.66 5.86 -22.03
C ASN B 151 -20.77 6.90 -20.91
N GLU B 152 -21.29 8.07 -21.23
CA GLU B 152 -21.29 9.15 -20.25
C GLU B 152 -22.63 9.88 -20.19
N LEU B 153 -23.24 9.84 -19.01
CA LEU B 153 -24.52 10.49 -18.75
C LEU B 153 -24.39 11.99 -18.99
N GLY B 154 -25.32 12.56 -19.73
CA GLY B 154 -25.25 14.01 -20.08
C GLY B 154 -24.24 14.37 -21.17
N PHE B 155 -23.59 13.36 -21.76
CA PHE B 155 -22.63 13.56 -22.86
C PHE B 155 -23.04 12.82 -24.11
N ASN B 156 -23.30 11.52 -23.99
CA ASN B 156 -23.92 10.77 -25.07
C ASN B 156 -25.12 9.92 -24.65
N VAL B 157 -25.48 9.95 -23.38
CA VAL B 157 -26.68 9.28 -22.88
C VAL B 157 -27.47 10.38 -22.17
N ASP B 158 -28.77 10.49 -22.49
CA ASP B 158 -29.64 11.51 -21.90
C ASP B 158 -29.55 11.61 -20.40
N GLY B 159 -29.36 12.84 -19.96
CA GLY B 159 -29.05 13.16 -18.57
C GLY B 159 -30.18 13.80 -17.83
N ALA B 160 -29.84 14.70 -16.92
CA ALA B 160 -30.70 14.96 -15.77
C ALA B 160 -31.15 16.41 -15.61
N PHE B 161 -30.87 17.26 -16.60
CA PHE B 161 -31.58 18.54 -16.67
C PHE B 161 -32.90 18.20 -17.34
N ALA B 162 -33.80 17.59 -16.55
CA ALA B 162 -35.04 16.97 -17.05
C ALA B 162 -35.95 16.71 -15.85
N GLU B 163 -37.19 16.28 -16.12
CA GLU B 163 -38.12 15.98 -15.03
C GLU B 163 -37.84 14.57 -14.53
N TYR B 164 -37.45 13.70 -15.47
CA TYR B 164 -37.13 12.30 -15.19
C TYR B 164 -35.86 11.89 -15.94
N VAL B 165 -35.12 10.96 -15.37
CA VAL B 165 -33.97 10.38 -16.05
C VAL B 165 -33.96 8.87 -15.73
N LYS B 166 -33.70 8.08 -16.76
CA LYS B 166 -33.49 6.64 -16.61
C LYS B 166 -32.00 6.29 -16.59
N VAL B 167 -31.60 5.43 -15.65
CA VAL B 167 -30.24 4.90 -15.59
C VAL B 167 -30.28 3.46 -15.14
N ASP B 168 -29.21 2.72 -15.39
CA ASP B 168 -29.10 1.39 -14.80
C ASP B 168 -28.93 1.48 -13.28
N ALA B 169 -29.59 0.60 -12.54
CA ALA B 169 -29.49 0.60 -11.05
C ALA B 169 -28.07 0.51 -10.53
N LYS B 170 -27.20 -0.13 -11.30
CA LYS B 170 -25.83 -0.31 -10.86
C LYS B 170 -25.06 1.01 -10.76
N TYR B 171 -25.62 2.09 -11.30
CA TYR B 171 -24.98 3.41 -11.13
C TYR B 171 -25.55 4.27 -10.01
N ALA B 172 -26.67 3.84 -9.44
CA ALA B 172 -27.39 4.66 -8.45
C ALA B 172 -26.92 4.33 -7.03
N TRP B 173 -26.85 5.35 -6.18
CA TRP B 173 -26.42 5.22 -4.78
C TRP B 173 -27.45 5.91 -3.89
N SER B 174 -27.82 5.24 -2.80
CA SER B 174 -28.83 5.77 -1.89
C SER B 174 -28.38 7.00 -1.12
N LEU B 175 -29.28 7.96 -0.97
CA LEU B 175 -29.08 9.13 -0.11
C LEU B 175 -29.83 9.02 1.22
N ARG B 176 -30.27 7.81 1.55
CA ARG B 176 -31.05 7.62 2.77
C ARG B 176 -30.37 8.20 4.03
N GLU B 177 -29.04 8.10 4.11
CA GLU B 177 -28.26 8.59 5.26
C GLU B 177 -28.33 10.11 5.46
N LEU B 178 -28.64 10.82 4.39
CA LEU B 178 -28.82 12.27 4.47
C LEU B 178 -30.14 12.65 5.17
N GLU B 179 -31.12 11.73 5.18
CA GLU B 179 -32.43 12.03 5.80
C GLU B 179 -32.29 12.40 7.27
N GLY B 180 -32.82 13.56 7.64
CA GLY B 180 -32.73 14.04 9.03
C GLY B 180 -31.41 14.74 9.33
N VAL B 181 -30.58 14.87 8.30
CA VAL B 181 -29.38 15.71 8.39
C VAL B 181 -29.59 16.92 7.47
N TYR B 182 -30.18 16.70 6.30
CA TYR B 182 -30.47 17.75 5.34
C TYR B 182 -31.99 17.74 5.10
N GLU B 183 -32.68 18.75 5.59
CA GLU B 183 -34.14 18.71 5.52
C GLU B 183 -34.66 19.22 4.20
N GLY B 184 -35.71 18.57 3.69
CA GLY B 184 -36.36 18.98 2.44
C GLY B 184 -35.43 19.01 1.24
N ASP B 185 -35.48 20.10 0.48
CA ASP B 185 -34.70 20.24 -0.76
C ASP B 185 -33.18 20.13 -0.57
N ARG B 186 -32.72 20.52 0.61
CA ARG B 186 -31.29 20.46 0.96
C ARG B 186 -30.69 19.07 0.85
N LEU B 187 -31.50 18.04 1.07
CA LEU B 187 -31.01 16.68 0.84
C LEU B 187 -30.60 16.54 -0.63
N PHE B 188 -31.47 17.02 -1.52
CA PHE B 188 -31.28 16.81 -2.96
C PHE B 188 -30.17 17.71 -3.53
N LEU B 189 -30.03 18.90 -2.97
CA LEU B 189 -28.89 19.75 -3.26
C LEU B 189 -27.60 19.03 -2.85
N ALA B 190 -27.55 18.52 -1.61
CA ALA B 190 -26.38 17.78 -1.14
C ALA B 190 -26.08 16.61 -2.09
N GLY B 191 -27.13 15.88 -2.46
CA GLY B 191 -27.02 14.73 -3.36
C GLY B 191 -26.42 15.08 -4.71
N SER B 192 -26.75 16.27 -5.22
CA SER B 192 -26.31 16.71 -6.56
C SER B 192 -24.84 17.12 -6.57
N LEU B 193 -24.22 17.20 -5.41
CA LEU B 193 -22.82 17.56 -5.29
C LEU B 193 -21.93 16.34 -5.10
N VAL B 194 -22.52 15.15 -5.05
CA VAL B 194 -21.76 13.90 -4.78
C VAL B 194 -20.79 13.59 -5.94
N GLU B 195 -21.27 13.75 -7.17
CA GLU B 195 -20.41 13.48 -8.36
C GLU B 195 -19.12 14.35 -8.41
N PRO B 196 -19.24 15.69 -8.33
CA PRO B 196 -18.00 16.49 -8.33
C PRO B 196 -17.14 16.34 -7.04
N THR B 197 -17.78 16.10 -5.90
CA THR B 197 -17.03 15.82 -4.65
C THR B 197 -16.30 14.47 -4.81
N SER B 198 -16.93 13.54 -5.50
CA SER B 198 -16.32 12.23 -5.73
C SER B 198 -15.16 12.31 -6.72
N VAL B 199 -15.21 13.26 -7.64
CA VAL B 199 -14.06 13.52 -8.53
C VAL B 199 -12.85 13.94 -7.69
N ALA B 200 -13.11 14.84 -6.74
CA ALA B 200 -12.08 15.36 -5.86
C ALA B 200 -11.60 14.22 -4.94
N TYR B 201 -12.55 13.47 -4.38
CA TYR B 201 -12.24 12.31 -3.55
C TYR B 201 -11.34 11.29 -4.28
N ASN B 202 -11.76 10.88 -5.47
CA ASN B 202 -10.94 9.95 -6.26
C ASN B 202 -9.51 10.51 -6.42
N ALA B 203 -9.40 11.82 -6.68
CA ALA B 203 -8.10 12.45 -6.88
C ALA B 203 -7.20 12.47 -5.62
N VAL B 204 -7.77 12.83 -4.47
CA VAL B 204 -6.94 13.02 -3.27
C VAL B 204 -6.83 11.78 -2.39
N ILE B 205 -7.91 10.98 -2.36
CA ILE B 205 -7.91 9.80 -1.52
C ILE B 205 -7.43 8.57 -2.29
N VAL B 206 -8.12 8.24 -3.39
CA VAL B 206 -7.76 7.05 -4.16
C VAL B 206 -6.42 7.20 -4.92
N ARG B 207 -6.37 8.12 -5.89
CA ARG B 207 -5.14 8.30 -6.68
C ARG B 207 -4.02 8.97 -5.88
N GLY B 208 -4.37 10.04 -5.17
CA GLY B 208 -3.44 10.76 -4.30
C GLY B 208 -2.81 9.90 -3.22
N GLY B 209 -3.55 8.92 -2.74
CA GLY B 209 -3.08 8.06 -1.65
C GLY B 209 -3.46 8.62 -0.29
N GLY B 210 -4.23 9.70 -0.28
CA GLY B 210 -4.69 10.31 0.96
C GLY B 210 -3.53 10.80 1.81
N ILE B 211 -3.79 11.05 3.09
CA ILE B 211 -2.80 11.55 4.02
C ILE B 211 -2.92 10.80 5.34
N ARG B 212 -1.92 10.98 6.19
CA ARG B 212 -2.03 10.69 7.61
C ARG B 212 -2.44 11.96 8.34
N PRO B 213 -3.32 11.83 9.32
CA PRO B 213 -3.76 13.07 10.02
C PRO B 213 -2.53 13.78 10.58
N GLY B 214 -2.50 15.10 10.45
CA GLY B 214 -1.32 15.88 10.83
C GLY B 214 -0.51 16.37 9.65
N ASP B 215 -0.67 15.73 8.50
CA ASP B 215 -0.08 16.18 7.23
C ASP B 215 -0.64 17.55 6.80
N ASN B 216 0.15 18.26 5.99
CA ASN B 216 -0.32 19.47 5.28
C ASN B 216 -0.65 19.15 3.84
N VAL B 217 -1.62 19.88 3.29
CA VAL B 217 -1.97 19.76 1.88
C VAL B 217 -2.07 21.13 1.24
N VAL B 218 -1.83 21.21 -0.08
CA VAL B 218 -1.97 22.45 -0.83
C VAL B 218 -2.83 22.19 -2.05
N ILE B 219 -3.89 22.97 -2.19
CA ILE B 219 -4.77 22.85 -3.35
C ILE B 219 -4.64 24.07 -4.25
N LEU B 220 -4.41 23.81 -5.53
CA LEU B 220 -4.30 24.86 -6.52
C LEU B 220 -5.50 24.83 -7.41
N GLY B 221 -6.32 25.88 -7.31
CA GLY B 221 -7.59 25.97 -8.04
C GLY B 221 -8.75 25.83 -7.09
N GLY B 222 -9.62 26.84 -7.08
CA GLY B 222 -10.74 26.88 -6.15
C GLY B 222 -12.09 26.76 -6.83
N GLY B 223 -12.13 26.02 -7.93
CA GLY B 223 -13.41 25.62 -8.52
C GLY B 223 -14.05 24.54 -7.63
N PRO B 224 -15.21 24.01 -8.05
CA PRO B 224 -15.89 22.95 -7.32
C PRO B 224 -14.97 21.80 -6.86
N ILE B 225 -14.08 21.33 -7.73
CA ILE B 225 -13.23 20.20 -7.39
C ILE B 225 -12.21 20.58 -6.30
N GLY B 226 -11.54 21.72 -6.48
CA GLY B 226 -10.59 22.22 -5.48
C GLY B 226 -11.28 22.47 -4.15
N LEU B 227 -12.51 22.96 -4.20
CA LEU B 227 -13.24 23.27 -2.99
C LEU B 227 -13.63 21.98 -2.24
N ALA B 228 -14.07 20.97 -2.98
CA ALA B 228 -14.39 19.68 -2.38
C ALA B 228 -13.12 19.06 -1.77
N ALA B 229 -11.98 19.24 -2.43
CA ALA B 229 -10.72 18.76 -1.89
C ALA B 229 -10.44 19.41 -0.54
N VAL B 230 -10.72 20.71 -0.42
CA VAL B 230 -10.52 21.42 0.85
C VAL B 230 -11.25 20.71 1.98
N ALA B 231 -12.55 20.50 1.79
CA ALA B 231 -13.42 19.90 2.79
C ALA B 231 -13.01 18.44 3.08
N ILE B 232 -12.77 17.67 2.03
CA ILE B 232 -12.34 16.29 2.19
C ILE B 232 -11.06 16.18 3.01
N LEU B 233 -10.06 16.99 2.68
CA LEU B 233 -8.76 16.84 3.32
C LEU B 233 -8.73 17.42 4.75
N LYS B 234 -9.56 18.44 5.01
CA LYS B 234 -9.74 18.89 6.39
C LYS B 234 -10.38 17.74 7.20
N HIS B 235 -11.40 17.11 6.62
CA HIS B 235 -12.03 15.97 7.28
C HIS B 235 -11.08 14.76 7.42
N ALA B 236 -10.13 14.60 6.51
CA ALA B 236 -9.10 13.55 6.59
C ALA B 236 -8.03 13.83 7.64
N GLY B 237 -8.09 15.01 8.26
CA GLY B 237 -7.17 15.32 9.36
C GLY B 237 -5.93 16.11 9.01
N ALA B 238 -5.95 16.81 7.88
CA ALA B 238 -4.88 17.73 7.52
C ALA B 238 -4.69 18.81 8.60
N SER B 239 -3.45 18.99 9.00
CA SER B 239 -3.14 19.97 10.02
C SER B 239 -3.24 21.39 9.38
N LYS B 240 -2.66 21.57 8.20
CA LYS B 240 -2.83 22.79 7.43
C LYS B 240 -3.35 22.47 6.02
N VAL B 241 -4.47 23.09 5.68
CA VAL B 241 -5.05 23.03 4.33
C VAL B 241 -4.95 24.42 3.72
N ILE B 242 -4.13 24.53 2.68
CA ILE B 242 -3.86 25.81 2.02
C ILE B 242 -4.41 25.75 0.60
N LEU B 243 -5.24 26.73 0.24
CA LEU B 243 -5.71 26.84 -1.13
C LEU B 243 -5.22 28.11 -1.79
N SER B 244 -4.72 27.96 -3.02
CA SER B 244 -4.24 29.07 -3.86
C SER B 244 -5.24 29.29 -4.98
N GLU B 245 -5.77 30.50 -5.07
CA GLU B 245 -6.89 30.82 -5.97
C GLU B 245 -7.07 32.33 -6.15
N PRO B 246 -6.95 32.81 -7.41
CA PRO B 246 -7.15 34.23 -7.76
C PRO B 246 -8.51 34.79 -7.33
N SER B 247 -9.59 34.03 -7.49
CA SER B 247 -10.95 34.50 -7.23
C SER B 247 -11.25 34.67 -5.74
N GLU B 248 -11.74 35.86 -5.36
CA GLU B 248 -11.99 36.14 -3.96
C GLU B 248 -13.18 35.35 -3.40
N VAL B 249 -14.26 35.25 -4.16
CA VAL B 249 -15.42 34.49 -3.69
C VAL B 249 -15.02 33.03 -3.44
N ARG B 250 -14.17 32.47 -4.30
CA ARG B 250 -13.71 31.10 -4.09
C ARG B 250 -12.81 30.95 -2.85
N ARG B 251 -11.92 31.92 -2.63
CA ARG B 251 -11.06 31.89 -1.43
C ARG B 251 -11.89 31.95 -0.16
N ASN B 252 -12.90 32.81 -0.17
CA ASN B 252 -13.84 32.93 0.96
C ASN B 252 -14.65 31.65 1.22
N LEU B 253 -15.12 31.02 0.14
CA LEU B 253 -15.77 29.71 0.24
C LEU B 253 -14.85 28.64 0.82
N ALA B 254 -13.61 28.62 0.36
CA ALA B 254 -12.61 27.69 0.85
C ALA B 254 -12.44 27.83 2.35
N LYS B 255 -12.47 29.07 2.84
CA LYS B 255 -12.44 29.30 4.29
C LYS B 255 -13.65 28.71 5.01
N GLU B 256 -14.84 28.86 4.43
CA GLU B 256 -16.01 28.25 5.02
C GLU B 256 -15.89 26.74 5.04
N LEU B 257 -15.22 26.16 4.04
CA LEU B 257 -15.05 24.71 3.95
C LEU B 257 -13.95 24.15 4.84
N GLY B 258 -13.20 25.04 5.49
CA GLY B 258 -12.15 24.64 6.42
C GLY B 258 -10.71 24.91 6.05
N ALA B 259 -10.43 25.51 4.89
CA ALA B 259 -9.04 25.91 4.58
C ALA B 259 -8.49 26.75 5.73
N ASP B 260 -7.26 26.46 6.15
CA ASP B 260 -6.59 27.20 7.21
C ASP B 260 -5.94 28.49 6.66
N HIS B 261 -5.55 28.47 5.39
CA HIS B 261 -4.92 29.61 4.74
C HIS B 261 -5.34 29.61 3.28
N VAL B 262 -5.49 30.80 2.72
CA VAL B 262 -5.83 30.98 1.32
C VAL B 262 -4.86 32.00 0.73
N ILE B 263 -4.41 31.75 -0.49
CA ILE B 263 -3.41 32.58 -1.14
C ILE B 263 -4.02 33.12 -2.41
N ASP B 264 -3.86 34.42 -2.64
CA ASP B 264 -4.10 35.02 -3.95
C ASP B 264 -2.76 35.08 -4.71
N PRO B 265 -2.55 34.14 -5.64
CA PRO B 265 -1.23 34.00 -6.26
C PRO B 265 -0.84 35.15 -7.20
N THR B 266 -1.80 36.03 -7.53
CA THR B 266 -1.51 37.22 -8.33
C THR B 266 -1.10 38.41 -7.45
N LYS B 267 -1.29 38.30 -6.14
CA LYS B 267 -0.94 39.41 -5.25
C LYS B 267 0.00 38.99 -4.13
N GLU B 268 0.18 37.68 -3.96
CA GLU B 268 1.13 37.15 -2.96
C GLU B 268 2.12 36.20 -3.64
N ASN B 269 3.30 36.03 -3.05
CA ASN B 269 4.25 35.00 -3.51
C ASN B 269 3.81 33.61 -3.01
N PHE B 270 3.33 32.76 -3.92
CA PHE B 270 2.80 31.42 -3.58
C PHE B 270 3.85 30.59 -2.83
N VAL B 271 5.04 30.50 -3.42
CA VAL B 271 6.11 29.71 -2.86
C VAL B 271 6.41 30.15 -1.43
N GLU B 272 6.59 31.46 -1.23
CA GLU B 272 6.94 31.95 0.10
C GLU B 272 5.82 31.77 1.10
N ALA B 273 4.57 31.98 0.68
CA ALA B 273 3.46 31.88 1.60
C ALA B 273 3.32 30.43 2.09
N VAL B 274 3.35 29.50 1.14
CA VAL B 274 3.23 28.09 1.48
C VAL B 274 4.34 27.65 2.46
N LEU B 275 5.57 28.04 2.19
CA LEU B 275 6.69 27.66 3.07
C LEU B 275 6.56 28.32 4.42
N ASP B 276 6.10 29.56 4.45
CA ASP B 276 5.89 30.27 5.71
C ASP B 276 4.77 29.60 6.49
N TYR B 277 3.66 29.33 5.82
CA TYR B 277 2.50 28.73 6.48
C TYR B 277 2.77 27.33 7.06
N THR B 278 3.71 26.58 6.47
CA THR B 278 4.00 25.22 6.90
C THR B 278 5.31 25.13 7.69
N ASN B 279 5.82 26.29 8.11
CA ASN B 279 7.09 26.41 8.83
C ASN B 279 8.22 25.67 8.16
N GLY B 280 8.28 25.75 6.83
CA GLY B 280 9.34 25.13 6.07
C GLY B 280 9.12 23.64 5.81
N LEU B 281 8.03 23.08 6.34
CA LEU B 281 7.77 21.65 6.15
C LEU B 281 7.21 21.33 4.75
N GLY B 282 6.48 22.27 4.15
CA GLY B 282 5.83 21.99 2.86
C GLY B 282 4.62 21.09 3.07
N ALA B 283 4.27 20.29 2.06
CA ALA B 283 3.02 19.52 2.11
C ALA B 283 3.21 18.09 1.64
N LYS B 284 2.33 17.20 2.13
CA LYS B 284 2.35 15.79 1.72
C LYS B 284 1.67 15.65 0.37
N LEU B 285 0.71 16.51 0.10
CA LEU B 285 -0.09 16.39 -1.12
C LEU B 285 -0.40 17.77 -1.73
N PHE B 286 -0.20 17.87 -3.04
CA PHE B 286 -0.56 19.03 -3.84
C PHE B 286 -1.60 18.55 -4.84
N LEU B 287 -2.70 19.28 -4.95
CA LEU B 287 -3.71 18.97 -5.94
C LEU B 287 -3.68 20.08 -6.99
N GLU B 288 -3.34 19.70 -8.21
CA GLU B 288 -3.31 20.61 -9.34
C GLU B 288 -4.70 20.57 -9.96
N ALA B 289 -5.51 21.57 -9.61
CA ALA B 289 -6.86 21.68 -10.19
C ALA B 289 -7.07 23.01 -10.93
N THR B 290 -5.99 23.64 -11.39
CA THR B 290 -6.10 24.91 -12.12
C THR B 290 -6.37 24.73 -13.61
N GLY B 291 -5.77 23.71 -14.21
CA GLY B 291 -5.87 23.54 -15.67
C GLY B 291 -4.77 24.28 -16.41
N VAL B 292 -3.98 25.05 -15.66
CA VAL B 292 -2.80 25.71 -16.21
C VAL B 292 -1.52 25.20 -15.53
N PRO B 293 -1.30 23.86 -15.54
CA PRO B 293 -0.18 23.28 -14.79
C PRO B 293 1.19 23.79 -15.24
N GLN B 294 1.37 23.99 -16.55
CA GLN B 294 2.59 24.57 -17.08
C GLN B 294 2.91 25.92 -16.44
N LEU B 295 1.89 26.63 -15.96
CA LEU B 295 2.12 27.92 -15.29
C LEU B 295 2.37 27.78 -13.78
N VAL B 296 1.77 26.80 -13.13
CA VAL B 296 1.93 26.64 -11.67
C VAL B 296 2.99 25.61 -11.28
N TRP B 297 3.46 24.83 -12.25
CA TRP B 297 4.36 23.71 -12.00
C TRP B 297 5.72 24.14 -11.43
N PRO B 298 6.33 25.19 -12.02
CA PRO B 298 7.59 25.63 -11.41
C PRO B 298 7.43 26.03 -9.94
N GLN B 299 6.30 26.64 -9.58
CA GLN B 299 6.04 27.01 -8.21
C GLN B 299 5.88 25.80 -7.28
N ILE B 300 5.16 24.79 -7.76
CA ILE B 300 4.97 23.56 -7.01
C ILE B 300 6.31 22.90 -6.77
N GLU B 301 7.13 22.85 -7.82
CA GLU B 301 8.45 22.22 -7.70
C GLU B 301 9.34 22.96 -6.73
N GLU B 302 9.25 24.29 -6.72
CA GLU B 302 10.10 25.08 -5.84
C GLU B 302 9.78 24.85 -4.35
N VAL B 303 8.49 24.73 -4.03
CA VAL B 303 8.03 24.30 -2.70
C VAL B 303 8.56 22.91 -2.33
N ILE B 304 8.37 21.93 -3.23
CA ILE B 304 8.83 20.56 -2.96
C ILE B 304 10.35 20.53 -2.71
N TRP B 305 11.07 21.28 -3.56
CA TRP B 305 12.50 21.40 -3.48
C TRP B 305 12.97 22.00 -2.17
N ARG B 306 12.38 23.12 -1.74
CA ARG B 306 12.84 23.84 -0.54
C ARG B 306 12.30 23.28 0.77
N ALA B 307 11.17 22.59 0.69
CA ALA B 307 10.49 22.10 1.88
C ALA B 307 11.31 20.99 2.51
N ARG B 308 11.21 20.88 3.83
CA ARG B 308 11.92 19.82 4.53
C ARG B 308 11.19 18.47 4.52
N GLY B 309 9.87 18.51 4.34
CA GLY B 309 9.09 17.30 4.13
C GLY B 309 9.52 16.60 2.84
N ILE B 310 9.33 15.28 2.82
CA ILE B 310 9.59 14.43 1.68
C ILE B 310 8.31 13.64 1.36
N ASN B 311 8.35 12.79 0.34
CA ASN B 311 7.19 11.97 -0.01
C ASN B 311 5.96 12.71 -0.51
N ALA B 312 6.14 13.93 -1.02
CA ALA B 312 5.02 14.70 -1.52
C ALA B 312 4.49 14.03 -2.78
N THR B 313 3.18 14.08 -2.92
CA THR B 313 2.51 13.62 -4.12
C THR B 313 1.87 14.84 -4.78
N VAL B 314 2.01 14.94 -6.10
CA VAL B 314 1.29 15.92 -6.89
C VAL B 314 0.24 15.15 -7.70
N ALA B 315 -1.02 15.41 -7.39
CA ALA B 315 -2.13 14.78 -8.11
C ALA B 315 -2.66 15.79 -9.12
N ILE B 316 -2.64 15.41 -10.40
CA ILE B 316 -3.13 16.27 -11.48
C ILE B 316 -4.55 15.86 -11.85
N VAL B 317 -5.52 16.72 -11.55
CA VAL B 317 -6.93 16.38 -11.82
C VAL B 317 -7.56 17.22 -12.94
N ALA B 318 -7.13 18.46 -13.12
CA ALA B 318 -7.73 19.30 -14.19
C ALA B 318 -7.15 18.89 -15.55
N ARG B 319 -7.91 19.15 -16.60
CA ARG B 319 -7.44 18.84 -17.93
C ARG B 319 -6.73 20.07 -18.46
N ALA B 320 -5.57 19.86 -19.09
CA ALA B 320 -4.91 20.88 -19.90
C ALA B 320 -4.31 20.29 -21.17
N ASP B 321 -4.02 21.13 -22.14
CA ASP B 321 -3.30 20.65 -23.31
C ASP B 321 -1.78 20.82 -23.20
N ALA B 322 -1.36 22.00 -22.75
CA ALA B 322 0.06 22.38 -22.70
C ALA B 322 0.91 21.40 -21.90
N LYS B 323 2.18 21.25 -22.30
CA LYS B 323 3.11 20.33 -21.66
C LYS B 323 3.60 20.83 -20.31
N ILE B 324 3.83 19.92 -19.39
CA ILE B 324 4.34 20.28 -18.08
C ILE B 324 5.88 20.27 -18.07
N PRO B 325 6.48 21.38 -17.61
CA PRO B 325 7.93 21.52 -17.50
C PRO B 325 8.46 20.73 -16.29
N LEU B 326 8.54 19.41 -16.43
CA LEU B 326 8.96 18.55 -15.32
C LEU B 326 10.49 18.49 -15.14
N THR B 327 10.93 18.80 -13.92
CA THR B 327 12.34 18.66 -13.51
C THR B 327 12.48 17.34 -12.74
N GLY B 328 12.99 16.31 -13.42
CA GLY B 328 13.16 14.97 -12.82
C GLY B 328 13.86 15.02 -11.47
N GLU B 329 14.92 15.81 -11.40
CA GLU B 329 15.75 15.95 -10.20
C GLU B 329 14.96 16.33 -8.94
N VAL B 330 13.97 17.21 -9.09
CA VAL B 330 13.19 17.62 -7.92
C VAL B 330 12.52 16.40 -7.27
N PHE B 331 11.97 15.51 -8.09
CA PHE B 331 11.23 14.36 -7.60
C PHE B 331 12.17 13.27 -7.05
N GLN B 332 13.34 13.13 -7.68
CA GLN B 332 14.37 12.23 -7.17
C GLN B 332 14.88 12.65 -5.78
N VAL B 333 15.24 13.91 -5.65
CA VAL B 333 15.91 14.39 -4.44
C VAL B 333 14.96 14.54 -3.25
N ARG B 334 13.70 14.82 -3.52
CA ARG B 334 12.73 15.02 -2.43
C ARG B 334 11.77 13.82 -2.22
N ARG B 335 12.09 12.70 -2.87
CA ARG B 335 11.34 11.45 -2.76
C ARG B 335 9.85 11.72 -3.06
N ALA B 336 9.58 12.40 -4.16
CA ALA B 336 8.21 12.84 -4.48
C ALA B 336 7.67 12.08 -5.69
N GLN B 337 6.37 12.19 -5.95
CA GLN B 337 5.78 11.49 -7.08
C GLN B 337 4.58 12.25 -7.66
N ILE B 338 4.21 11.85 -8.87
CA ILE B 338 3.15 12.49 -9.61
C ILE B 338 2.15 11.44 -10.04
N VAL B 339 0.87 11.66 -9.74
CA VAL B 339 -0.22 10.80 -10.20
C VAL B 339 -1.27 11.61 -11.00
N GLY B 340 -1.82 11.01 -12.04
CA GLY B 340 -2.95 11.60 -12.75
C GLY B 340 -4.21 11.06 -12.13
N SER B 341 -5.31 11.80 -12.19
CA SER B 341 -6.60 11.28 -11.76
C SER B 341 -7.65 11.62 -12.79
N GLN B 342 -8.67 10.75 -12.89
CA GLN B 342 -9.89 11.06 -13.62
C GLN B 342 -11.08 10.25 -13.09
N GLY B 343 -12.25 10.85 -13.15
CA GLY B 343 -13.50 10.19 -12.84
C GLY B 343 -13.77 10.08 -11.35
N HIS B 344 -14.87 9.39 -11.04
CA HIS B 344 -15.46 9.41 -9.71
C HIS B 344 -16.03 8.02 -9.35
N SER B 345 -15.91 7.08 -10.28
CA SER B 345 -16.45 5.72 -10.12
C SER B 345 -15.51 4.79 -9.34
N GLY B 346 -16.07 3.68 -8.87
CA GLY B 346 -15.31 2.61 -8.24
C GLY B 346 -14.82 2.91 -6.84
N HIS B 347 -14.14 1.91 -6.26
CA HIS B 347 -13.45 2.03 -4.96
C HIS B 347 -14.33 2.44 -3.78
N GLY B 348 -15.64 2.35 -3.95
CA GLY B 348 -16.59 2.77 -2.90
C GLY B 348 -16.47 4.25 -2.60
N THR B 349 -16.11 5.02 -3.61
CA THR B 349 -15.96 6.46 -3.46
C THR B 349 -17.31 7.15 -3.27
N PHE B 350 -18.29 6.87 -4.14
CA PHE B 350 -19.63 7.45 -3.98
C PHE B 350 -20.21 7.26 -2.57
N PRO B 351 -20.30 5.99 -2.08
CA PRO B 351 -20.93 5.82 -0.77
C PRO B 351 -20.16 6.51 0.36
N ARG B 352 -18.83 6.49 0.31
CA ARG B 352 -18.07 7.14 1.37
C ARG B 352 -18.30 8.65 1.37
N VAL B 353 -18.44 9.25 0.19
CA VAL B 353 -18.70 10.68 0.10
C VAL B 353 -20.07 10.93 0.70
N ILE B 354 -21.06 10.10 0.36
CA ILE B 354 -22.42 10.27 0.92
C ILE B 354 -22.38 10.19 2.47
N SER B 355 -21.63 9.20 3.00
CA SER B 355 -21.48 9.03 4.46
C SER B 355 -20.82 10.23 5.10
N LEU B 356 -19.80 10.74 4.41
CA LEU B 356 -19.05 11.88 4.89
C LEU B 356 -19.96 13.13 4.95
N MSE B 357 -20.78 13.30 3.91
CA MSE B 357 -21.81 14.33 3.93
C MSE B 357 -22.79 14.13 5.08
O MSE B 357 -23.09 15.09 5.80
CB MSE B 357 -22.56 14.35 2.60
CG MSE B 357 -21.79 14.98 1.48
SE MSE B 357 -22.96 15.13 -0.07
CE MSE B 357 -21.63 15.86 -1.34
N ALA B 358 -23.25 12.89 5.27
CA ALA B 358 -24.17 12.56 6.36
C ALA B 358 -23.58 12.92 7.72
N SER B 359 -22.25 12.81 7.84
CA SER B 359 -21.65 12.96 9.14
C SER B 359 -21.22 14.38 9.45
N GLY B 360 -21.62 15.32 8.59
CA GLY B 360 -21.32 16.72 8.81
C GLY B 360 -20.67 17.51 7.66
N MSE B 361 -20.18 16.84 6.62
CA MSE B 361 -19.44 17.58 5.60
C MSE B 361 -20.40 18.25 4.62
O MSE B 361 -20.88 17.62 3.68
CB MSE B 361 -18.41 16.71 4.86
CG MSE B 361 -17.49 17.52 3.90
SE MSE B 361 -16.23 16.40 2.89
CE MSE B 361 -17.48 15.84 1.52
N ASP B 362 -20.68 19.54 4.85
CA ASP B 362 -21.69 20.25 4.06
C ASP B 362 -21.13 20.97 2.83
N MSE B 363 -21.34 20.38 1.67
CA MSE B 363 -20.83 20.95 0.42
C MSE B 363 -21.84 21.93 -0.17
O MSE B 363 -21.47 22.70 -1.07
CB MSE B 363 -20.55 19.85 -0.62
CG MSE B 363 -19.39 18.94 -0.27
SE MSE B 363 -17.69 19.90 -0.17
CE MSE B 363 -17.74 20.82 -1.90
N THR B 364 -23.08 21.94 0.31
CA THR B 364 -24.10 22.81 -0.29
C THR B 364 -23.71 24.28 -0.18
N LYS B 365 -22.77 24.58 0.70
CA LYS B 365 -22.24 25.93 0.84
C LYS B 365 -21.75 26.53 -0.47
N ILE B 366 -21.30 25.70 -1.41
CA ILE B 366 -20.71 26.22 -2.64
C ILE B 366 -21.75 26.60 -3.70
N ILE B 367 -23.00 26.18 -3.51
CA ILE B 367 -24.08 26.54 -4.44
C ILE B 367 -24.38 28.04 -4.39
N SER B 368 -24.01 28.75 -5.45
CA SER B 368 -24.25 30.20 -5.49
C SER B 368 -25.72 30.51 -5.73
N LYS B 369 -26.41 29.68 -6.52
CA LYS B 369 -27.74 30.00 -6.97
C LYS B 369 -28.46 28.73 -7.39
N THR B 370 -29.70 28.57 -6.94
CA THR B 370 -30.57 27.57 -7.51
C THR B 370 -31.53 28.25 -8.47
N VAL B 371 -31.90 27.54 -9.54
CA VAL B 371 -32.75 28.07 -10.61
C VAL B 371 -33.70 26.99 -11.13
N SER B 372 -34.72 27.40 -11.87
CA SER B 372 -35.65 26.43 -12.46
C SER B 372 -35.06 25.79 -13.72
N MSE B 373 -35.62 24.66 -14.17
CA MSE B 373 -35.16 24.03 -15.41
C MSE B 373 -35.17 25.00 -16.59
O MSE B 373 -34.29 24.97 -17.47
CB MSE B 373 -36.01 22.81 -15.74
CG MSE B 373 -35.53 22.08 -16.98
SE MSE B 373 -36.70 20.68 -17.60
CE MSE B 373 -38.32 21.74 -17.97
N GLU B 374 -36.17 25.88 -16.62
N GLU B 374 -36.18 25.87 -16.60
CA GLU B 374 -36.34 26.86 -17.70
CA GLU B 374 -36.38 26.86 -17.65
C GLU B 374 -35.18 27.86 -17.77
C GLU B 374 -35.23 27.89 -17.75
N GLU B 375 -34.58 28.20 -16.63
CA GLU B 375 -33.49 29.18 -16.58
C GLU B 375 -32.11 28.58 -16.84
N ILE B 376 -32.06 27.27 -17.05
CA ILE B 376 -30.78 26.54 -17.21
C ILE B 376 -29.99 26.96 -18.49
N PRO B 377 -30.66 27.00 -19.67
CA PRO B 377 -29.98 27.56 -20.87
C PRO B 377 -29.39 28.97 -20.64
N GLU B 378 -30.10 29.84 -19.94
CA GLU B 378 -29.61 31.18 -19.64
C GLU B 378 -28.32 31.12 -18.83
N TYR B 379 -28.33 30.30 -17.78
CA TYR B 379 -27.17 30.22 -16.91
C TYR B 379 -25.97 29.51 -17.54
N ILE B 380 -26.24 28.52 -18.38
CA ILE B 380 -25.18 27.84 -19.13
C ILE B 380 -24.39 28.84 -20.01
N LYS B 381 -25.11 29.73 -20.69
CA LYS B 381 -24.51 30.82 -21.44
C LYS B 381 -23.83 31.86 -20.52
N ARG B 382 -24.52 32.26 -19.45
CA ARG B 382 -23.99 33.24 -18.52
C ARG B 382 -22.67 32.81 -17.86
N LEU B 383 -22.54 31.51 -17.61
CA LEU B 383 -21.32 30.97 -17.00
C LEU B 383 -20.09 31.07 -17.90
N GLN B 384 -20.26 31.43 -19.18
CA GLN B 384 -19.12 31.69 -20.06
C GLN B 384 -18.30 32.89 -19.60
N THR B 385 -18.93 33.88 -19.01
CA THR B 385 -18.24 35.09 -18.61
C THR B 385 -18.40 35.47 -17.13
N ASP B 386 -19.49 35.04 -16.50
CA ASP B 386 -19.77 35.40 -15.10
C ASP B 386 -18.93 34.58 -14.11
N LYS B 387 -17.78 35.12 -13.72
CA LYS B 387 -16.88 34.49 -12.74
C LYS B 387 -17.41 34.46 -11.29
N SER B 388 -18.42 35.28 -10.97
CA SER B 388 -18.97 35.30 -9.61
C SER B 388 -19.71 33.99 -9.23
N LEU B 389 -20.21 33.27 -10.23
CA LEU B 389 -21.00 32.07 -9.99
C LEU B 389 -20.11 30.83 -9.83
N VAL B 390 -20.11 30.28 -8.64
CA VAL B 390 -19.28 29.11 -8.34
C VAL B 390 -19.95 27.80 -8.80
N LYS B 391 -21.23 27.63 -8.41
CA LYS B 391 -22.01 26.47 -8.73
C LYS B 391 -23.47 26.90 -8.84
N VAL B 392 -24.07 26.66 -10.00
CA VAL B 392 -25.47 26.92 -10.25
C VAL B 392 -26.18 25.58 -10.38
N THR B 393 -27.28 25.44 -9.66
CA THR B 393 -27.98 24.17 -9.56
C THR B 393 -29.44 24.35 -9.95
N MSE B 394 -29.91 23.47 -10.82
CA MSE B 394 -31.34 23.35 -11.10
C MSE B 394 -32.00 22.68 -9.90
O MSE B 394 -31.48 21.69 -9.34
CB MSE B 394 -31.57 22.51 -12.34
CG MSE B 394 -33.05 22.40 -12.76
SE MSE B 394 -33.30 20.99 -14.10
CE MSE B 394 -33.43 19.51 -12.82
N LEU B 395 -33.15 23.22 -9.52
CA LEU B 395 -33.97 22.67 -8.46
C LEU B 395 -35.43 22.63 -8.94
N ASN B 396 -35.93 21.43 -9.17
CA ASN B 396 -37.34 21.21 -9.49
C ASN B 396 -38.17 21.28 -8.21
N GLU B 397 -38.97 22.35 -8.07
CA GLU B 397 -39.71 22.60 -6.83
C GLU B 397 -41.12 22.02 -6.83
N SER C 2 53.90 -0.16 3.92
CA SER C 2 53.40 1.23 3.69
C SER C 2 52.20 1.21 2.72
N LEU C 3 51.06 1.73 3.18
CA LEU C 3 49.79 1.59 2.45
C LEU C 3 49.59 2.60 1.33
N ARG C 4 48.85 2.19 0.31
CA ARG C 4 48.56 3.03 -0.84
C ARG C 4 47.08 3.05 -1.23
N ALA C 5 46.67 4.14 -1.87
CA ALA C 5 45.28 4.31 -2.32
C ALA C 5 45.18 5.24 -3.53
N VAL C 6 44.11 5.05 -4.31
CA VAL C 6 43.82 5.89 -5.46
C VAL C 6 43.09 7.14 -5.00
N ARG C 7 43.77 8.27 -5.15
CA ARG C 7 43.23 9.52 -4.65
C ARG C 7 43.06 10.52 -5.75
N LEU C 8 42.07 11.39 -5.58
CA LEU C 8 41.82 12.49 -6.47
C LEU C 8 42.12 13.81 -5.75
N HIS C 9 42.96 14.64 -6.38
CA HIS C 9 43.31 15.98 -5.92
C HIS C 9 42.78 16.92 -6.98
N ALA C 10 42.26 18.05 -6.56
CA ALA C 10 41.74 19.03 -7.49
C ALA C 10 41.96 20.39 -6.85
N LYS C 11 41.78 21.44 -7.63
CA LYS C 11 41.96 22.77 -7.13
C LYS C 11 40.61 23.41 -6.81
N TRP C 12 40.53 24.07 -5.65
CA TRP C 12 39.39 24.90 -5.27
C TRP C 12 39.52 26.22 -6.03
N ASP C 13 38.65 26.40 -7.02
CA ASP C 13 38.80 27.51 -7.94
C ASP C 13 37.44 27.75 -8.61
N PRO C 14 36.46 28.26 -7.86
CA PRO C 14 35.08 28.22 -8.32
C PRO C 14 34.79 29.00 -9.59
N ARG C 15 33.76 28.55 -10.29
CA ARG C 15 33.13 29.34 -11.32
C ARG C 15 32.56 30.63 -10.70
N PRO C 16 32.60 31.75 -11.45
CA PRO C 16 32.17 33.05 -10.92
C PRO C 16 30.76 33.05 -10.36
N GLU C 17 29.88 32.17 -10.86
CA GLU C 17 28.50 32.13 -10.38
C GLU C 17 28.34 31.38 -9.06
N PHE C 18 29.40 30.73 -8.60
CA PHE C 18 29.34 29.98 -7.36
C PHE C 18 29.36 30.92 -6.14
N LYS C 19 28.42 30.72 -5.21
CA LYS C 19 28.48 31.31 -3.85
C LYS C 19 28.56 30.15 -2.88
N LEU C 20 29.38 30.29 -1.85
CA LEU C 20 29.55 29.27 -0.82
C LEU C 20 28.20 28.83 -0.28
N GLY C 21 27.93 27.53 -0.38
CA GLY C 21 26.66 26.96 0.10
C GLY C 21 26.60 26.99 1.62
N PRO C 22 25.38 26.88 2.19
CA PRO C 22 25.25 26.93 3.65
C PRO C 22 26.05 25.84 4.39
N LYS C 23 26.25 24.70 3.73
CA LYS C 23 26.96 23.53 4.33
C LYS C 23 28.36 23.31 3.76
N ASP C 24 28.82 24.19 2.87
CA ASP C 24 30.15 24.05 2.25
C ASP C 24 31.23 24.56 3.19
N ILE C 25 32.44 24.02 3.04
CA ILE C 25 33.58 24.49 3.79
C ILE C 25 34.64 24.98 2.81
N GLU C 26 34.88 26.29 2.84
CA GLU C 26 35.84 26.95 1.96
C GLU C 26 37.14 26.15 1.78
N GLY C 27 37.47 25.83 0.52
CA GLY C 27 38.69 25.09 0.21
C GLY C 27 38.61 23.58 0.36
N LYS C 28 37.53 23.09 0.98
CA LYS C 28 37.49 21.68 1.39
C LYS C 28 36.27 20.85 0.94
N LEU C 29 35.10 21.47 0.95
CA LEU C 29 33.87 20.74 0.73
C LEU C 29 32.82 21.59 0.07
N THR C 30 32.23 21.06 -0.98
CA THR C 30 31.07 21.69 -1.58
C THR C 30 30.00 20.70 -1.98
N TRP C 31 28.75 21.14 -1.92
CA TRP C 31 27.64 20.41 -2.50
C TRP C 31 27.57 20.51 -4.04
N LEU C 32 28.24 21.50 -4.63
CA LEU C 32 28.26 21.65 -6.09
C LEU C 32 29.66 21.44 -6.68
N GLY C 33 30.06 20.19 -6.81
CA GLY C 33 31.42 19.83 -7.24
C GLY C 33 31.86 20.56 -8.49
N SER C 34 31.01 20.52 -9.52
CA SER C 34 31.36 20.98 -10.86
C SER C 34 31.38 22.50 -10.94
N LYS C 35 30.88 23.16 -9.91
CA LYS C 35 30.99 24.62 -9.83
C LYS C 35 32.25 25.14 -9.13
N VAL C 36 33.06 24.23 -8.60
CA VAL C 36 34.15 24.58 -7.69
C VAL C 36 35.49 23.91 -8.03
N TRP C 37 35.47 22.59 -8.16
CA TRP C 37 36.73 21.85 -8.26
C TRP C 37 37.22 21.83 -9.70
N ARG C 38 38.54 21.93 -9.86
CA ARG C 38 39.14 22.20 -11.16
C ARG C 38 40.46 21.44 -11.32
N TYR C 39 40.77 21.04 -12.55
CA TYR C 39 42.02 20.34 -12.88
C TYR C 39 42.26 19.13 -11.98
N PRO C 40 41.29 18.20 -11.94
CA PRO C 40 41.47 17.03 -11.09
C PRO C 40 42.61 16.17 -11.59
N GLU C 41 43.33 15.56 -10.65
CA GLU C 41 44.32 14.55 -10.97
C GLU C 41 44.09 13.36 -10.05
N VAL C 42 44.13 12.17 -10.64
CA VAL C 42 43.94 10.93 -9.92
C VAL C 42 45.23 10.13 -9.96
N ARG C 43 45.77 9.82 -8.79
CA ARG C 43 47.03 9.05 -8.69
C ARG C 43 47.02 8.09 -7.51
N VAL C 44 47.68 6.95 -7.67
CA VAL C 44 48.03 6.08 -6.54
C VAL C 44 49.06 6.84 -5.71
N GLU C 45 48.82 6.95 -4.41
CA GLU C 45 49.80 7.57 -3.52
C GLU C 45 49.75 6.91 -2.15
N GLU C 46 50.72 7.24 -1.31
CA GLU C 46 50.81 6.65 0.02
C GLU C 46 49.80 7.27 0.96
N VAL C 47 49.23 6.45 1.83
CA VAL C 47 48.27 6.95 2.82
C VAL C 47 48.64 6.41 4.20
N PRO C 48 48.32 7.17 5.26
CA PRO C 48 48.50 6.60 6.61
C PRO C 48 47.62 5.37 6.81
N GLU C 49 48.00 4.50 7.76
CA GLU C 49 47.18 3.36 8.16
C GLU C 49 45.89 3.85 8.83
N PRO C 50 44.74 3.24 8.46
CA PRO C 50 43.49 3.65 9.09
C PRO C 50 43.45 3.22 10.55
N ARG C 51 42.72 3.95 11.38
CA ARG C 51 42.66 3.70 12.81
C ARG C 51 41.23 3.81 13.35
N ILE C 52 40.82 2.82 14.13
CA ILE C 52 39.57 2.87 14.89
C ILE C 52 39.57 4.14 15.75
N GLU C 53 38.68 5.07 15.44
CA GLU C 53 38.61 6.35 16.14
C GLU C 53 37.33 6.41 16.94
N LYS C 54 36.39 5.55 16.58
CA LYS C 54 35.11 5.44 17.26
C LYS C 54 34.87 3.97 17.56
N PRO C 55 34.26 3.68 18.71
CA PRO C 55 34.03 2.28 19.08
C PRO C 55 33.12 1.51 18.09
N THR C 56 32.36 2.22 17.26
CA THR C 56 31.50 1.56 16.26
C THR C 56 32.16 1.33 14.90
N GLU C 57 33.42 1.72 14.74
CA GLU C 57 34.11 1.59 13.45
C GLU C 57 34.73 0.21 13.25
N ILE C 58 34.86 -0.15 11.97
CA ILE C 58 35.59 -1.34 11.56
C ILE C 58 36.60 -0.94 10.50
N ILE C 59 37.53 -1.83 10.21
CA ILE C 59 38.51 -1.63 9.16
C ILE C 59 38.44 -2.84 8.27
N ILE C 60 38.32 -2.59 6.98
CA ILE C 60 38.10 -3.62 5.99
C ILE C 60 39.28 -3.71 5.06
N LYS C 61 39.77 -4.93 4.88
CA LYS C 61 40.74 -5.22 3.86
C LYS C 61 40.01 -5.41 2.54
N VAL C 62 40.11 -4.38 1.69
CA VAL C 62 39.41 -4.35 0.41
C VAL C 62 39.84 -5.51 -0.50
N LYS C 63 38.87 -6.22 -1.08
CA LYS C 63 39.17 -7.24 -2.08
C LYS C 63 38.78 -6.83 -3.49
N ALA C 64 37.63 -6.18 -3.61
CA ALA C 64 37.16 -5.68 -4.93
C ALA C 64 36.47 -4.33 -4.81
N CYS C 65 36.66 -3.51 -5.83
CA CYS C 65 35.95 -2.24 -5.95
C CYS C 65 35.66 -1.91 -7.41
N GLY C 66 34.39 -1.68 -7.72
CA GLY C 66 34.01 -1.28 -9.08
C GLY C 66 34.19 0.22 -9.27
N ILE C 67 34.46 0.61 -10.51
CA ILE C 67 34.50 2.01 -10.91
C ILE C 67 33.06 2.40 -11.30
N CYS C 68 32.55 3.45 -10.68
CA CYS C 68 31.23 3.98 -10.96
C CYS C 68 31.34 5.11 -12.00
N GLY C 69 30.29 5.33 -12.79
CA GLY C 69 30.20 6.48 -13.71
C GLY C 69 30.52 7.81 -13.02
N SER C 70 30.14 7.90 -11.75
CA SER C 70 30.55 8.98 -10.85
C SER C 70 32.07 9.18 -10.74
N ASP C 71 32.83 8.10 -10.64
CA ASP C 71 34.29 8.24 -10.52
C ASP C 71 34.84 8.86 -11.79
N VAL C 72 34.34 8.37 -12.93
CA VAL C 72 34.66 8.92 -14.24
C VAL C 72 34.39 10.44 -14.30
N HIS C 73 33.19 10.87 -13.89
CA HIS C 73 32.81 12.29 -13.96
C HIS C 73 33.49 13.18 -12.94
N MSE C 74 34.05 12.57 -11.90
CA MSE C 74 34.84 13.34 -10.95
C MSE C 74 36.22 13.64 -11.53
O MSE C 74 36.81 14.65 -11.18
CB MSE C 74 34.95 12.65 -9.59
CG MSE C 74 33.79 12.93 -8.63
SE MSE C 74 34.06 12.13 -6.85
CE MSE C 74 33.77 10.26 -7.31
N ALA C 75 36.73 12.76 -12.41
CA ALA C 75 38.08 12.91 -12.96
C ALA C 75 38.03 13.47 -14.39
N GLN C 76 36.81 13.53 -14.94
CA GLN C 76 36.59 14.12 -16.24
C GLN C 76 36.26 15.59 -16.06
N THR C 77 36.71 16.42 -17.00
CA THR C 77 36.43 17.86 -16.92
C THR C 77 35.72 18.37 -18.16
N ASP C 78 35.01 19.49 -18.01
CA ASP C 78 34.55 20.27 -19.16
C ASP C 78 35.76 21.02 -19.79
N GLU C 79 35.49 21.82 -20.83
CA GLU C 79 36.55 22.53 -21.55
C GLU C 79 37.33 23.55 -20.69
N GLU C 80 36.70 24.08 -19.65
CA GLU C 80 37.34 25.04 -18.75
C GLU C 80 38.09 24.39 -17.57
N GLY C 81 38.12 23.06 -17.54
CA GLY C 81 38.87 22.31 -16.52
C GLY C 81 38.07 21.88 -15.29
N TYR C 82 36.78 22.19 -15.25
CA TYR C 82 35.93 21.81 -14.13
C TYR C 82 35.40 20.39 -14.22
N ILE C 83 35.42 19.70 -13.08
CA ILE C 83 34.87 18.34 -12.97
C ILE C 83 33.44 18.28 -13.48
N LEU C 84 33.10 17.16 -14.11
CA LEU C 84 31.72 16.97 -14.60
C LEU C 84 30.74 16.61 -13.49
N TYR C 85 31.23 16.04 -12.39
CA TYR C 85 30.33 15.57 -11.33
C TYR C 85 29.68 16.74 -10.56
N PRO C 86 28.33 16.78 -10.50
CA PRO C 86 27.64 17.97 -9.99
C PRO C 86 27.37 18.06 -8.47
N GLY C 87 27.63 16.99 -7.73
CA GLY C 87 27.18 16.92 -6.34
C GLY C 87 28.29 16.99 -5.31
N LEU C 88 28.02 16.40 -4.14
CA LEU C 88 28.84 16.57 -2.95
C LEU C 88 30.21 15.95 -3.16
N THR C 89 31.26 16.72 -2.92
CA THR C 89 32.64 16.33 -3.15
C THR C 89 33.54 17.09 -2.17
N GLY C 90 34.41 16.35 -1.49
CA GLY C 90 35.33 16.93 -0.52
C GLY C 90 36.71 16.40 -0.83
N PHE C 91 37.54 17.23 -1.47
CA PHE C 91 38.83 16.76 -1.97
C PHE C 91 40.00 17.33 -1.15
N PRO C 92 41.16 16.63 -1.12
CA PRO C 92 41.43 15.34 -1.76
C PRO C 92 40.64 14.21 -1.08
N VAL C 93 40.44 13.11 -1.81
CA VAL C 93 39.76 11.95 -1.25
C VAL C 93 40.25 10.65 -1.91
N THR C 94 40.18 9.56 -1.16
CA THR C 94 40.31 8.23 -1.77
C THR C 94 38.97 7.89 -2.43
N LEU C 95 39.03 7.59 -3.73
CA LEU C 95 37.87 7.22 -4.54
C LEU C 95 37.46 5.77 -4.29
N GLY C 96 36.23 5.45 -4.70
CA GLY C 96 35.77 4.07 -4.79
C GLY C 96 34.73 3.77 -3.73
N HIS C 97 33.59 3.23 -4.15
CA HIS C 97 32.49 3.05 -3.21
C HIS C 97 31.59 1.84 -3.53
N GLU C 98 32.01 1.02 -4.49
CA GLU C 98 31.27 -0.18 -4.85
C GLU C 98 32.14 -1.38 -4.50
N PHE C 99 32.20 -1.74 -3.23
CA PHE C 99 33.30 -2.59 -2.78
C PHE C 99 32.90 -3.71 -1.84
N SER C 100 33.76 -4.73 -1.78
CA SER C 100 33.67 -5.75 -0.77
C SER C 100 35.07 -6.06 -0.21
N GLY C 101 35.09 -6.71 0.94
CA GLY C 101 36.34 -7.22 1.47
C GLY C 101 36.11 -7.94 2.77
N VAL C 102 37.17 -8.01 3.57
CA VAL C 102 37.20 -8.79 4.80
C VAL C 102 37.48 -7.88 5.99
N VAL C 103 36.67 -8.00 7.04
CA VAL C 103 36.87 -7.25 8.27
C VAL C 103 38.20 -7.73 8.88
N VAL C 104 39.07 -6.78 9.25
CA VAL C 104 40.35 -7.13 9.88
C VAL C 104 40.53 -6.48 11.23
N GLU C 105 39.64 -5.55 11.56
CA GLU C 105 39.67 -4.91 12.87
C GLU C 105 38.32 -4.25 13.11
N ALA C 106 37.83 -4.37 14.34
CA ALA C 106 36.52 -3.87 14.70
C ALA C 106 36.55 -3.31 16.12
N GLY C 107 35.92 -2.17 16.32
CA GLY C 107 35.83 -1.55 17.65
C GLY C 107 34.90 -2.32 18.56
N PRO C 108 34.84 -1.93 19.85
CA PRO C 108 34.05 -2.70 20.82
C PRO C 108 32.54 -2.65 20.57
N GLU C 109 32.04 -1.55 19.99
CA GLU C 109 30.60 -1.40 19.74
C GLU C 109 30.27 -1.56 18.25
N ALA C 110 31.17 -2.21 17.51
CA ALA C 110 31.02 -2.36 16.07
C ALA C 110 30.23 -3.63 15.77
N ILE C 111 28.91 -3.48 15.71
CA ILE C 111 28.01 -4.63 15.65
C ILE C 111 27.72 -5.08 14.22
N ASN C 112 27.81 -6.39 14.03
CA ASN C 112 27.43 -7.05 12.81
C ASN C 112 25.94 -7.40 12.90
N ARG C 113 25.11 -6.82 12.03
CA ARG C 113 23.67 -7.12 12.01
C ARG C 113 23.34 -8.61 11.83
N ARG C 114 24.20 -9.36 11.14
CA ARG C 114 24.01 -10.82 11.04
C ARG C 114 23.87 -11.50 12.42
N THR C 115 24.65 -11.05 13.40
CA THR C 115 24.74 -11.72 14.68
C THR C 115 24.19 -10.85 15.83
N ASN C 116 23.96 -9.57 15.56
CA ASN C 116 23.74 -8.59 16.63
C ASN C 116 24.88 -8.61 17.67
N LYS C 117 26.05 -9.05 17.21
CA LYS C 117 27.27 -9.00 18.03
C LYS C 117 28.43 -8.33 17.29
N ARG C 118 29.47 -8.01 18.05
CA ARG C 118 30.70 -7.42 17.52
C ARG C 118 31.22 -8.18 16.30
N PHE C 119 31.57 -7.43 15.26
CA PHE C 119 32.16 -8.02 14.07
C PHE C 119 33.40 -8.80 14.45
N GLU C 120 33.65 -9.91 13.74
CA GLU C 120 34.90 -10.60 13.94
C GLU C 120 35.74 -10.72 12.68
N ILE C 121 37.05 -10.63 12.89
CA ILE C 121 38.07 -10.70 11.86
C ILE C 121 37.78 -11.86 10.92
N GLY C 122 37.80 -11.60 9.62
CA GLY C 122 37.49 -12.64 8.65
C GLY C 122 36.10 -12.56 8.04
N GLU C 123 35.20 -11.77 8.65
CA GLU C 123 33.84 -11.63 8.07
C GLU C 123 33.89 -10.92 6.71
N PRO C 124 33.43 -11.59 5.64
CA PRO C 124 33.28 -10.89 4.35
C PRO C 124 32.09 -9.90 4.40
N VAL C 125 32.34 -8.66 3.98
CA VAL C 125 31.33 -7.60 4.02
C VAL C 125 31.33 -6.76 2.75
N CYS C 126 30.20 -6.11 2.47
CA CYS C 126 30.18 -4.95 1.61
C CYS C 126 29.66 -3.81 2.49
N ALA C 127 29.56 -2.60 1.96
CA ALA C 127 29.03 -1.51 2.75
C ALA C 127 28.28 -0.51 1.87
N GLU C 128 27.38 0.24 2.51
CA GLU C 128 26.65 1.31 1.85
C GLU C 128 27.56 2.52 1.61
N GLU C 129 27.25 3.29 0.56
CA GLU C 129 28.02 4.46 0.20
C GLU C 129 27.41 5.71 0.85
N MSE C 130 26.10 5.70 1.09
CA MSE C 130 25.41 6.87 1.71
C MSE C 130 25.52 6.82 3.23
O MSE C 130 24.83 6.03 3.87
CB MSE C 130 23.92 6.95 1.35
CG MSE C 130 23.60 6.81 -0.12
SE MSE C 130 23.48 8.55 -0.97
CE MSE C 130 21.82 9.19 -0.10
N LEU C 131 26.37 7.66 3.79
CA LEU C 131 26.62 7.61 5.22
C LEU C 131 25.57 8.44 5.94
N TRP C 132 24.37 7.87 6.02
CA TRP C 132 23.20 8.50 6.67
C TRP C 132 23.40 8.72 8.16
N CYS C 133 22.79 9.76 8.73
CA CYS C 133 23.12 10.14 10.10
C CYS C 133 22.38 9.35 11.18
N GLY C 134 21.19 8.85 10.83
CA GLY C 134 20.38 8.06 11.74
C GLY C 134 19.45 8.84 12.65
N HIS C 135 19.57 10.16 12.70
CA HIS C 135 18.82 10.96 13.70
C HIS C 135 17.93 12.11 13.16
N CYS C 136 18.17 12.59 11.94
CA CYS C 136 17.33 13.65 11.36
C CYS C 136 15.91 13.16 11.11
N ARG C 137 15.01 14.07 10.75
CA ARG C 137 13.61 13.65 10.57
C ARG C 137 13.42 12.58 9.46
N PRO C 138 14.04 12.76 8.26
CA PRO C 138 13.94 11.69 7.27
C PRO C 138 14.44 10.31 7.74
N CYS C 139 15.61 10.29 8.39
CA CYS C 139 16.17 9.06 8.94
C CYS C 139 15.23 8.48 9.99
N ALA C 140 14.76 9.34 10.88
CA ALA C 140 13.79 8.99 11.93
C ALA C 140 12.50 8.38 11.39
N GLU C 141 12.14 8.76 10.16
CA GLU C 141 10.92 8.27 9.52
C GLU C 141 11.14 7.00 8.69
N GLY C 142 12.40 6.62 8.52
CA GLY C 142 12.73 5.41 7.75
C GLY C 142 13.16 5.66 6.30
N PHE C 143 13.63 6.87 6.02
CA PHE C 143 13.98 7.27 4.67
C PHE C 143 15.40 7.83 4.58
N PRO C 144 16.43 6.97 4.77
CA PRO C 144 17.82 7.46 4.92
C PRO C 144 18.51 7.92 3.63
N ASN C 145 17.92 7.64 2.47
CA ASN C 145 18.45 8.20 1.22
C ASN C 145 18.16 9.68 1.10
N HIS C 146 17.42 10.21 2.08
CA HIS C 146 17.08 11.63 2.08
C HIS C 146 17.52 12.29 3.39
N CYS C 147 18.54 11.70 3.99
CA CYS C 147 19.20 12.20 5.16
C CYS C 147 19.63 13.67 5.00
N GLU C 148 19.33 14.49 6.00
CA GLU C 148 19.67 15.92 5.99
C GLU C 148 21.12 16.23 6.39
N ASN C 149 21.88 15.22 6.81
CA ASN C 149 23.25 15.38 7.29
C ASN C 149 24.17 14.30 6.69
N LEU C 150 24.10 14.13 5.37
CA LEU C 150 24.74 13.00 4.68
C LEU C 150 26.24 13.20 4.49
N ASN C 151 26.98 12.11 4.57
CA ASN C 151 28.34 12.03 4.04
C ASN C 151 28.39 10.92 3.00
N GLU C 152 29.42 10.92 2.16
CA GLU C 152 29.46 9.94 1.08
C GLU C 152 30.83 9.36 0.88
N LEU C 153 30.89 8.05 1.04
CA LEU C 153 32.09 7.26 0.85
C LEU C 153 32.59 7.34 -0.58
N GLY C 154 33.87 7.69 -0.73
CA GLY C 154 34.48 7.89 -2.04
C GLY C 154 34.12 9.23 -2.68
N PHE C 155 33.50 10.12 -1.91
CA PHE C 155 33.16 11.47 -2.40
C PHE C 155 33.74 12.54 -1.48
N ASN C 156 33.43 12.47 -0.19
CA ASN C 156 34.06 13.33 0.81
C ASN C 156 34.57 12.53 2.02
N VAL C 157 34.43 11.21 1.99
CA VAL C 157 35.04 10.34 3.00
C VAL C 157 35.87 9.30 2.25
N ASP C 158 37.10 9.04 2.70
CA ASP C 158 38.01 8.14 2.01
C ASP C 158 37.38 6.78 1.72
N GLY C 159 37.42 6.40 0.44
CA GLY C 159 36.76 5.21 -0.02
C GLY C 159 37.65 4.02 -0.25
N ALA C 160 37.27 3.18 -1.20
CA ALA C 160 37.75 1.82 -1.21
C ALA C 160 38.67 1.41 -2.36
N PHE C 161 39.11 2.36 -3.18
CA PHE C 161 40.23 2.08 -4.11
C PHE C 161 41.52 2.14 -3.28
N ALA C 162 41.69 1.13 -2.44
CA ALA C 162 42.71 1.11 -1.40
C ALA C 162 42.89 -0.33 -0.93
N GLU C 163 43.92 -0.56 -0.12
CA GLU C 163 44.19 -1.87 0.44
C GLU C 163 43.26 -2.07 1.65
N TYR C 164 42.97 -0.97 2.35
CA TYR C 164 42.09 -0.94 3.51
C TYR C 164 41.17 0.28 3.43
N VAL C 165 39.98 0.15 4.00
CA VAL C 165 39.06 1.28 4.21
C VAL C 165 38.40 1.13 5.59
N LYS C 166 38.11 2.25 6.22
CA LYS C 166 37.46 2.25 7.52
C LYS C 166 36.04 2.75 7.36
N VAL C 167 35.06 2.04 7.92
CA VAL C 167 33.67 2.50 7.98
C VAL C 167 32.97 2.19 9.28
N ASP C 168 31.95 2.96 9.58
CA ASP C 168 31.08 2.65 10.71
C ASP C 168 30.41 1.32 10.44
N ALA C 169 30.40 0.46 11.47
CA ALA C 169 29.79 -0.87 11.41
C ALA C 169 28.35 -0.84 10.90
N LYS C 170 27.64 0.25 11.17
CA LYS C 170 26.22 0.36 10.78
C LYS C 170 25.98 0.48 9.26
N TYR C 171 27.06 0.67 8.49
CA TYR C 171 26.94 0.75 7.03
C TYR C 171 27.30 -0.57 6.37
N ALA C 172 27.77 -1.52 7.18
CA ALA C 172 28.35 -2.77 6.69
C ALA C 172 27.35 -3.92 6.71
N TRP C 173 27.36 -4.76 5.67
CA TRP C 173 26.47 -5.91 5.58
C TRP C 173 27.25 -7.15 5.22
N SER C 174 27.03 -8.24 5.96
CA SER C 174 27.68 -9.53 5.70
C SER C 174 27.34 -10.16 4.37
N LEU C 175 28.35 -10.83 3.83
CA LEU C 175 28.29 -11.62 2.62
C LEU C 175 28.46 -13.11 2.92
N ARG C 176 28.31 -13.49 4.20
CA ARG C 176 28.33 -14.89 4.64
C ARG C 176 27.56 -15.82 3.67
N GLU C 177 26.33 -15.44 3.29
CA GLU C 177 25.46 -16.27 2.42
C GLU C 177 26.04 -16.62 1.04
N LEU C 178 27.02 -15.85 0.57
CA LEU C 178 27.60 -16.11 -0.75
C LEU C 178 28.68 -17.20 -0.70
N GLU C 179 29.17 -17.51 0.50
CA GLU C 179 30.14 -18.59 0.69
C GLU C 179 29.52 -19.91 0.25
N GLY C 180 30.23 -20.63 -0.61
CA GLY C 180 29.74 -21.90 -1.15
C GLY C 180 29.05 -21.77 -2.48
N VAL C 181 28.53 -20.57 -2.75
CA VAL C 181 27.81 -20.27 -3.99
C VAL C 181 28.73 -19.54 -4.96
N TYR C 182 29.48 -18.57 -4.44
CA TYR C 182 30.48 -17.85 -5.22
C TYR C 182 31.86 -18.24 -4.69
N GLU C 183 32.58 -18.99 -5.52
CA GLU C 183 33.87 -19.56 -5.16
C GLU C 183 35.01 -18.57 -5.31
N GLY C 184 35.80 -18.42 -4.25
CA GLY C 184 37.01 -17.62 -4.26
C GLY C 184 36.79 -16.12 -4.38
N ASP C 185 37.41 -15.53 -5.39
CA ASP C 185 37.36 -14.10 -5.63
C ASP C 185 35.98 -13.66 -6.08
N ARG C 186 35.26 -14.57 -6.72
CA ARG C 186 33.93 -14.30 -7.24
C ARG C 186 32.99 -13.79 -6.14
N LEU C 187 33.18 -14.28 -4.91
CA LEU C 187 32.37 -13.79 -3.79
C LEU C 187 32.52 -12.28 -3.61
N PHE C 188 33.75 -11.81 -3.77
CA PHE C 188 34.07 -10.41 -3.57
C PHE C 188 33.70 -9.57 -4.78
N LEU C 189 33.77 -10.17 -5.98
CA LEU C 189 33.25 -9.53 -7.18
C LEU C 189 31.73 -9.30 -7.06
N ALA C 190 31.01 -10.32 -6.58
CA ALA C 190 29.56 -10.21 -6.41
C ALA C 190 29.24 -9.15 -5.35
N GLY C 191 30.02 -9.12 -4.26
CA GLY C 191 29.85 -8.15 -3.17
C GLY C 191 30.00 -6.71 -3.63
N SER C 192 30.97 -6.48 -4.52
CA SER C 192 31.27 -5.16 -5.08
C SER C 192 30.16 -4.63 -5.99
N LEU C 193 29.28 -5.54 -6.43
CA LEU C 193 28.16 -5.17 -7.26
C LEU C 193 26.88 -4.94 -6.45
N VAL C 194 26.94 -5.09 -5.14
CA VAL C 194 25.75 -4.95 -4.30
C VAL C 194 25.26 -3.49 -4.30
N GLU C 195 26.18 -2.54 -4.18
CA GLU C 195 25.78 -1.12 -4.19
C GLU C 195 25.06 -0.70 -5.49
N PRO C 196 25.66 -0.96 -6.66
CA PRO C 196 24.89 -0.51 -7.83
C PRO C 196 23.59 -1.29 -8.05
N THR C 197 23.62 -2.58 -7.73
CA THR C 197 22.40 -3.42 -7.84
C THR C 197 21.29 -2.90 -6.91
N SER C 198 21.69 -2.41 -5.73
CA SER C 198 20.76 -1.90 -4.72
C SER C 198 20.17 -0.56 -5.14
N VAL C 199 20.92 0.22 -5.92
CA VAL C 199 20.38 1.42 -6.57
C VAL C 199 19.20 1.05 -7.47
N ALA C 200 19.39 -0.01 -8.25
CA ALA C 200 18.36 -0.48 -9.18
C ALA C 200 17.15 -1.04 -8.41
N TYR C 201 17.45 -1.84 -7.38
CA TYR C 201 16.43 -2.41 -6.50
C TYR C 201 15.58 -1.32 -5.84
N ASN C 202 16.23 -0.30 -5.29
CA ASN C 202 15.49 0.80 -4.67
C ASN C 202 14.54 1.41 -5.68
N ALA C 203 15.06 1.63 -6.88
CA ALA C 203 14.30 2.28 -7.93
C ALA C 203 13.09 1.45 -8.37
N VAL C 204 13.28 0.14 -8.59
CA VAL C 204 12.19 -0.66 -9.16
C VAL C 204 11.29 -1.35 -8.12
N ILE C 205 11.85 -1.68 -6.96
CA ILE C 205 11.10 -2.44 -5.98
C ILE C 205 10.50 -1.45 -4.99
N VAL C 206 11.34 -0.63 -4.38
CA VAL C 206 10.90 0.24 -3.31
C VAL C 206 10.14 1.47 -3.86
N ARG C 207 10.80 2.25 -4.72
CA ARG C 207 10.15 3.45 -5.23
C ARG C 207 9.15 3.11 -6.32
N GLY C 208 9.56 2.25 -7.26
CA GLY C 208 8.69 1.81 -8.34
C GLY C 208 7.47 1.01 -7.88
N GLY C 209 7.56 0.37 -6.71
CA GLY C 209 6.43 -0.41 -6.18
C GLY C 209 6.48 -1.87 -6.57
N GLY C 210 7.52 -2.27 -7.29
CA GLY C 210 7.61 -3.63 -7.76
C GLY C 210 6.48 -3.97 -8.73
N ILE C 211 6.31 -5.26 -8.94
CA ILE C 211 5.32 -5.79 -9.85
C ILE C 211 4.66 -7.01 -9.25
N ARG C 212 3.59 -7.45 -9.88
CA ARG C 212 3.00 -8.75 -9.58
C ARG C 212 3.54 -9.72 -10.61
N PRO C 213 3.81 -10.98 -10.22
CA PRO C 213 4.28 -11.95 -11.21
C PRO C 213 3.29 -12.06 -12.37
N GLY C 214 3.82 -12.10 -13.59
CA GLY C 214 3.01 -12.05 -14.80
C GLY C 214 2.99 -10.70 -15.50
N ASP C 215 3.37 -9.63 -14.81
CA ASP C 215 3.46 -8.27 -15.38
C ASP C 215 4.61 -8.11 -16.39
N ASN C 216 4.52 -7.09 -17.26
CA ASN C 216 5.65 -6.73 -18.15
C ASN C 216 6.38 -5.48 -17.66
N VAL C 217 7.68 -5.41 -17.96
CA VAL C 217 8.46 -4.22 -17.61
C VAL C 217 9.31 -3.77 -18.80
N VAL C 218 9.57 -2.47 -18.86
CA VAL C 218 10.45 -1.89 -19.87
C VAL C 218 11.57 -1.09 -19.23
N ILE C 219 12.81 -1.46 -19.53
CA ILE C 219 13.98 -0.71 -19.05
C ILE C 219 14.60 0.09 -20.19
N LEU C 220 14.79 1.39 -19.95
CA LEU C 220 15.47 2.28 -20.89
C LEU C 220 16.86 2.63 -20.32
N GLY C 221 17.90 2.12 -20.99
CA GLY C 221 19.27 2.33 -20.57
C GLY C 221 19.85 1.05 -20.04
N GLY C 222 20.99 0.63 -20.60
CA GLY C 222 21.61 -0.64 -20.22
C GLY C 222 22.97 -0.51 -19.57
N GLY C 223 23.17 0.57 -18.80
CA GLY C 223 24.31 0.71 -17.93
C GLY C 223 24.12 -0.25 -16.76
N PRO C 224 25.08 -0.27 -15.80
CA PRO C 224 24.94 -1.18 -14.66
C PRO C 224 23.56 -1.13 -13.94
N ILE C 225 22.97 0.06 -13.79
CA ILE C 225 21.68 0.16 -13.10
C ILE C 225 20.56 -0.48 -13.93
N GLY C 226 20.52 -0.17 -15.21
CA GLY C 226 19.53 -0.77 -16.10
C GLY C 226 19.65 -2.29 -16.16
N LEU C 227 20.90 -2.79 -16.14
CA LEU C 227 21.11 -4.23 -16.25
C LEU C 227 20.74 -4.98 -14.95
N ALA C 228 21.06 -4.38 -13.79
CA ALA C 228 20.56 -4.92 -12.52
C ALA C 228 19.02 -4.97 -12.49
N ALA C 229 18.37 -3.91 -12.96
CA ALA C 229 16.91 -3.89 -13.05
C ALA C 229 16.37 -5.05 -13.89
N VAL C 230 17.09 -5.41 -14.95
CA VAL C 230 16.70 -6.53 -15.80
C VAL C 230 16.67 -7.82 -14.97
N ALA C 231 17.77 -8.12 -14.29
CA ALA C 231 17.87 -9.32 -13.46
C ALA C 231 16.87 -9.27 -12.31
N ILE C 232 16.77 -8.13 -11.64
CA ILE C 232 15.86 -8.04 -10.51
C ILE C 232 14.42 -8.32 -10.96
N LEU C 233 14.01 -7.73 -12.07
CA LEU C 233 12.60 -7.79 -12.42
C LEU C 233 12.27 -9.13 -13.07
N LYS C 234 13.25 -9.76 -13.73
CA LYS C 234 13.07 -11.14 -14.19
C LYS C 234 12.86 -12.06 -12.98
N HIS C 235 13.71 -11.90 -11.96
CA HIS C 235 13.58 -12.69 -10.74
C HIS C 235 12.28 -12.38 -9.99
N ALA C 236 11.76 -11.17 -10.16
CA ALA C 236 10.50 -10.77 -9.54
C ALA C 236 9.28 -11.34 -10.26
N GLY C 237 9.49 -12.00 -11.39
CA GLY C 237 8.41 -12.69 -12.06
C GLY C 237 7.79 -11.98 -13.24
N ALA C 238 8.52 -11.03 -13.81
CA ALA C 238 8.05 -10.33 -14.99
C ALA C 238 7.95 -11.34 -16.12
N SER C 239 6.81 -11.38 -16.79
CA SER C 239 6.66 -12.34 -17.84
C SER C 239 7.43 -11.86 -19.09
N LYS C 240 7.45 -10.55 -19.34
CA LYS C 240 8.30 -9.97 -20.39
C LYS C 240 9.16 -8.81 -19.83
N VAL C 241 10.47 -9.01 -19.88
CA VAL C 241 11.43 -7.97 -19.57
C VAL C 241 12.02 -7.44 -20.89
N ILE C 242 11.77 -6.16 -21.17
CA ILE C 242 12.22 -5.53 -22.39
C ILE C 242 13.25 -4.45 -22.07
N LEU C 243 14.40 -4.53 -22.71
CA LEU C 243 15.40 -3.48 -22.55
C LEU C 243 15.73 -2.78 -23.87
N SER C 244 15.72 -1.45 -23.82
CA SER C 244 16.05 -0.59 -24.93
C SER C 244 17.40 0.07 -24.67
N GLU C 245 18.36 -0.14 -25.59
CA GLU C 245 19.75 0.32 -25.42
C GLU C 245 20.50 0.34 -26.77
N PRO C 246 21.08 1.50 -27.16
CA PRO C 246 21.86 1.64 -28.41
C PRO C 246 23.06 0.69 -28.46
N SER C 247 23.72 0.47 -27.33
CA SER C 247 24.92 -0.35 -27.23
C SER C 247 24.69 -1.87 -27.37
N GLU C 248 25.37 -2.47 -28.35
CA GLU C 248 25.26 -3.90 -28.59
C GLU C 248 25.79 -4.76 -27.45
N VAL C 249 26.98 -4.45 -26.94
CA VAL C 249 27.53 -5.20 -25.80
C VAL C 249 26.53 -5.25 -24.62
N ARG C 250 25.85 -4.13 -24.37
CA ARG C 250 24.91 -4.05 -23.25
C ARG C 250 23.59 -4.82 -23.50
N ARG C 251 23.05 -4.68 -24.71
CA ARG C 251 21.96 -5.55 -25.17
C ARG C 251 22.26 -7.03 -25.02
N ASN C 252 23.48 -7.46 -25.36
CA ASN C 252 23.85 -8.88 -25.22
C ASN C 252 23.93 -9.31 -23.77
N LEU C 253 24.46 -8.43 -22.91
CA LEU C 253 24.45 -8.65 -21.47
C LEU C 253 23.04 -8.78 -20.90
N ALA C 254 22.14 -7.90 -21.32
CA ALA C 254 20.74 -7.92 -20.86
C ALA C 254 20.10 -9.29 -21.10
N LYS C 255 20.36 -9.90 -22.27
CA LYS C 255 19.83 -11.25 -22.57
C LYS C 255 20.41 -12.34 -21.68
N GLU C 256 21.70 -12.24 -21.38
CA GLU C 256 22.33 -13.12 -20.40
C GLU C 256 21.75 -12.94 -19.03
N LEU C 257 21.22 -11.75 -18.75
CA LEU C 257 20.68 -11.45 -17.43
C LEU C 257 19.17 -11.72 -17.32
N GLY C 258 18.54 -12.03 -18.45
CA GLY C 258 17.16 -12.51 -18.42
C GLY C 258 16.14 -11.76 -19.27
N ALA C 259 16.59 -10.72 -19.98
CA ALA C 259 15.72 -9.94 -20.83
C ALA C 259 15.11 -10.86 -21.87
N ASP C 260 13.84 -10.66 -22.14
CA ASP C 260 13.16 -11.47 -23.13
C ASP C 260 13.34 -10.83 -24.49
N HIS C 261 13.42 -9.51 -24.49
CA HIS C 261 13.59 -8.77 -25.72
C HIS C 261 14.55 -7.62 -25.49
N VAL C 262 15.34 -7.32 -26.52
CA VAL C 262 16.19 -6.14 -26.53
C VAL C 262 15.87 -5.32 -27.78
N ILE C 263 16.03 -4.02 -27.68
CA ILE C 263 15.67 -3.11 -28.74
C ILE C 263 16.85 -2.17 -28.90
N ASP C 264 17.27 -1.97 -30.15
CA ASP C 264 18.19 -0.88 -30.49
C ASP C 264 17.35 0.28 -30.99
N PRO C 265 17.16 1.32 -30.16
CA PRO C 265 16.22 2.36 -30.56
C PRO C 265 16.69 3.17 -31.75
N THR C 266 17.99 3.11 -32.08
CA THR C 266 18.50 3.84 -33.23
C THR C 266 18.28 3.09 -34.53
N LYS C 267 17.87 1.83 -34.45
CA LYS C 267 17.63 1.05 -35.67
C LYS C 267 16.27 0.37 -35.67
N GLU C 268 15.49 0.59 -34.61
CA GLU C 268 14.15 0.03 -34.52
C GLU C 268 13.18 1.06 -33.97
N ASN C 269 11.90 0.84 -34.22
CA ASN C 269 10.86 1.67 -33.66
C ASN C 269 10.55 1.17 -32.24
N PHE C 270 11.00 1.94 -31.25
CA PHE C 270 10.84 1.53 -29.85
C PHE C 270 9.34 1.32 -29.49
N VAL C 271 8.50 2.30 -29.83
CA VAL C 271 7.05 2.24 -29.54
C VAL C 271 6.41 0.99 -30.13
N GLU C 272 6.60 0.78 -31.43
CA GLU C 272 6.00 -0.39 -32.09
C GLU C 272 6.59 -1.70 -31.59
N ALA C 273 7.89 -1.75 -31.36
CA ALA C 273 8.48 -2.97 -30.79
C ALA C 273 7.88 -3.30 -29.41
N VAL C 274 7.81 -2.32 -28.52
CA VAL C 274 7.24 -2.53 -27.17
C VAL C 274 5.78 -3.00 -27.24
N LEU C 275 4.95 -2.34 -28.05
CA LEU C 275 3.56 -2.79 -28.21
C LEU C 275 3.48 -4.17 -28.85
N ASP C 276 4.31 -4.45 -29.85
CA ASP C 276 4.31 -5.78 -30.43
C ASP C 276 4.67 -6.87 -29.40
N TYR C 277 5.77 -6.69 -28.66
CA TYR C 277 6.23 -7.71 -27.73
C TYR C 277 5.28 -7.98 -26.55
N THR C 278 4.47 -6.97 -26.22
CA THR C 278 3.55 -7.07 -25.09
C THR C 278 2.12 -7.38 -25.55
N ASN C 279 1.98 -7.69 -26.84
CA ASN C 279 0.67 -7.87 -27.51
C ASN C 279 -0.30 -6.76 -27.17
N GLY C 280 0.17 -5.50 -27.26
CA GLY C 280 -0.68 -4.33 -27.07
C GLY C 280 -0.99 -3.96 -25.61
N LEU C 281 -0.58 -4.81 -24.67
CA LEU C 281 -0.86 -4.56 -23.26
C LEU C 281 0.09 -3.55 -22.63
N GLY C 282 1.30 -3.43 -23.18
CA GLY C 282 2.31 -2.52 -22.61
C GLY C 282 2.92 -3.07 -21.34
N ALA C 283 3.21 -2.18 -20.38
CA ALA C 283 4.04 -2.52 -19.22
C ALA C 283 3.54 -1.93 -17.89
N LYS C 284 3.81 -2.65 -16.80
CA LYS C 284 3.48 -2.18 -15.45
C LYS C 284 4.47 -1.11 -15.03
N LEU C 285 5.73 -1.29 -15.41
CA LEU C 285 6.78 -0.44 -14.95
C LEU C 285 7.79 -0.14 -16.04
N PHE C 286 8.17 1.14 -16.13
CA PHE C 286 9.20 1.66 -17.03
C PHE C 286 10.34 2.19 -16.17
N LEU C 287 11.55 1.76 -16.43
CA LEU C 287 12.70 2.36 -15.73
C LEU C 287 13.44 3.28 -16.68
N GLU C 288 13.40 4.58 -16.39
CA GLU C 288 14.13 5.58 -17.15
C GLU C 288 15.55 5.66 -16.57
N ALA C 289 16.47 4.92 -17.16
CA ALA C 289 17.87 4.95 -16.70
C ALA C 289 18.84 5.40 -17.78
N THR C 290 18.38 6.24 -18.72
CA THR C 290 19.22 6.69 -19.84
C THR C 290 19.94 8.00 -19.51
N GLY C 291 19.34 8.82 -18.65
CA GLY C 291 19.86 10.15 -18.35
C GLY C 291 19.48 11.15 -19.41
N VAL C 292 18.74 10.72 -20.43
CA VAL C 292 18.23 11.63 -21.47
C VAL C 292 16.71 11.55 -21.53
N PRO C 293 16.05 11.73 -20.36
CA PRO C 293 14.61 11.48 -20.27
C PRO C 293 13.83 12.37 -21.22
N GLN C 294 14.36 13.55 -21.50
CA GLN C 294 13.72 14.46 -22.45
C GLN C 294 13.71 13.93 -23.88
N LEU C 295 14.58 12.97 -24.19
CA LEU C 295 14.59 12.37 -25.53
C LEU C 295 13.76 11.10 -25.59
N VAL C 296 13.73 10.32 -24.51
CA VAL C 296 12.94 9.09 -24.51
C VAL C 296 11.51 9.27 -24.00
N TRP C 297 11.23 10.38 -23.32
CA TRP C 297 9.92 10.57 -22.72
C TRP C 297 8.72 10.46 -23.70
N PRO C 298 8.76 11.19 -24.85
CA PRO C 298 7.60 11.10 -25.75
C PRO C 298 7.29 9.67 -26.20
N GLN C 299 8.32 8.83 -26.29
CA GLN C 299 8.15 7.42 -26.65
C GLN C 299 7.49 6.62 -25.52
N ILE C 300 7.91 6.87 -24.28
CA ILE C 300 7.29 6.25 -23.10
C ILE C 300 5.80 6.63 -23.04
N GLU C 301 5.50 7.92 -23.23
CA GLU C 301 4.12 8.39 -23.19
C GLU C 301 3.28 7.73 -24.30
N GLU C 302 3.89 7.51 -25.45
CA GLU C 302 3.18 6.84 -26.54
C GLU C 302 2.84 5.39 -26.23
N VAL C 303 3.78 4.67 -25.62
CA VAL C 303 3.51 3.27 -25.25
C VAL C 303 2.39 3.25 -24.22
N ILE C 304 2.53 4.08 -23.20
CA ILE C 304 1.54 4.17 -22.14
C ILE C 304 0.14 4.53 -22.69
N TRP C 305 0.10 5.57 -23.51
CA TRP C 305 -1.14 6.02 -24.16
C TRP C 305 -1.76 4.89 -24.97
N ARG C 306 -0.97 4.24 -25.82
CA ARG C 306 -1.53 3.24 -26.72
C ARG C 306 -1.75 1.86 -26.09
N ALA C 307 -0.97 1.52 -25.05
CA ALA C 307 -1.13 0.20 -24.41
C ALA C 307 -2.50 0.10 -23.77
N ARG C 308 -3.01 -1.12 -23.70
CA ARG C 308 -4.28 -1.37 -23.04
C ARG C 308 -4.14 -1.55 -21.50
N GLY C 309 -2.97 -1.98 -21.04
CA GLY C 309 -2.61 -1.97 -19.61
C GLY C 309 -2.80 -0.58 -19.02
N ILE C 310 -3.04 -0.53 -17.71
CA ILE C 310 -3.18 0.72 -16.98
C ILE C 310 -2.31 0.59 -15.75
N ASN C 311 -2.31 1.61 -14.90
CA ASN C 311 -1.49 1.63 -13.67
C ASN C 311 0.01 1.60 -13.86
N ALA C 312 0.48 1.98 -15.05
CA ALA C 312 1.94 2.02 -15.29
C ALA C 312 2.64 3.03 -14.38
N THR C 313 3.82 2.64 -13.92
CA THR C 313 4.67 3.53 -13.16
C THR C 313 5.91 3.77 -14.00
N VAL C 314 6.31 5.04 -14.10
CA VAL C 314 7.59 5.39 -14.67
C VAL C 314 8.52 5.81 -13.50
N ALA C 315 9.62 5.10 -13.36
CA ALA C 315 10.56 5.40 -12.28
C ALA C 315 11.78 6.06 -12.91
N ILE C 316 12.13 7.25 -12.43
CA ILE C 316 13.27 7.97 -13.03
C ILE C 316 14.46 7.88 -12.11
N VAL C 317 15.49 7.14 -12.55
CA VAL C 317 16.65 6.91 -11.69
C VAL C 317 17.92 7.60 -12.18
N ALA C 318 18.06 7.82 -13.48
CA ALA C 318 19.23 8.54 -13.97
C ALA C 318 19.10 10.03 -13.66
N ARG C 319 20.22 10.66 -13.39
CA ARG C 319 20.29 12.11 -13.19
C ARG C 319 20.38 12.73 -14.57
N ALA C 320 19.52 13.70 -14.84
CA ALA C 320 19.64 14.54 -16.03
C ALA C 320 19.38 15.99 -15.66
N ASP C 321 19.76 16.92 -16.53
CA ASP C 321 19.38 18.31 -16.31
C ASP C 321 18.13 18.76 -17.05
N ALA C 322 17.99 18.32 -18.30
CA ALA C 322 16.96 18.85 -19.18
C ALA C 322 15.54 18.59 -18.66
N LYS C 323 14.65 19.54 -18.92
CA LYS C 323 13.26 19.40 -18.57
C LYS C 323 12.60 18.26 -19.35
N ILE C 324 11.60 17.64 -18.73
CA ILE C 324 10.89 16.55 -19.33
C ILE C 324 9.58 17.08 -19.89
N PRO C 325 9.28 16.78 -21.17
CA PRO C 325 8.02 17.23 -21.79
C PRO C 325 6.85 16.35 -21.32
N LEU C 326 6.37 16.63 -20.12
CA LEU C 326 5.32 15.84 -19.51
C LEU C 326 3.91 16.19 -20.01
N THR C 327 3.23 15.21 -20.59
CA THR C 327 1.83 15.36 -20.95
C THR C 327 0.94 14.78 -19.84
N GLY C 328 0.37 15.66 -19.02
CA GLY C 328 -0.49 15.26 -17.90
C GLY C 328 -1.62 14.33 -18.30
N GLU C 329 -2.30 14.66 -19.40
CA GLU C 329 -3.42 13.87 -19.91
C GLU C 329 -3.06 12.38 -20.05
N VAL C 330 -1.84 12.09 -20.48
CA VAL C 330 -1.42 10.71 -20.64
C VAL C 330 -1.52 9.97 -19.30
N PHE C 331 -1.05 10.58 -18.22
CA PHE C 331 -1.08 9.92 -16.92
C PHE C 331 -2.49 9.82 -16.32
N GLN C 332 -3.34 10.81 -16.59
CA GLN C 332 -4.75 10.78 -16.18
C GLN C 332 -5.55 9.71 -16.85
N VAL C 333 -5.44 9.62 -18.18
CA VAL C 333 -6.33 8.77 -18.93
C VAL C 333 -5.91 7.31 -18.84
N ARG C 334 -4.61 7.09 -18.64
CA ARG C 334 -4.08 5.73 -18.53
C ARG C 334 -3.86 5.28 -17.07
N ARG C 335 -4.22 6.14 -16.11
CA ARG C 335 -4.09 5.84 -14.68
C ARG C 335 -2.64 5.55 -14.28
N ALA C 336 -1.73 6.39 -14.75
CA ALA C 336 -0.32 6.12 -14.55
C ALA C 336 0.33 7.13 -13.61
N GLN C 337 1.57 6.86 -13.25
CA GLN C 337 2.25 7.68 -12.28
C GLN C 337 3.77 7.71 -12.52
N ILE C 338 4.42 8.70 -11.94
CA ILE C 338 5.86 8.91 -12.11
C ILE C 338 6.48 8.99 -10.73
N VAL C 339 7.54 8.25 -10.48
CA VAL C 339 8.24 8.34 -9.19
C VAL C 339 9.72 8.66 -9.43
N GLY C 340 10.29 9.48 -8.57
CA GLY C 340 11.75 9.69 -8.64
C GLY C 340 12.41 8.67 -7.74
N SER C 341 13.66 8.34 -8.03
CA SER C 341 14.43 7.51 -7.12
C SER C 341 15.88 7.98 -7.02
N GLN C 342 16.44 7.84 -5.83
CA GLN C 342 17.88 7.97 -5.63
C GLN C 342 18.32 7.09 -4.46
N GLY C 343 19.59 6.68 -4.48
CA GLY C 343 20.21 5.96 -3.39
C GLY C 343 19.97 4.46 -3.35
N HIS C 344 20.43 3.84 -2.28
CA HIS C 344 20.45 2.39 -2.15
C HIS C 344 20.24 2.00 -0.70
N SER C 345 20.15 3.01 0.17
CA SER C 345 20.04 2.80 1.62
C SER C 345 18.60 2.46 2.06
N GLY C 346 18.49 1.81 3.22
CA GLY C 346 17.24 1.63 3.91
C GLY C 346 16.42 0.45 3.42
N HIS C 347 15.26 0.26 4.06
CA HIS C 347 14.21 -0.64 3.56
C HIS C 347 14.64 -2.11 3.44
N GLY C 348 15.78 -2.46 4.04
CA GLY C 348 16.33 -3.82 3.90
C GLY C 348 16.72 -4.19 2.48
N THR C 349 17.03 -3.19 1.64
CA THR C 349 17.45 -3.44 0.26
C THR C 349 18.82 -4.18 0.17
N PHE C 350 19.86 -3.64 0.80
CA PHE C 350 21.15 -4.34 0.83
C PHE C 350 21.06 -5.84 1.18
N PRO C 351 20.43 -6.16 2.34
CA PRO C 351 20.36 -7.59 2.70
C PRO C 351 19.51 -8.41 1.74
N ARG C 352 18.43 -7.85 1.18
CA ARG C 352 17.68 -8.59 0.16
C ARG C 352 18.49 -8.83 -1.12
N VAL C 353 19.21 -7.80 -1.57
CA VAL C 353 20.04 -7.95 -2.76
C VAL C 353 21.07 -9.07 -2.55
N ILE C 354 21.72 -9.07 -1.39
CA ILE C 354 22.66 -10.13 -1.00
C ILE C 354 22.02 -11.53 -1.02
N SER C 355 20.83 -11.66 -0.42
CA SER C 355 20.09 -12.94 -0.45
C SER C 355 19.74 -13.39 -1.86
N LEU C 356 19.32 -12.43 -2.69
CA LEU C 356 18.98 -12.66 -4.09
C LEU C 356 20.19 -13.20 -4.86
N MSE C 357 21.34 -12.54 -4.69
CA MSE C 357 22.57 -13.04 -5.29
C MSE C 357 22.87 -14.46 -4.83
O MSE C 357 23.22 -15.30 -5.66
CB MSE C 357 23.73 -12.13 -4.95
CG MSE C 357 23.67 -10.81 -5.66
SE MSE C 357 25.28 -9.80 -5.27
CE MSE C 357 24.95 -8.25 -6.44
N ALA C 358 22.72 -14.73 -3.53
CA ALA C 358 22.95 -16.08 -2.94
C ALA C 358 22.04 -17.15 -3.53
N SER C 359 20.82 -16.77 -3.89
CA SER C 359 19.83 -17.72 -4.40
C SER C 359 20.00 -17.96 -5.90
N GLY C 360 20.92 -17.27 -6.55
CA GLY C 360 21.16 -17.51 -7.97
C GLY C 360 21.27 -16.29 -8.87
N MSE C 361 20.90 -15.09 -8.40
CA MSE C 361 21.04 -13.90 -9.25
C MSE C 361 22.51 -13.45 -9.37
O MSE C 361 23.05 -12.76 -8.50
CB MSE C 361 20.17 -12.74 -8.78
CG MSE C 361 20.03 -11.64 -9.83
SE MSE C 361 19.01 -10.10 -9.16
CE MSE C 361 20.30 -9.37 -7.87
N ASP C 362 23.13 -13.84 -10.47
CA ASP C 362 24.54 -13.55 -10.70
C ASP C 362 24.79 -12.26 -11.48
N MSE C 363 25.06 -11.18 -10.76
CA MSE C 363 25.43 -9.90 -11.38
C MSE C 363 26.87 -9.87 -11.92
O MSE C 363 27.23 -8.99 -12.70
CB MSE C 363 25.21 -8.74 -10.38
CG MSE C 363 23.73 -8.46 -10.05
SE MSE C 363 22.61 -8.25 -11.66
CE MSE C 363 23.56 -6.78 -12.53
N THR C 364 27.71 -10.84 -11.51
CA THR C 364 29.15 -10.81 -11.87
C THR C 364 29.36 -10.85 -13.38
N LYS C 365 28.34 -11.27 -14.13
CA LYS C 365 28.45 -11.32 -15.60
C LYS C 365 28.71 -9.95 -16.24
N ILE C 366 28.26 -8.86 -15.62
CA ILE C 366 28.42 -7.53 -16.22
C ILE C 366 29.85 -6.98 -16.12
N ILE C 367 30.70 -7.54 -15.27
CA ILE C 367 32.11 -7.11 -15.18
C ILE C 367 32.87 -7.44 -16.46
N SER C 368 33.30 -6.40 -17.17
CA SER C 368 33.98 -6.52 -18.46
C SER C 368 35.43 -6.94 -18.27
N LYS C 369 36.00 -6.57 -17.13
CA LYS C 369 37.43 -6.71 -16.89
C LYS C 369 37.73 -6.41 -15.42
N THR C 370 38.68 -7.13 -14.85
CA THR C 370 39.19 -6.83 -13.51
C THR C 370 40.62 -6.34 -13.66
N VAL C 371 41.00 -5.32 -12.86
CA VAL C 371 42.34 -4.74 -12.93
C VAL C 371 42.92 -4.56 -11.53
N SER C 372 44.24 -4.35 -11.46
CA SER C 372 44.89 -4.09 -10.19
C SER C 372 44.77 -2.60 -9.84
N MSE C 373 45.00 -2.29 -8.58
CA MSE C 373 44.88 -0.92 -8.09
C MSE C 373 45.70 0.08 -8.93
O MSE C 373 45.25 1.19 -9.20
CB MSE C 373 45.26 -0.85 -6.61
CG MSE C 373 45.34 0.58 -6.12
SE MSE C 373 45.76 0.74 -4.25
CE MSE C 373 47.49 -0.18 -4.24
N GLU C 374 46.90 -0.33 -9.33
CA GLU C 374 47.82 0.53 -10.08
C GLU C 374 47.22 1.01 -11.39
N GLU C 375 46.37 0.21 -12.00
CA GLU C 375 45.76 0.56 -13.28
C GLU C 375 44.47 1.35 -13.19
N ILE C 376 43.95 1.51 -11.96
CA ILE C 376 42.68 2.24 -11.77
C ILE C 376 42.66 3.65 -12.42
N PRO C 377 43.68 4.50 -12.15
CA PRO C 377 43.65 5.86 -12.72
C PRO C 377 43.59 5.88 -14.25
N GLU C 378 44.29 4.94 -14.87
CA GLU C 378 44.28 4.77 -16.31
C GLU C 378 42.89 4.40 -16.82
N TYR C 379 42.22 3.51 -16.09
CA TYR C 379 40.92 3.06 -16.53
C TYR C 379 39.84 4.08 -16.27
N ILE C 380 40.03 4.84 -15.19
CA ILE C 380 39.18 6.00 -14.89
C ILE C 380 39.21 7.02 -16.02
N LYS C 381 40.38 7.19 -16.63
CA LYS C 381 40.55 8.04 -17.82
C LYS C 381 39.96 7.39 -19.08
N ARG C 382 40.32 6.12 -19.29
CA ARG C 382 39.90 5.40 -20.48
C ARG C 382 38.38 5.33 -20.63
N LEU C 383 37.67 5.29 -19.50
CA LEU C 383 36.22 5.13 -19.49
C LEU C 383 35.50 6.38 -19.96
N GLN C 384 36.23 7.47 -20.13
CA GLN C 384 35.68 8.68 -20.73
C GLN C 384 35.29 8.44 -22.19
N THR C 385 36.02 7.55 -22.86
CA THR C 385 35.81 7.35 -24.29
C THR C 385 35.50 5.92 -24.69
N ASP C 386 35.98 4.95 -23.91
CA ASP C 386 35.85 3.55 -24.27
C ASP C 386 34.50 3.01 -23.80
N LYS C 387 33.53 3.05 -24.72
CA LYS C 387 32.14 2.70 -24.44
C LYS C 387 31.91 1.19 -24.35
N SER C 388 32.86 0.38 -24.78
CA SER C 388 32.69 -1.06 -24.73
C SER C 388 32.92 -1.63 -23.31
N LEU C 389 33.41 -0.80 -22.40
CA LEU C 389 33.64 -1.27 -21.04
C LEU C 389 32.39 -1.00 -20.21
N VAL C 390 31.69 -2.07 -19.81
CA VAL C 390 30.45 -1.93 -19.06
C VAL C 390 30.71 -1.64 -17.57
N LYS C 391 31.57 -2.45 -16.97
CA LYS C 391 31.96 -2.28 -15.57
C LYS C 391 33.38 -2.81 -15.40
N VAL C 392 34.24 -1.97 -14.83
CA VAL C 392 35.64 -2.33 -14.55
C VAL C 392 35.83 -2.36 -13.04
N THR C 393 36.51 -3.38 -12.55
CA THR C 393 36.55 -3.65 -11.13
C THR C 393 37.98 -3.90 -10.67
N MSE C 394 38.41 -3.14 -9.68
CA MSE C 394 39.67 -3.39 -9.03
C MSE C 394 39.61 -4.70 -8.25
O MSE C 394 38.73 -4.89 -7.40
CB MSE C 394 40.02 -2.27 -8.06
CG MSE C 394 41.38 -2.48 -7.41
SE MSE C 394 41.69 -1.21 -5.97
CE MSE C 394 40.66 -2.00 -4.54
N LEU C 395 40.54 -5.60 -8.55
CA LEU C 395 40.71 -6.81 -7.77
C LEU C 395 42.10 -6.80 -7.14
N ASN C 396 42.15 -6.69 -5.82
CA ASN C 396 43.39 -6.66 -5.07
C ASN C 396 44.02 -8.04 -5.06
N SER D 2 19.71 19.96 46.31
CA SER D 2 19.30 18.52 46.32
C SER D 2 18.02 18.26 45.50
N LEU D 3 18.23 17.54 44.41
CA LEU D 3 17.15 17.13 43.51
C LEU D 3 16.45 15.86 44.02
N ARG D 4 15.18 15.74 43.68
CA ARG D 4 14.36 14.60 44.03
C ARG D 4 13.70 14.00 42.78
N ALA D 5 13.41 12.70 42.84
CA ALA D 5 12.60 12.01 41.82
C ALA D 5 11.80 10.85 42.44
N VAL D 6 10.71 10.48 41.78
CA VAL D 6 9.96 9.28 42.14
C VAL D 6 10.71 8.05 41.62
N ARG D 7 11.21 7.25 42.55
CA ARG D 7 11.95 6.05 42.20
C ARG D 7 11.26 4.79 42.70
N LEU D 8 11.44 3.71 41.94
CA LEU D 8 10.94 2.41 42.32
C LEU D 8 12.11 1.48 42.64
N HIS D 9 12.04 0.82 43.79
CA HIS D 9 12.99 -0.24 44.19
C HIS D 9 12.25 -1.55 44.37
N ALA D 10 12.88 -2.67 44.06
CA ALA D 10 12.33 -3.99 44.33
C ALA D 10 13.44 -4.98 44.58
N LYS D 11 13.07 -6.14 45.12
CA LYS D 11 14.02 -7.21 45.37
C LYS D 11 14.14 -8.12 44.15
N TRP D 12 15.36 -8.51 43.81
CA TRP D 12 15.59 -9.52 42.80
C TRP D 12 15.43 -10.88 43.50
N ASP D 13 14.25 -11.48 43.35
CA ASP D 13 13.93 -12.74 44.01
C ASP D 13 12.97 -13.52 43.13
N PRO D 14 13.51 -14.19 42.10
CA PRO D 14 12.68 -14.70 41.01
C PRO D 14 11.78 -15.89 41.35
N ARG D 15 10.69 -16.03 40.62
CA ARG D 15 9.85 -17.22 40.69
C ARG D 15 10.62 -18.45 40.22
N PRO D 16 10.24 -19.65 40.70
CA PRO D 16 11.00 -20.87 40.41
C PRO D 16 11.22 -21.12 38.91
N GLU D 17 10.24 -20.78 38.09
CA GLU D 17 10.33 -21.01 36.64
C GLU D 17 11.35 -20.10 35.91
N PHE D 18 11.74 -19.00 36.53
CA PHE D 18 12.67 -18.05 35.87
C PHE D 18 14.08 -18.62 35.64
N LYS D 19 14.52 -18.60 34.39
CA LYS D 19 15.94 -18.79 34.04
C LYS D 19 16.44 -17.47 33.47
N LEU D 20 17.64 -17.06 33.87
CA LEU D 20 18.27 -15.82 33.39
C LEU D 20 18.21 -15.72 31.86
N GLY D 21 17.56 -14.67 31.34
CA GLY D 21 17.41 -14.47 29.91
C GLY D 21 18.74 -14.08 29.25
N PRO D 22 18.86 -14.32 27.92
CA PRO D 22 20.09 -14.00 27.16
C PRO D 22 20.57 -12.54 27.35
N LYS D 23 19.63 -11.59 27.48
CA LYS D 23 19.96 -10.17 27.68
C LYS D 23 19.73 -9.71 29.11
N ASP D 24 19.49 -10.63 30.03
CA ASP D 24 19.30 -10.24 31.42
C ASP D 24 20.65 -10.07 32.10
N ILE D 25 20.68 -9.24 33.13
CA ILE D 25 21.87 -9.03 33.96
C ILE D 25 21.47 -9.35 35.40
N GLU D 26 22.09 -10.40 35.96
CA GLU D 26 21.81 -10.86 37.31
C GLU D 26 21.72 -9.72 38.30
N GLY D 27 20.60 -9.64 39.02
CA GLY D 27 20.44 -8.67 40.08
C GLY D 27 20.03 -7.28 39.62
N LYS D 28 20.07 -7.03 38.31
CA LYS D 28 19.93 -5.66 37.80
C LYS D 28 18.89 -5.41 36.72
N LEU D 29 18.76 -6.33 35.78
CA LEU D 29 17.90 -6.14 34.61
C LEU D 29 17.30 -7.45 34.11
N THR D 30 16.03 -7.41 33.79
CA THR D 30 15.34 -8.53 33.14
C THR D 30 14.29 -8.05 32.16
N TRP D 31 14.09 -8.86 31.12
CA TRP D 31 13.00 -8.71 30.17
C TRP D 31 11.70 -9.32 30.67
N LEU D 32 11.78 -10.12 31.74
CA LEU D 32 10.59 -10.74 32.35
C LEU D 32 10.37 -10.24 33.78
N GLY D 33 9.92 -8.99 33.88
CA GLY D 33 9.83 -8.29 35.16
C GLY D 33 9.02 -8.99 36.23
N SER D 34 7.81 -9.42 35.89
CA SER D 34 6.94 -10.09 36.85
C SER D 34 7.46 -11.45 37.34
N LYS D 35 8.35 -12.08 36.59
CA LYS D 35 8.97 -13.35 37.02
C LYS D 35 10.14 -13.13 37.97
N VAL D 36 10.50 -11.87 38.20
CA VAL D 36 11.78 -11.55 38.83
C VAL D 36 11.69 -10.61 40.03
N TRP D 37 11.02 -9.47 39.83
CA TRP D 37 11.03 -8.37 40.80
C TRP D 37 9.92 -8.53 41.81
N ARG D 38 10.26 -8.36 43.09
CA ARG D 38 9.35 -8.64 44.19
C ARG D 38 9.35 -7.54 45.25
N TYR D 39 8.20 -7.33 45.87
CA TYR D 39 7.98 -6.34 46.94
C TYR D 39 8.40 -4.91 46.57
N PRO D 40 7.92 -4.40 45.42
CA PRO D 40 8.33 -3.08 44.96
C PRO D 40 7.96 -1.98 45.96
N GLU D 41 8.85 -0.99 46.11
CA GLU D 41 8.53 0.22 46.86
C GLU D 41 8.82 1.42 45.99
N VAL D 42 7.95 2.42 46.11
CA VAL D 42 7.99 3.59 45.26
C VAL D 42 7.94 4.82 46.17
N ARG D 43 8.88 5.74 46.00
CA ARG D 43 8.97 6.91 46.88
C ARG D 43 9.69 8.09 46.20
N VAL D 44 9.42 9.30 46.70
CA VAL D 44 10.22 10.46 46.33
C VAL D 44 11.52 10.36 47.08
N GLU D 45 12.64 10.34 46.35
CA GLU D 45 13.94 10.33 47.01
C GLU D 45 14.98 11.23 46.31
N GLU D 46 16.02 11.59 47.06
CA GLU D 46 17.12 12.40 46.52
C GLU D 46 17.78 11.67 45.34
N VAL D 47 18.11 12.42 44.29
CA VAL D 47 18.92 11.88 43.16
C VAL D 47 20.07 12.84 42.82
N PRO D 48 21.20 12.30 42.33
CA PRO D 48 22.25 13.21 41.83
C PRO D 48 21.81 14.04 40.62
N GLU D 49 22.41 15.22 40.43
CA GLU D 49 22.19 16.04 39.23
C GLU D 49 22.38 15.21 37.97
N PRO D 50 21.44 15.32 37.01
CA PRO D 50 21.70 14.67 35.71
C PRO D 50 22.74 15.49 34.95
N ARG D 51 23.47 14.85 34.04
CA ARG D 51 24.55 15.51 33.34
C ARG D 51 24.73 15.04 31.91
N ILE D 52 25.08 15.97 31.03
CA ILE D 52 25.51 15.67 29.66
C ILE D 52 26.75 14.78 29.71
N GLU D 53 26.65 13.55 29.22
CA GLU D 53 27.79 12.63 29.24
C GLU D 53 28.20 12.20 27.83
N LYS D 54 27.38 12.56 26.86
CA LYS D 54 27.69 12.36 25.44
C LYS D 54 27.24 13.62 24.73
N PRO D 55 27.91 13.98 23.60
CA PRO D 55 27.60 15.26 22.96
C PRO D 55 26.21 15.35 22.29
N THR D 56 25.53 14.21 22.20
CA THR D 56 24.21 14.16 21.62
C THR D 56 23.09 14.34 22.64
N GLU D 57 23.45 14.53 23.91
CA GLU D 57 22.48 14.55 25.00
C GLU D 57 21.90 15.92 25.33
N ILE D 58 20.68 15.90 25.85
CA ILE D 58 20.03 17.08 26.38
C ILE D 58 19.53 16.81 27.82
N ILE D 59 19.28 17.89 28.56
CA ILE D 59 18.64 17.82 29.87
C ILE D 59 17.39 18.67 29.87
N ILE D 60 16.28 18.09 30.32
CA ILE D 60 14.98 18.71 30.25
C ILE D 60 14.50 18.98 31.65
N LYS D 61 14.09 20.22 31.92
CA LYS D 61 13.41 20.54 33.14
C LYS D 61 11.96 20.10 32.96
N VAL D 62 11.58 19.04 33.68
CA VAL D 62 10.27 18.41 33.47
C VAL D 62 9.19 19.32 33.97
N LYS D 63 8.17 19.51 33.12
CA LYS D 63 7.01 20.32 33.49
C LYS D 63 5.78 19.45 33.83
N ALA D 64 5.62 18.34 33.12
CA ALA D 64 4.48 17.47 33.33
C ALA D 64 4.87 16.05 32.98
N CYS D 65 4.35 15.10 33.74
CA CYS D 65 4.55 13.68 33.45
C CYS D 65 3.32 12.88 33.85
N GLY D 66 2.74 12.16 32.89
CA GLY D 66 1.56 11.31 33.13
C GLY D 66 1.90 9.98 33.76
N ILE D 67 1.03 9.49 34.64
CA ILE D 67 1.11 8.12 35.13
C ILE D 67 0.48 7.16 34.11
N CYS D 68 1.26 6.16 33.71
CA CYS D 68 0.81 5.15 32.77
C CYS D 68 0.41 3.92 33.58
N GLY D 69 -0.59 3.18 33.09
CA GLY D 69 -0.97 1.87 33.66
C GLY D 69 0.22 0.93 33.84
N SER D 70 1.24 1.09 33.00
CA SER D 70 2.53 0.43 33.21
C SER D 70 3.24 0.80 34.51
N ASP D 71 3.21 2.08 34.89
CA ASP D 71 3.77 2.52 36.20
C ASP D 71 2.96 1.89 37.37
N VAL D 72 1.63 1.97 37.28
CA VAL D 72 0.74 1.28 38.22
C VAL D 72 1.12 -0.19 38.35
N HIS D 73 1.33 -0.89 37.23
CA HIS D 73 1.65 -2.33 37.26
C HIS D 73 3.06 -2.67 37.75
N MSE D 74 3.98 -1.73 37.67
CA MSE D 74 5.33 -1.95 38.20
C MSE D 74 5.30 -1.88 39.72
O MSE D 74 6.09 -2.54 40.37
CB MSE D 74 6.35 -0.98 37.61
CG MSE D 74 6.91 -1.43 36.27
SE MSE D 74 8.29 -0.22 35.55
CE MSE D 74 7.12 1.19 34.95
N ALA D 75 4.39 -1.06 40.27
CA ALA D 75 4.29 -0.84 41.71
C ALA D 75 3.23 -1.70 42.39
N GLN D 76 2.40 -2.37 41.60
CA GLN D 76 1.37 -3.28 42.09
C GLN D 76 1.86 -4.74 42.00
N THR D 77 1.52 -5.55 42.99
CA THR D 77 2.01 -6.93 43.05
C THR D 77 0.86 -7.93 42.98
N ASP D 78 1.15 -9.16 42.60
CA ASP D 78 0.17 -10.24 42.75
C ASP D 78 0.14 -10.67 44.24
N GLU D 79 -0.55 -11.76 44.56
CA GLU D 79 -0.66 -12.17 45.97
C GLU D 79 0.65 -12.71 46.55
N GLU D 80 1.63 -12.94 45.69
CA GLU D 80 2.94 -13.40 46.13
C GLU D 80 4.00 -12.30 46.17
N GLY D 81 3.59 -11.06 45.89
CA GLY D 81 4.50 -9.91 45.97
C GLY D 81 5.29 -9.56 44.71
N TYR D 82 5.13 -10.34 43.63
CA TYR D 82 5.75 -10.05 42.34
C TYR D 82 5.02 -8.93 41.62
N ILE D 83 5.77 -8.00 41.02
CA ILE D 83 5.18 -6.94 40.18
C ILE D 83 4.30 -7.53 39.07
N LEU D 84 3.29 -6.78 38.65
CA LEU D 84 2.37 -7.25 37.62
C LEU D 84 2.92 -7.02 36.22
N TYR D 85 3.72 -5.95 36.08
CA TYR D 85 4.32 -5.62 34.78
C TYR D 85 5.22 -6.73 34.22
N PRO D 86 4.90 -7.26 33.03
CA PRO D 86 5.62 -8.45 32.54
C PRO D 86 6.94 -8.22 31.78
N GLY D 87 7.25 -6.98 31.41
CA GLY D 87 8.36 -6.76 30.47
C GLY D 87 9.69 -6.28 31.05
N LEU D 88 10.46 -5.64 30.19
CA LEU D 88 11.77 -5.07 30.51
C LEU D 88 11.76 -4.08 31.67
N THR D 89 12.54 -4.44 32.69
CA THR D 89 12.60 -3.72 33.97
C THR D 89 14.04 -3.82 34.54
N GLY D 90 14.59 -2.67 34.90
CA GLY D 90 15.93 -2.58 35.49
C GLY D 90 15.81 -1.68 36.71
N PHE D 91 15.63 -2.29 37.89
CA PHE D 91 15.46 -1.52 39.12
C PHE D 91 16.76 -1.44 39.89
N PRO D 92 16.96 -0.37 40.68
CA PRO D 92 16.07 0.78 40.84
C PRO D 92 16.05 1.71 39.61
N VAL D 93 14.96 2.42 39.41
CA VAL D 93 14.86 3.38 38.31
C VAL D 93 13.96 4.51 38.75
N THR D 94 14.21 5.69 38.19
CA THR D 94 13.23 6.74 38.23
C THR D 94 12.11 6.42 37.23
N LEU D 95 10.88 6.45 37.70
CA LEU D 95 9.71 6.21 36.87
C LEU D 95 9.27 7.47 36.11
N GLY D 96 8.42 7.27 35.09
CA GLY D 96 7.85 8.39 34.35
C GLY D 96 8.35 8.43 32.92
N HIS D 97 7.43 8.36 31.96
CA HIS D 97 7.83 8.39 30.56
C HIS D 97 6.82 9.05 29.62
N GLU D 98 5.77 9.67 30.16
CA GLU D 98 4.78 10.38 29.36
C GLU D 98 4.88 11.86 29.71
N PHE D 99 5.85 12.56 29.14
CA PHE D 99 6.31 13.82 29.73
C PHE D 99 6.67 14.91 28.73
N SER D 100 6.74 16.12 29.25
CA SER D 100 7.22 17.27 28.50
C SER D 100 7.93 18.21 29.45
N GLY D 101 8.73 19.12 28.88
CA GLY D 101 9.41 20.14 29.63
C GLY D 101 10.17 21.09 28.72
N VAL D 102 11.06 21.89 29.33
CA VAL D 102 11.93 22.76 28.56
C VAL D 102 13.39 22.31 28.63
N VAL D 103 14.09 22.41 27.51
CA VAL D 103 15.51 22.10 27.44
C VAL D 103 16.26 23.14 28.28
N VAL D 104 17.15 22.68 29.14
CA VAL D 104 17.97 23.59 29.95
C VAL D 104 19.45 23.43 29.71
N GLU D 105 19.84 22.34 29.06
CA GLU D 105 21.21 22.13 28.62
C GLU D 105 21.25 21.18 27.44
N ALA D 106 22.25 21.37 26.58
CA ALA D 106 22.34 20.62 25.33
C ALA D 106 23.78 20.43 24.92
N GLY D 107 24.19 19.19 24.62
CA GLY D 107 25.51 18.92 24.08
C GLY D 107 25.68 19.54 22.70
N PRO D 108 26.94 19.68 22.24
CA PRO D 108 27.15 20.32 20.93
C PRO D 108 26.50 19.58 19.72
N GLU D 109 26.35 18.27 19.82
CA GLU D 109 25.74 17.50 18.74
C GLU D 109 24.27 17.11 19.03
N ALA D 110 23.65 17.79 19.98
CA ALA D 110 22.29 17.50 20.39
C ALA D 110 21.33 18.25 19.49
N ILE D 111 20.97 17.63 18.36
CA ILE D 111 20.22 18.31 17.28
C ILE D 111 18.69 18.28 17.44
N ASN D 112 18.06 19.43 17.28
CA ASN D 112 16.62 19.57 17.19
C ASN D 112 16.16 19.37 15.74
N ARG D 113 15.38 18.31 15.52
CA ARG D 113 14.83 18.04 14.19
C ARG D 113 14.02 19.18 13.57
N ARG D 114 13.42 20.02 14.41
CA ARG D 114 12.67 21.20 13.91
C ARG D 114 13.56 22.15 13.07
N THR D 115 14.80 22.37 13.51
CA THR D 115 15.71 23.31 12.88
C THR D 115 16.86 22.65 12.12
N ASN D 116 17.10 21.37 12.42
CA ASN D 116 18.35 20.69 12.07
C ASN D 116 19.58 21.37 12.69
N LYS D 117 19.35 22.12 13.77
CA LYS D 117 20.42 22.72 14.55
C LYS D 117 20.35 22.26 15.99
N ARG D 118 21.44 22.53 16.69
CA ARG D 118 21.56 22.26 18.10
C ARG D 118 20.33 22.82 18.84
N PHE D 119 19.75 22.03 19.74
CA PHE D 119 18.65 22.50 20.61
C PHE D 119 18.98 23.82 21.31
N GLU D 120 18.00 24.73 21.36
CA GLU D 120 18.11 25.98 22.11
C GLU D 120 17.61 25.76 23.53
N ILE D 121 18.28 26.40 24.49
CA ILE D 121 17.75 26.44 25.86
C ILE D 121 16.40 27.11 25.81
N GLY D 122 15.43 26.57 26.55
CA GLY D 122 14.07 27.10 26.55
C GLY D 122 13.13 26.40 25.58
N GLU D 123 13.66 25.53 24.71
CA GLU D 123 12.79 24.86 23.73
C GLU D 123 11.83 23.89 24.45
N PRO D 124 10.52 24.04 24.24
CA PRO D 124 9.61 23.06 24.85
C PRO D 124 9.64 21.75 24.04
N VAL D 125 9.75 20.62 24.73
CA VAL D 125 9.86 19.30 24.08
C VAL D 125 9.11 18.20 24.83
N CYS D 126 8.82 17.10 24.10
CA CYS D 126 8.46 15.80 24.68
C CYS D 126 9.49 14.81 24.13
N ALA D 127 9.50 13.57 24.59
CA ALA D 127 10.44 12.58 24.10
C ALA D 127 9.82 11.18 23.99
N GLU D 128 10.38 10.37 23.10
CA GLU D 128 9.96 8.99 22.97
C GLU D 128 10.41 8.15 24.19
N GLU D 129 9.64 7.12 24.52
CA GLU D 129 9.95 6.25 25.66
C GLU D 129 10.80 5.07 25.17
N MSE D 130 10.60 4.68 23.91
CA MSE D 130 11.34 3.59 23.30
C MSE D 130 12.69 4.03 22.76
O MSE D 130 12.78 4.62 21.69
CB MSE D 130 10.52 3.00 22.14
CG MSE D 130 9.08 2.56 22.47
SE MSE D 130 8.99 0.74 23.21
CE MSE D 130 9.58 -0.28 21.62
N LEU D 131 13.76 3.70 23.47
CA LEU D 131 15.11 4.16 23.12
C LEU D 131 15.77 3.22 22.12
N TRP D 132 15.39 3.37 20.85
CA TRP D 132 15.87 2.52 19.76
C TRP D 132 17.36 2.78 19.49
N CYS D 133 18.08 1.78 18.99
CA CYS D 133 19.53 1.92 18.83
C CYS D 133 19.94 2.58 17.50
N GLY D 134 19.14 2.38 16.46
CA GLY D 134 19.38 3.01 15.15
C GLY D 134 20.41 2.29 14.30
N HIS D 135 20.88 1.11 14.72
CA HIS D 135 21.88 0.39 13.93
C HIS D 135 21.58 -1.11 13.63
N CYS D 136 20.64 -1.71 14.36
CA CYS D 136 20.25 -3.09 14.13
C CYS D 136 19.42 -3.15 12.85
N ARG D 137 19.19 -4.36 12.36
CA ARG D 137 18.48 -4.58 11.12
C ARG D 137 17.05 -4.01 11.11
N PRO D 138 16.22 -4.30 12.15
CA PRO D 138 14.91 -3.64 12.23
C PRO D 138 14.99 -2.11 12.21
N CYS D 139 15.88 -1.52 13.02
CA CYS D 139 16.09 -0.07 12.96
C CYS D 139 16.46 0.41 11.53
N ALA D 140 17.46 -0.26 10.93
CA ALA D 140 17.92 0.08 9.57
C ALA D 140 16.85 -0.09 8.47
N GLU D 141 15.86 -0.96 8.72
CA GLU D 141 14.75 -1.15 7.78
C GLU D 141 13.63 -0.17 8.02
N GLY D 142 13.74 0.61 9.09
CA GLY D 142 12.76 1.64 9.39
C GLY D 142 11.71 1.24 10.39
N PHE D 143 12.01 0.22 11.19
CA PHE D 143 11.06 -0.30 12.16
C PHE D 143 11.59 -0.26 13.60
N PRO D 144 11.72 0.94 14.18
CA PRO D 144 12.43 1.04 15.45
C PRO D 144 11.63 0.51 16.67
N ASN D 145 10.33 0.27 16.52
CA ASN D 145 9.57 -0.34 17.61
C ASN D 145 9.94 -1.82 17.82
N HIS D 146 10.80 -2.35 16.96
CA HIS D 146 11.21 -3.74 17.05
C HIS D 146 12.73 -3.85 17.15
N CYS D 147 13.32 -2.76 17.63
CA CYS D 147 14.76 -2.65 17.92
C CYS D 147 15.32 -3.86 18.67
N GLU D 148 16.42 -4.43 18.20
CA GLU D 148 17.04 -5.61 18.83
C GLU D 148 17.91 -5.27 20.05
N ASN D 149 18.16 -3.99 20.27
CA ASN D 149 18.98 -3.52 21.38
C ASN D 149 18.25 -2.39 22.09
N LEU D 150 17.01 -2.62 22.46
CA LEU D 150 16.13 -1.57 23.01
C LEU D 150 16.41 -1.26 24.49
N ASN D 151 16.27 0.00 24.89
CA ASN D 151 16.20 0.41 26.30
C ASN D 151 14.94 1.23 26.41
N GLU D 152 14.42 1.38 27.63
CA GLU D 152 13.13 2.02 27.81
C GLU D 152 13.15 3.01 28.97
N LEU D 153 12.77 4.24 28.64
CA LEU D 153 12.71 5.34 29.57
C LEU D 153 11.64 5.13 30.64
N GLY D 154 12.05 5.19 31.91
CA GLY D 154 11.15 4.94 33.05
C GLY D 154 10.94 3.47 33.35
N PHE D 155 11.75 2.60 32.73
CA PHE D 155 11.69 1.17 32.92
C PHE D 155 13.08 0.62 33.31
N ASN D 156 14.10 0.88 32.50
CA ASN D 156 15.48 0.62 32.89
C ASN D 156 16.42 1.82 32.71
N VAL D 157 15.88 2.96 32.28
CA VAL D 157 16.67 4.19 32.17
C VAL D 157 15.85 5.23 32.91
N ASP D 158 16.53 6.03 33.74
CA ASP D 158 15.83 6.97 34.63
C ASP D 158 14.93 7.90 33.83
N GLY D 159 13.71 8.10 34.36
CA GLY D 159 12.65 8.77 33.64
C GLY D 159 12.26 10.13 34.18
N ALA D 160 10.97 10.45 34.06
CA ALA D 160 10.56 11.83 34.09
C ALA D 160 9.69 12.30 35.24
N PHE D 161 9.34 11.41 36.17
CA PHE D 161 8.77 11.87 37.44
C PHE D 161 9.95 12.40 38.26
N ALA D 162 10.39 13.60 37.90
CA ALA D 162 11.61 14.19 38.44
C ALA D 162 11.58 15.68 38.18
N GLU D 163 12.62 16.38 38.63
CA GLU D 163 12.78 17.78 38.30
C GLU D 163 13.48 17.93 36.95
N TYR D 164 14.40 17.01 36.66
CA TYR D 164 15.17 17.04 35.44
C TYR D 164 15.35 15.62 34.90
N VAL D 165 15.39 15.49 33.58
CA VAL D 165 15.68 14.19 32.98
C VAL D 165 16.64 14.33 31.81
N LYS D 166 17.60 13.43 31.72
CA LYS D 166 18.50 13.42 30.58
C LYS D 166 17.99 12.42 29.54
N VAL D 167 18.04 12.82 28.28
CA VAL D 167 17.70 11.98 27.13
C VAL D 167 18.56 12.36 25.92
N ASP D 168 18.82 11.39 25.06
CA ASP D 168 19.44 11.69 23.78
C ASP D 168 18.53 12.57 22.90
N ALA D 169 19.13 13.53 22.21
CA ALA D 169 18.40 14.49 21.39
C ALA D 169 17.55 13.80 20.32
N LYS D 170 18.01 12.63 19.85
CA LYS D 170 17.29 11.90 18.81
C LYS D 170 15.92 11.33 19.24
N TYR D 171 15.64 11.37 20.53
CA TYR D 171 14.36 10.95 21.04
C TYR D 171 13.41 12.11 21.26
N ALA D 172 13.92 13.33 21.21
CA ALA D 172 13.16 14.49 21.63
C ALA D 172 12.48 15.17 20.45
N TRP D 173 11.28 15.69 20.67
CA TRP D 173 10.50 16.33 19.62
C TRP D 173 9.96 17.65 20.14
N SER D 174 10.08 18.69 19.31
CA SER D 174 9.65 20.03 19.68
C SER D 174 8.14 20.19 19.80
N LEU D 175 7.73 21.01 20.76
CA LEU D 175 6.35 21.36 21.02
C LEU D 175 6.06 22.82 20.64
N ARG D 176 6.96 23.41 19.86
CA ARG D 176 6.87 24.81 19.43
C ARG D 176 5.55 25.17 18.78
N GLU D 177 5.03 24.26 17.94
CA GLU D 177 3.72 24.43 17.30
C GLU D 177 2.57 24.65 18.29
N LEU D 178 2.70 24.13 19.50
CA LEU D 178 1.61 24.30 20.48
C LEU D 178 1.56 25.70 21.07
N GLU D 179 2.62 26.49 20.89
CA GLU D 179 2.71 27.82 21.47
C GLU D 179 1.62 28.71 20.93
N GLY D 180 0.96 29.44 21.82
CA GLY D 180 -0.17 30.30 21.44
C GLY D 180 -1.40 29.57 20.97
N VAL D 181 -1.46 28.27 21.21
CA VAL D 181 -2.65 27.44 20.96
C VAL D 181 -3.01 26.86 22.32
N TYR D 182 -2.00 26.35 23.02
CA TYR D 182 -2.13 25.89 24.39
C TYR D 182 -1.29 26.85 25.21
N GLU D 183 -1.93 27.65 26.05
CA GLU D 183 -1.18 28.59 26.86
C GLU D 183 -0.80 28.04 28.23
N GLY D 184 0.35 28.48 28.71
CA GLY D 184 0.80 28.19 30.07
C GLY D 184 1.08 26.71 30.25
N ASP D 185 0.68 26.19 31.40
CA ASP D 185 0.91 24.79 31.73
C ASP D 185 0.18 23.84 30.77
N ARG D 186 -0.91 24.32 30.16
CA ARG D 186 -1.68 23.49 29.23
C ARG D 186 -0.84 22.98 28.06
N LEU D 187 0.20 23.74 27.69
CA LEU D 187 1.10 23.29 26.64
C LEU D 187 1.86 22.05 27.08
N PHE D 188 2.26 22.03 28.35
CA PHE D 188 3.03 20.90 28.82
C PHE D 188 2.18 19.69 29.12
N LEU D 189 0.93 19.96 29.50
CA LEU D 189 -0.07 18.92 29.68
C LEU D 189 -0.37 18.22 28.34
N ALA D 190 -0.50 19.00 27.28
CA ALA D 190 -0.69 18.42 25.94
C ALA D 190 0.57 17.63 25.55
N GLY D 191 1.76 18.21 25.79
CA GLY D 191 3.04 17.56 25.51
C GLY D 191 3.18 16.20 26.19
N SER D 192 2.70 16.11 27.43
CA SER D 192 2.81 14.89 28.23
C SER D 192 1.88 13.78 27.71
N LEU D 193 0.90 14.15 26.89
CA LEU D 193 -0.03 13.19 26.30
C LEU D 193 0.40 12.65 24.92
N VAL D 194 1.51 13.13 24.39
CA VAL D 194 1.97 12.73 23.05
C VAL D 194 2.32 11.26 22.99
N GLU D 195 3.04 10.78 24.00
CA GLU D 195 3.47 9.38 24.01
C GLU D 195 2.29 8.37 23.92
N PRO D 196 1.33 8.44 24.87
CA PRO D 196 0.16 7.56 24.79
C PRO D 196 -0.68 7.79 23.53
N THR D 197 -0.83 9.05 23.12
CA THR D 197 -1.54 9.33 21.87
C THR D 197 -0.82 8.69 20.66
N SER D 198 0.51 8.70 20.69
CA SER D 198 1.33 8.08 19.62
C SER D 198 1.27 6.56 19.56
N VAL D 199 1.12 5.93 20.73
CA VAL D 199 0.84 4.49 20.80
C VAL D 199 -0.47 4.16 20.04
N ALA D 200 -1.51 4.94 20.31
CA ALA D 200 -2.78 4.84 19.63
C ALA D 200 -2.59 5.04 18.12
N TYR D 201 -1.94 6.13 17.76
CA TYR D 201 -1.70 6.52 16.39
C TYR D 201 -0.91 5.42 15.64
N ASN D 202 0.11 4.89 16.27
CA ASN D 202 0.89 3.86 15.63
C ASN D 202 -0.03 2.66 15.35
N ALA D 203 -0.87 2.35 16.33
CA ALA D 203 -1.76 1.21 16.24
C ALA D 203 -2.86 1.41 15.18
N VAL D 204 -3.46 2.60 15.12
CA VAL D 204 -4.61 2.79 14.19
C VAL D 204 -4.19 3.27 12.78
N ILE D 205 -3.16 4.12 12.70
CA ILE D 205 -2.73 4.65 11.41
C ILE D 205 -1.64 3.78 10.77
N VAL D 206 -0.57 3.55 11.51
CA VAL D 206 0.59 2.89 10.93
C VAL D 206 0.31 1.40 10.75
N ARG D 207 0.03 0.70 11.84
CA ARG D 207 -0.17 -0.75 11.80
C ARG D 207 -1.54 -1.11 11.21
N GLY D 208 -2.59 -0.50 11.75
CA GLY D 208 -3.95 -0.70 11.30
C GLY D 208 -4.19 -0.25 9.87
N GLY D 209 -3.34 0.66 9.38
CA GLY D 209 -3.41 1.15 7.99
C GLY D 209 -4.38 2.32 7.81
N GLY D 210 -4.95 2.83 8.90
CA GLY D 210 -5.82 4.00 8.81
C GLY D 210 -7.14 3.69 8.12
N ILE D 211 -7.86 4.74 7.72
CA ILE D 211 -9.17 4.60 7.11
C ILE D 211 -9.28 5.59 5.95
N ARG D 212 -10.28 5.41 5.10
CA ARG D 212 -10.64 6.46 4.17
C ARG D 212 -11.77 7.27 4.83
N PRO D 213 -11.75 8.59 4.62
CA PRO D 213 -12.82 9.40 5.18
C PRO D 213 -14.18 8.85 4.75
N GLY D 214 -15.09 8.75 5.71
CA GLY D 214 -16.36 8.10 5.48
C GLY D 214 -16.47 6.70 6.05
N ASP D 215 -15.35 6.05 6.38
CA ASP D 215 -15.36 4.72 7.03
C ASP D 215 -15.89 4.77 8.47
N ASN D 216 -16.33 3.62 8.98
CA ASN D 216 -16.69 3.47 10.42
C ASN D 216 -15.56 2.79 11.18
N VAL D 217 -15.45 3.08 12.48
CA VAL D 217 -14.45 2.42 13.35
C VAL D 217 -15.05 2.01 14.68
N VAL D 218 -14.54 0.94 15.25
CA VAL D 218 -14.96 0.51 16.59
C VAL D 218 -13.75 0.34 17.48
N ILE D 219 -13.80 1.01 18.63
CA ILE D 219 -12.74 0.94 19.64
C ILE D 219 -13.28 0.21 20.86
N LEU D 220 -12.57 -0.85 21.25
CA LEU D 220 -12.88 -1.61 22.45
C LEU D 220 -11.83 -1.29 23.52
N GLY D 221 -12.29 -0.64 24.57
CA GLY D 221 -11.42 -0.21 25.66
C GLY D 221 -11.33 1.30 25.62
N GLY D 222 -11.66 1.93 26.72
CA GLY D 222 -11.71 3.38 26.78
C GLY D 222 -10.70 3.93 27.77
N GLY D 223 -9.59 3.22 27.99
CA GLY D 223 -8.41 3.79 28.66
C GLY D 223 -7.77 4.89 27.78
N PRO D 224 -6.65 5.50 28.22
CA PRO D 224 -6.00 6.55 27.41
C PRO D 224 -5.74 6.21 25.92
N ILE D 225 -5.33 4.97 25.64
CA ILE D 225 -5.06 4.56 24.27
C ILE D 225 -6.35 4.54 23.46
N GLY D 226 -7.39 3.89 23.98
CA GLY D 226 -8.69 3.86 23.31
C GLY D 226 -9.25 5.25 23.06
N LEU D 227 -9.06 6.15 24.02
CA LEU D 227 -9.58 7.51 23.92
C LEU D 227 -8.81 8.32 22.89
N ALA D 228 -7.50 8.13 22.84
CA ALA D 228 -6.69 8.74 21.81
C ALA D 228 -7.14 8.25 20.42
N ALA D 229 -7.46 6.95 20.30
CA ALA D 229 -7.89 6.37 19.03
C ALA D 229 -9.20 6.98 18.59
N VAL D 230 -10.08 7.26 19.55
CA VAL D 230 -11.33 7.93 19.23
C VAL D 230 -11.05 9.27 18.56
N ALA D 231 -10.21 10.07 19.22
CA ALA D 231 -9.94 11.40 18.75
C ALA D 231 -9.19 11.35 17.41
N ILE D 232 -8.20 10.46 17.30
CA ILE D 232 -7.45 10.33 16.05
C ILE D 232 -8.34 9.92 14.87
N LEU D 233 -9.17 8.90 15.04
CA LEU D 233 -10.00 8.39 13.93
C LEU D 233 -11.15 9.32 13.54
N LYS D 234 -11.69 10.06 14.49
CA LYS D 234 -12.65 11.11 14.15
C LYS D 234 -11.94 12.20 13.35
N HIS D 235 -10.78 12.64 13.83
CA HIS D 235 -9.96 13.57 13.04
C HIS D 235 -9.57 13.04 11.66
N ALA D 236 -9.47 11.74 11.49
CA ALA D 236 -9.17 11.14 10.17
C ALA D 236 -10.42 11.00 9.28
N GLY D 237 -11.58 11.41 9.78
CA GLY D 237 -12.79 11.51 8.93
C GLY D 237 -13.67 10.27 8.98
N ALA D 238 -13.56 9.51 10.07
CA ALA D 238 -14.46 8.36 10.25
C ALA D 238 -15.89 8.88 10.37
N SER D 239 -16.80 8.25 9.65
CA SER D 239 -18.19 8.68 9.63
C SER D 239 -18.87 8.40 10.99
N LYS D 240 -18.63 7.22 11.52
CA LYS D 240 -19.08 6.84 12.85
C LYS D 240 -17.91 6.28 13.67
N VAL D 241 -17.68 6.86 14.84
CA VAL D 241 -16.70 6.33 15.78
C VAL D 241 -17.48 5.78 16.96
N ILE D 242 -17.31 4.49 17.22
CA ILE D 242 -18.05 3.80 18.26
C ILE D 242 -17.05 3.27 19.27
N LEU D 243 -17.25 3.63 20.54
CA LEU D 243 -16.43 3.13 21.64
C LEU D 243 -17.23 2.26 22.61
N SER D 244 -16.66 1.11 22.94
CA SER D 244 -17.24 0.15 23.86
C SER D 244 -16.38 0.08 25.12
N GLU D 245 -17.00 0.40 26.24
CA GLU D 245 -16.28 0.50 27.48
C GLU D 245 -17.32 0.48 28.61
N PRO D 246 -17.14 -0.42 29.61
CA PRO D 246 -18.06 -0.47 30.76
C PRO D 246 -18.12 0.80 31.60
N SER D 247 -16.97 1.46 31.78
CA SER D 247 -16.85 2.69 32.60
C SER D 247 -17.56 3.95 32.05
N GLU D 248 -18.51 4.49 32.80
CA GLU D 248 -19.27 5.66 32.37
C GLU D 248 -18.45 6.95 32.19
N VAL D 249 -17.51 7.22 33.10
CA VAL D 249 -16.63 8.39 33.00
C VAL D 249 -15.84 8.32 31.67
N ARG D 250 -15.38 7.12 31.33
CA ARG D 250 -14.65 6.90 30.08
C ARG D 250 -15.52 7.09 28.85
N ARG D 251 -16.76 6.59 28.90
CA ARG D 251 -17.68 6.74 27.76
C ARG D 251 -18.02 8.20 27.55
N ASN D 252 -18.25 8.92 28.64
CA ASN D 252 -18.54 10.35 28.55
C ASN D 252 -17.38 11.17 27.97
N LEU D 253 -16.15 10.87 28.41
CA LEU D 253 -14.95 11.45 27.80
C LEU D 253 -14.83 11.12 26.31
N ALA D 254 -15.17 9.89 25.94
CA ALA D 254 -15.19 9.50 24.53
C ALA D 254 -16.12 10.39 23.71
N LYS D 255 -17.33 10.67 24.21
CA LYS D 255 -18.24 11.62 23.54
C LYS D 255 -17.55 12.99 23.36
N GLU D 256 -16.90 13.47 24.42
CA GLU D 256 -16.24 14.74 24.38
C GLU D 256 -15.14 14.78 23.33
N LEU D 257 -14.51 13.63 23.09
CA LEU D 257 -13.43 13.51 22.12
C LEU D 257 -13.99 13.22 20.72
N GLY D 258 -15.32 13.10 20.62
CA GLY D 258 -16.00 13.06 19.34
C GLY D 258 -16.53 11.72 18.89
N ALA D 259 -16.54 10.72 19.78
CA ALA D 259 -17.17 9.44 19.51
C ALA D 259 -18.64 9.67 19.23
N ASP D 260 -19.19 9.00 18.22
CA ASP D 260 -20.59 9.24 17.86
C ASP D 260 -21.53 8.39 18.72
N HIS D 261 -21.11 7.18 19.06
CA HIS D 261 -21.89 6.29 19.88
C HIS D 261 -20.97 5.59 20.87
N VAL D 262 -21.46 5.43 22.09
CA VAL D 262 -20.74 4.67 23.12
C VAL D 262 -21.60 3.50 23.59
N ILE D 263 -20.95 2.38 23.88
CA ILE D 263 -21.63 1.17 24.29
C ILE D 263 -21.07 0.71 25.63
N ASP D 264 -21.97 0.45 26.57
CA ASP D 264 -21.61 -0.24 27.79
C ASP D 264 -21.90 -1.73 27.59
N PRO D 265 -20.85 -2.55 27.33
CA PRO D 265 -21.03 -3.94 26.95
C PRO D 265 -21.56 -4.82 28.09
N THR D 266 -21.49 -4.32 29.33
CA THR D 266 -22.09 -5.01 30.49
C THR D 266 -23.63 -4.88 30.51
N LYS D 267 -24.16 -3.81 29.93
CA LYS D 267 -25.60 -3.53 29.95
C LYS D 267 -26.30 -3.65 28.60
N GLU D 268 -25.54 -3.59 27.52
CA GLU D 268 -26.11 -3.61 26.18
C GLU D 268 -25.41 -4.69 25.38
N ASN D 269 -26.08 -5.14 24.33
CA ASN D 269 -25.52 -6.14 23.44
C ASN D 269 -24.58 -5.46 22.42
N PHE D 270 -23.27 -5.68 22.57
CA PHE D 270 -22.26 -5.05 21.72
C PHE D 270 -22.50 -5.34 20.23
N VAL D 271 -22.67 -6.62 19.90
CA VAL D 271 -22.86 -7.05 18.53
C VAL D 271 -24.04 -6.31 17.88
N GLU D 272 -25.21 -6.36 18.50
CA GLU D 272 -26.41 -5.72 17.94
C GLU D 272 -26.30 -4.22 17.86
N ALA D 273 -25.71 -3.60 18.89
CA ALA D 273 -25.60 -2.16 18.90
C ALA D 273 -24.65 -1.66 17.79
N VAL D 274 -23.52 -2.34 17.61
CA VAL D 274 -22.57 -1.98 16.55
C VAL D 274 -23.24 -2.12 15.18
N LEU D 275 -23.90 -3.25 14.95
CA LEU D 275 -24.63 -3.45 13.69
C LEU D 275 -25.76 -2.47 13.48
N ASP D 276 -26.53 -2.17 14.53
CA ASP D 276 -27.59 -1.18 14.42
C ASP D 276 -27.04 0.23 14.23
N TYR D 277 -25.97 0.59 14.93
CA TYR D 277 -25.37 1.93 14.77
C TYR D 277 -24.74 2.16 13.38
N THR D 278 -24.16 1.12 12.79
CA THR D 278 -23.55 1.23 11.47
C THR D 278 -24.50 0.84 10.33
N ASN D 279 -25.79 0.71 10.61
CA ASN D 279 -26.79 0.25 9.62
C ASN D 279 -26.41 -1.01 8.88
N GLY D 280 -25.82 -1.97 9.61
CA GLY D 280 -25.47 -3.26 9.03
C GLY D 280 -24.16 -3.30 8.25
N LEU D 281 -23.45 -2.17 8.17
CA LEU D 281 -22.18 -2.07 7.40
C LEU D 281 -20.97 -2.55 8.22
N GLY D 282 -21.07 -2.44 9.54
CA GLY D 282 -19.94 -2.78 10.41
C GLY D 282 -18.86 -1.70 10.34
N ALA D 283 -17.59 -2.09 10.45
CA ALA D 283 -16.51 -1.11 10.49
C ALA D 283 -15.28 -1.53 9.71
N LYS D 284 -14.48 -0.54 9.30
CA LYS D 284 -13.24 -0.81 8.56
C LYS D 284 -12.18 -1.17 9.57
N LEU D 285 -12.30 -0.62 10.78
CA LEU D 285 -11.28 -0.86 11.78
C LEU D 285 -11.80 -1.09 13.21
N PHE D 286 -11.27 -2.15 13.83
CA PHE D 286 -11.51 -2.47 15.21
C PHE D 286 -10.20 -2.35 15.98
N LEU D 287 -10.24 -1.60 17.08
CA LEU D 287 -9.10 -1.51 17.95
C LEU D 287 -9.35 -2.29 19.22
N GLU D 288 -8.56 -3.35 19.39
CA GLU D 288 -8.69 -4.15 20.58
C GLU D 288 -7.74 -3.57 21.63
N ALA D 289 -8.29 -2.77 22.54
CA ALA D 289 -7.49 -2.10 23.58
C ALA D 289 -7.98 -2.41 25.00
N THR D 290 -8.61 -3.59 25.18
CA THR D 290 -9.13 -4.01 26.47
C THR D 290 -8.14 -4.87 27.25
N GLY D 291 -7.36 -5.66 26.55
CA GLY D 291 -6.43 -6.55 27.23
C GLY D 291 -7.11 -7.85 27.58
N VAL D 292 -8.40 -7.98 27.26
CA VAL D 292 -9.15 -9.22 27.47
C VAL D 292 -9.67 -9.77 26.13
N PRO D 293 -8.73 -9.97 25.16
CA PRO D 293 -9.07 -10.30 23.78
C PRO D 293 -9.85 -11.59 23.74
N GLN D 294 -9.46 -12.53 24.58
CA GLN D 294 -10.18 -13.79 24.75
C GLN D 294 -11.65 -13.65 25.16
N LEU D 295 -12.04 -12.50 25.71
CA LEU D 295 -13.46 -12.27 26.06
C LEU D 295 -14.21 -11.50 24.98
N VAL D 296 -13.54 -10.54 24.32
CA VAL D 296 -14.24 -9.69 23.34
C VAL D 296 -14.11 -10.23 21.90
N TRP D 297 -13.19 -11.19 21.68
CA TRP D 297 -12.91 -11.67 20.33
C TRP D 297 -14.15 -12.25 19.63
N PRO D 298 -14.95 -13.09 20.33
CA PRO D 298 -16.15 -13.63 19.67
C PRO D 298 -17.12 -12.54 19.20
N GLN D 299 -17.28 -11.50 20.00
CA GLN D 299 -18.15 -10.38 19.64
C GLN D 299 -17.60 -9.64 18.42
N ILE D 300 -16.29 -9.36 18.42
CA ILE D 300 -15.64 -8.76 17.26
C ILE D 300 -15.89 -9.60 15.98
N GLU D 301 -15.64 -10.90 16.08
CA GLU D 301 -15.80 -11.81 14.97
C GLU D 301 -17.25 -11.84 14.48
N GLU D 302 -18.20 -11.83 15.42
CA GLU D 302 -19.61 -11.90 15.04
C GLU D 302 -20.05 -10.64 14.30
N VAL D 303 -19.58 -9.47 14.73
CA VAL D 303 -19.81 -8.25 13.98
C VAL D 303 -19.20 -8.36 12.58
N ILE D 304 -17.94 -8.77 12.49
CA ILE D 304 -17.28 -8.80 11.20
C ILE D 304 -18.04 -9.75 10.26
N TRP D 305 -18.43 -10.90 10.81
CA TRP D 305 -19.22 -11.91 10.10
C TRP D 305 -20.55 -11.37 9.59
N ARG D 306 -21.36 -10.74 10.45
CA ARG D 306 -22.69 -10.30 10.03
C ARG D 306 -22.68 -8.99 9.28
N ALA D 307 -21.63 -8.18 9.49
CA ALA D 307 -21.55 -6.89 8.81
C ALA D 307 -21.38 -7.05 7.30
N ARG D 308 -22.02 -6.17 6.54
CA ARG D 308 -21.87 -6.23 5.08
C ARG D 308 -20.60 -5.57 4.55
N GLY D 309 -20.03 -4.62 5.31
CA GLY D 309 -18.69 -4.12 5.04
C GLY D 309 -17.70 -5.26 4.96
N ILE D 310 -16.65 -5.08 4.15
CA ILE D 310 -15.55 -6.04 4.08
C ILE D 310 -14.22 -5.31 4.37
N ASN D 311 -13.11 -6.05 4.28
CA ASN D 311 -11.77 -5.49 4.45
C ASN D 311 -11.50 -4.93 5.85
N ALA D 312 -12.22 -5.45 6.84
CA ALA D 312 -12.04 -4.97 8.19
C ALA D 312 -10.66 -5.38 8.70
N THR D 313 -10.06 -4.48 9.46
CA THR D 313 -8.83 -4.81 10.16
C THR D 313 -9.07 -4.79 11.66
N VAL D 314 -8.56 -5.80 12.35
CA VAL D 314 -8.51 -5.78 13.82
C VAL D 314 -7.06 -5.51 14.28
N ALA D 315 -6.90 -4.38 14.97
CA ALA D 315 -5.60 -4.00 15.54
C ALA D 315 -5.53 -4.37 17.01
N ILE D 316 -4.53 -5.19 17.36
CA ILE D 316 -4.39 -5.61 18.76
C ILE D 316 -3.24 -4.84 19.43
N VAL D 317 -3.62 -3.95 20.36
CA VAL D 317 -2.66 -3.07 21.03
C VAL D 317 -2.48 -3.34 22.52
N ALA D 318 -3.51 -3.86 23.18
CA ALA D 318 -3.36 -4.20 24.59
C ALA D 318 -2.55 -5.49 24.72
N ARG D 319 -1.82 -5.62 25.82
CA ARG D 319 -1.08 -6.84 26.07
C ARG D 319 -1.98 -7.76 26.91
N ALA D 320 -2.28 -8.93 26.35
CA ALA D 320 -2.95 -9.99 27.11
C ALA D 320 -2.11 -11.23 27.07
N ASP D 321 -2.24 -12.07 28.09
CA ASP D 321 -1.56 -13.35 28.06
C ASP D 321 -2.37 -14.53 27.44
N ALA D 322 -3.70 -14.50 27.58
CA ALA D 322 -4.55 -15.61 27.18
C ALA D 322 -4.64 -15.81 25.65
N LYS D 323 -4.80 -17.07 25.24
CA LYS D 323 -5.10 -17.40 23.86
C LYS D 323 -6.39 -16.75 23.35
N ILE D 324 -6.32 -16.20 22.14
CA ILE D 324 -7.46 -15.66 21.43
C ILE D 324 -8.12 -16.82 20.66
N PRO D 325 -9.45 -16.94 20.80
CA PRO D 325 -10.12 -18.00 20.08
C PRO D 325 -10.40 -17.55 18.64
N LEU D 326 -9.42 -17.74 17.77
CA LEU D 326 -9.54 -17.27 16.38
C LEU D 326 -10.25 -18.25 15.45
N THR D 327 -11.25 -17.73 14.74
CA THR D 327 -11.94 -18.49 13.72
C THR D 327 -11.47 -18.00 12.35
N GLY D 328 -10.62 -18.80 11.72
CA GLY D 328 -10.05 -18.48 10.41
C GLY D 328 -11.08 -18.10 9.36
N GLU D 329 -12.17 -18.85 9.33
CA GLU D 329 -13.22 -18.73 8.32
C GLU D 329 -13.82 -17.34 8.28
N VAL D 330 -13.93 -16.72 9.45
CA VAL D 330 -14.51 -15.38 9.53
C VAL D 330 -13.68 -14.40 8.70
N PHE D 331 -12.36 -14.50 8.85
CA PHE D 331 -11.43 -13.60 8.18
C PHE D 331 -11.31 -13.88 6.69
N GLN D 332 -11.38 -15.16 6.31
CA GLN D 332 -11.43 -15.55 4.90
C GLN D 332 -12.71 -15.03 4.23
N VAL D 333 -13.87 -15.28 4.82
CA VAL D 333 -15.15 -14.97 4.16
C VAL D 333 -15.46 -13.47 4.11
N ARG D 334 -14.94 -12.71 5.07
CA ARG D 334 -15.20 -11.25 5.10
C ARG D 334 -13.99 -10.41 4.63
N ARG D 335 -12.97 -11.09 4.11
CA ARG D 335 -11.78 -10.41 3.58
C ARG D 335 -11.19 -9.48 4.65
N ALA D 336 -10.88 -10.04 5.80
CA ALA D 336 -10.50 -9.24 6.94
C ALA D 336 -9.12 -9.67 7.43
N GLN D 337 -8.51 -8.85 8.27
CA GLN D 337 -7.16 -9.16 8.73
C GLN D 337 -6.93 -8.71 10.16
N ILE D 338 -5.84 -9.20 10.74
CA ILE D 338 -5.46 -8.95 12.13
C ILE D 338 -4.02 -8.46 12.12
N VAL D 339 -3.77 -7.32 12.75
CA VAL D 339 -2.44 -6.79 12.89
C VAL D 339 -2.15 -6.59 14.38
N GLY D 340 -0.90 -6.84 14.75
CA GLY D 340 -0.44 -6.48 16.10
C GLY D 340 0.14 -5.08 16.05
N SER D 341 0.20 -4.41 17.18
CA SER D 341 0.90 -3.15 17.25
C SER D 341 1.60 -3.01 18.59
N GLN D 342 2.76 -2.35 18.54
CA GLN D 342 3.59 -2.11 19.71
C GLN D 342 4.35 -0.81 19.55
N GLY D 343 4.37 -0.01 20.62
CA GLY D 343 5.24 1.16 20.71
C GLY D 343 4.68 2.39 20.02
N HIS D 344 5.54 3.41 19.86
CA HIS D 344 5.13 4.73 19.37
C HIS D 344 6.23 5.44 18.52
N SER D 345 7.34 4.77 18.30
CA SER D 345 8.49 5.32 17.59
C SER D 345 8.42 5.11 16.07
N GLY D 346 9.24 5.87 15.34
CA GLY D 346 9.38 5.75 13.88
C GLY D 346 8.21 6.36 13.12
N HIS D 347 8.27 6.26 11.79
CA HIS D 347 7.15 6.60 10.89
C HIS D 347 6.66 8.06 10.98
N GLY D 348 7.40 8.91 11.68
CA GLY D 348 6.98 10.30 11.90
C GLY D 348 5.67 10.43 12.65
N THR D 349 5.43 9.51 13.58
CA THR D 349 4.22 9.53 14.40
C THR D 349 4.23 10.67 15.41
N PHE D 350 5.29 10.73 16.23
CA PHE D 350 5.40 11.81 17.20
C PHE D 350 5.15 13.22 16.62
N PRO D 351 5.84 13.59 15.52
CA PRO D 351 5.59 14.94 14.95
C PRO D 351 4.18 15.14 14.36
N ARG D 352 3.63 14.11 13.74
CA ARG D 352 2.24 14.20 13.29
C ARG D 352 1.24 14.35 14.41
N VAL D 353 1.44 13.61 15.49
CA VAL D 353 0.56 13.74 16.66
C VAL D 353 0.64 15.17 17.21
N ILE D 354 1.85 15.71 17.27
CA ILE D 354 2.04 17.10 17.74
C ILE D 354 1.36 18.12 16.85
N SER D 355 1.53 18.01 15.52
CA SER D 355 0.82 18.90 14.58
C SER D 355 -0.70 18.75 14.70
N LEU D 356 -1.17 17.51 14.86
CA LEU D 356 -2.60 17.24 15.07
C LEU D 356 -3.11 17.96 16.33
N MSE D 357 -2.38 17.88 17.43
CA MSE D 357 -2.79 18.61 18.64
C MSE D 357 -2.80 20.12 18.38
O MSE D 357 -3.74 20.81 18.78
CB MSE D 357 -1.90 18.29 19.83
CG MSE D 357 -2.08 16.92 20.44
SE MSE D 357 -0.80 16.74 21.91
CE MSE D 357 -1.20 14.91 22.39
N ALA D 358 -1.78 20.61 17.67
CA ALA D 358 -1.70 22.04 17.31
C ALA D 358 -2.89 22.50 16.48
N SER D 359 -3.47 21.60 15.69
CA SER D 359 -4.53 21.93 14.73
C SER D 359 -5.92 21.82 15.37
N GLY D 360 -5.98 21.44 16.64
CA GLY D 360 -7.25 21.39 17.37
C GLY D 360 -7.58 20.11 18.13
N MSE D 361 -6.81 19.04 17.95
CA MSE D 361 -7.12 17.81 18.67
C MSE D 361 -6.64 17.89 20.12
O MSE D 361 -5.46 17.67 20.41
CB MSE D 361 -6.52 16.57 17.98
CG MSE D 361 -7.07 15.23 18.51
SE MSE D 361 -6.15 13.66 17.75
CE MSE D 361 -4.48 13.86 18.72
N ASP D 362 -7.57 18.20 21.03
CA ASP D 362 -7.27 18.45 22.45
C ASP D 362 -7.40 17.21 23.32
N MSE D 363 -6.29 16.52 23.52
CA MSE D 363 -6.26 15.35 24.36
C MSE D 363 -6.28 15.68 25.87
O MSE D 363 -6.55 14.80 26.67
CB MSE D 363 -5.04 14.52 24.03
CG MSE D 363 -5.06 13.92 22.63
SE MSE D 363 -6.63 12.74 22.44
CE MSE D 363 -6.33 11.51 23.93
N THR D 364 -5.95 16.92 26.23
CA THR D 364 -5.89 17.31 27.66
C THR D 364 -7.23 17.11 28.36
N LYS D 365 -8.32 17.04 27.59
CA LYS D 365 -9.63 16.73 28.17
C LYS D 365 -9.62 15.45 29.02
N ILE D 366 -8.71 14.51 28.73
CA ILE D 366 -8.70 13.23 29.44
C ILE D 366 -8.06 13.28 30.83
N ILE D 367 -7.37 14.38 31.15
CA ILE D 367 -6.64 14.47 32.41
C ILE D 367 -7.63 14.63 33.56
N SER D 368 -7.67 13.62 34.43
CA SER D 368 -8.61 13.61 35.57
C SER D 368 -8.10 14.51 36.68
N LYS D 369 -6.78 14.57 36.83
CA LYS D 369 -6.15 15.31 37.92
C LYS D 369 -4.66 15.62 37.64
N THR D 370 -4.24 16.84 37.99
CA THR D 370 -2.82 17.13 38.06
C THR D 370 -2.42 17.13 39.52
N VAL D 371 -1.21 16.64 39.81
CA VAL D 371 -0.73 16.53 41.19
C VAL D 371 0.74 16.95 41.23
N SER D 372 1.21 17.25 42.44
CA SER D 372 2.63 17.52 42.68
C SER D 372 3.44 16.22 42.71
N MSE D 373 4.75 16.33 42.51
CA MSE D 373 5.63 15.17 42.55
C MSE D 373 5.46 14.38 43.85
O MSE D 373 5.45 13.16 43.84
CB MSE D 373 7.09 15.59 42.36
CG MSE D 373 8.07 14.42 42.31
SE MSE D 373 9.93 14.95 42.03
CE MSE D 373 10.13 15.98 43.69
N GLU D 374 5.31 15.11 44.94
CA GLU D 374 5.17 14.53 46.26
C GLU D 374 3.96 13.59 46.36
N GLU D 375 2.91 13.87 45.61
CA GLU D 375 1.70 13.07 45.63
C GLU D 375 1.74 11.86 44.69
N ILE D 376 2.81 11.72 43.92
CA ILE D 376 2.83 10.71 42.85
C ILE D 376 2.86 9.25 43.39
N PRO D 377 3.74 8.94 44.36
CA PRO D 377 3.64 7.60 44.95
C PRO D 377 2.20 7.26 45.41
N GLU D 378 1.55 8.19 46.11
CA GLU D 378 0.18 7.93 46.58
C GLU D 378 -0.78 7.60 45.43
N TYR D 379 -0.70 8.36 44.34
CA TYR D 379 -1.62 8.15 43.23
C TYR D 379 -1.33 6.89 42.45
N ILE D 380 -0.05 6.52 42.33
CA ILE D 380 0.34 5.23 41.75
C ILE D 380 -0.24 4.04 42.53
N LYS D 381 -0.33 4.20 43.85
CA LYS D 381 -0.98 3.22 44.72
C LYS D 381 -2.49 3.26 44.54
N ARG D 382 -3.05 4.46 44.63
CA ARG D 382 -4.49 4.65 44.55
C ARG D 382 -5.07 4.06 43.27
N LEU D 383 -4.28 4.13 42.20
CA LEU D 383 -4.74 3.75 40.87
C LEU D 383 -4.92 2.24 40.74
N GLN D 384 -4.45 1.50 41.74
CA GLN D 384 -4.66 0.05 41.79
C GLN D 384 -6.14 -0.26 41.90
N THR D 385 -6.89 0.60 42.59
CA THR D 385 -8.29 0.31 42.90
C THR D 385 -9.25 1.37 42.42
N ASP D 386 -8.86 2.64 42.51
CA ASP D 386 -9.71 3.77 42.12
C ASP D 386 -9.87 3.87 40.60
N LYS D 387 -10.89 3.24 40.05
CA LYS D 387 -11.05 3.22 38.60
C LYS D 387 -11.77 4.44 38.03
N SER D 388 -12.10 5.41 38.88
CA SER D 388 -12.71 6.66 38.39
C SER D 388 -11.69 7.62 37.74
N LEU D 389 -10.41 7.42 38.03
CA LEU D 389 -9.33 8.27 37.51
C LEU D 389 -8.80 7.80 36.14
N VAL D 390 -9.00 8.60 35.10
CA VAL D 390 -8.61 8.17 33.74
C VAL D 390 -7.12 8.37 33.50
N LYS D 391 -6.64 9.57 33.83
CA LYS D 391 -5.22 9.91 33.68
C LYS D 391 -4.86 10.87 34.79
N VAL D 392 -3.80 10.54 35.51
CA VAL D 392 -3.27 11.40 36.55
C VAL D 392 -1.88 11.89 36.11
N THR D 393 -1.65 13.19 36.27
CA THR D 393 -0.51 13.85 35.68
C THR D 393 0.22 14.69 36.72
N MSE D 394 1.53 14.45 36.86
CA MSE D 394 2.39 15.34 37.63
C MSE D 394 2.54 16.69 36.90
O MSE D 394 2.79 16.72 35.70
CB MSE D 394 3.76 14.74 37.84
CG MSE D 394 4.65 15.58 38.78
SE MSE D 394 6.45 14.87 38.83
CE MSE D 394 7.09 15.64 37.15
N LEU D 395 2.38 17.78 37.67
CA LEU D 395 2.54 19.15 37.16
C LEU D 395 3.49 19.89 38.09
N ASN D 396 4.71 20.12 37.62
CA ASN D 396 5.66 20.96 38.31
C ASN D 396 5.35 22.42 38.00
N GLU D 397 4.84 23.14 38.99
CA GLU D 397 4.57 24.57 38.84
C GLU D 397 5.84 25.35 39.17
CD CD E . -21.67 -8.93 -6.61
CD CD F . -11.06 -25.72 -7.32
CD CD F . -12.17 -25.96 -6.11
CL CL G . -11.88 -9.86 -3.66
CD CD H . -15.58 -1.64 -18.66
CD CD I . -19.23 17.07 -13.20
CD CD I . -18.68 17.19 -14.76
CL CL J . -10.38 3.50 -11.50
C1 GOL K . -20.84 26.29 -12.48
O1 GOL K . -22.10 25.76 -12.07
C2 GOL K . -19.79 25.15 -12.53
O2 GOL K . -19.52 24.77 -11.21
C3 GOL K . -18.43 25.51 -13.13
O3 GOL K . -18.28 26.90 -13.21
CD CD L . 19.88 11.62 8.61
CD CD M . 27.88 3.61 -7.56
CD CD M . 28.05 5.20 -7.79
CL CL N . 14.59 6.47 1.42
CD CD O . 17.82 -0.99 16.92
CD CD P . 2.76 5.15 28.36
CD CD P . 3.26 3.67 28.90
CL CL Q . 8.05 -0.11 13.82
#